data_9PT1
# 
_entry.id   9PT1 
# 
_audit_conform.dict_name       mmcif_pdbx.dic 
_audit_conform.dict_version    5.406 
_audit_conform.dict_location   http://mmcif.pdb.org/dictionaries/ascii/mmcif_pdbx.dic 
# 
loop_
_database_2.database_id 
_database_2.database_code 
_database_2.pdbx_database_accession 
_database_2.pdbx_DOI 
PDB   9PT1         pdb_00009pt1 10.2210/pdb9pt1/pdb 
WWPDB D_1000298346 ?            ?                   
# 
_pdbx_audit_revision_history.ordinal             1 
_pdbx_audit_revision_history.data_content_type   'Structure model' 
_pdbx_audit_revision_history.major_revision      1 
_pdbx_audit_revision_history.minor_revision      0 
_pdbx_audit_revision_history.revision_date       2025-10-01 
_pdbx_audit_revision_history.part_number         ? 
# 
_pdbx_audit_revision_details.ordinal             1 
_pdbx_audit_revision_details.revision_ordinal    1 
_pdbx_audit_revision_details.data_content_type   'Structure model' 
_pdbx_audit_revision_details.provider            repository 
_pdbx_audit_revision_details.type                'Initial release' 
_pdbx_audit_revision_details.description         ? 
_pdbx_audit_revision_details.details             ? 
# 
_pdbx_database_status.status_code                     REL 
_pdbx_database_status.status_code_sf                  REL 
_pdbx_database_status.status_code_mr                  ? 
_pdbx_database_status.entry_id                        9PT1 
_pdbx_database_status.recvd_initial_deposition_date   2025-07-27 
_pdbx_database_status.SG_entry                        N 
_pdbx_database_status.deposit_site                    RCSB 
_pdbx_database_status.process_site                    RCSB 
_pdbx_database_status.status_code_cs                  ? 
_pdbx_database_status.status_code_nmr_data            ? 
_pdbx_database_status.methods_development_category    ? 
_pdbx_database_status.pdb_format_compatible           N 
# 
_pdbx_contact_author.id                 2 
_pdbx_contact_author.email              geigerj@msu.edu 
_pdbx_contact_author.name_first         'James, H.' 
_pdbx_contact_author.name_last          Geiger 
_pdbx_contact_author.name_mi            ? 
_pdbx_contact_author.role               'principal investigator/group leader' 
_pdbx_contact_author.identifier_ORCID   0000-0002-9443-4488 
# 
loop_
_audit_author.name 
_audit_author.pdbx_ordinal 
_audit_author.identifier_ORCID 
'Ghanbarpour, A.' 1 ? 
'Bingham, C.'     2 ? 
'Geiger, J.H.'    3 ? 
# 
_citation.abstract                  ? 
_citation.abstract_id_CAS           ? 
_citation.book_id_ISBN              ? 
_citation.book_publisher            ? 
_citation.book_publisher_city       ? 
_citation.book_title                ? 
_citation.coordinate_linkage        ? 
_citation.country                   ? 
_citation.database_id_Medline       ? 
_citation.details                   ? 
_citation.id                        primary 
_citation.journal_abbrev            'To Be Published' 
_citation.journal_id_ASTM           ? 
_citation.journal_id_CSD            0353 
_citation.journal_id_ISSN           ? 
_citation.journal_full              ? 
_citation.journal_issue             ? 
_citation.journal_volume            ? 
_citation.language                  ? 
_citation.page_first                ? 
_citation.page_last                 ? 
_citation.title                     'Exploring the Structure-Property Relationships of Protein/Fluorophore Complex' 
_citation.year                      ? 
_citation.database_id_CSD           ? 
_citation.pdbx_database_id_DOI      ? 
_citation.pdbx_database_id_PubMed   ? 
_citation.pdbx_database_id_patent   ? 
_citation.unpublished_flag          ? 
# 
loop_
_citation_author.citation_id 
_citation_author.name 
_citation_author.ordinal 
_citation_author.identifier_ORCID 
primary 'Santos, E.'      1 ? 
primary 'Ghanbarpour, A.' 2 ? 
primary 'Chandra, I.'     3 ? 
primary 'Bingham, C.'     4 ? 
primary 'Vasileiou, C.'   5 ? 
primary 'Geiger, J.H.'    6 ? 
primary 'Borhan, B.'      7 ? 
# 
loop_
_entity.id 
_entity.type 
_entity.src_method 
_entity.pdbx_description 
_entity.formula_weight 
_entity.pdbx_number_of_molecules 
_entity.pdbx_ec 
_entity.pdbx_mutation 
_entity.pdbx_fragment 
_entity.details 
1 polymer     man 'Retinol-binding protein 2'                                   15634.491 1  ? 
Q108K:K40L:T51V:T53S:R58W:Y19W:L117E ? ? 
2 non-polymer syn '(2E)-3-{4-[5-(dimethylamino)thiophen-2-yl]phenyl}but-2-enal' 271.377   1  ? ? ? ? 
3 non-polymer syn 'ACETATE ION'                                                 59.044    1  ? ? ? ? 
4 water       nat water                                                         18.015    52 ? ? ? ? 
# 
_entity_name_com.entity_id   1 
_entity_name_com.name        'Cellular retinol-binding protein II,CRBP-II' 
# 
_entity_poly.entity_id                      1 
_entity_poly.type                           'polypeptide(L)' 
_entity_poly.nstd_linkage                   no 
_entity_poly.nstd_monomer                   no 
_entity_poly.pdbx_seq_one_letter_code       
;TRDQNGTWEMESNENFEGWMKALDIDFATRKIAVRLTQTLVIDQDGDNFKVKSTSTFWNYDVDFTVGVEFDEYTKSLDNR
HVKALVTWEGDVLVCVQKGEKENRGWKKWIEGDKLYEELTCGDQVCRQVFKKK
;
_entity_poly.pdbx_seq_one_letter_code_can   
;TRDQNGTWEMESNENFEGWMKALDIDFATRKIAVRLTQTLVIDQDGDNFKVKSTSTFWNYDVDFTVGVEFDEYTKSLDNR
HVKALVTWEGDVLVCVQKGEKENRGWKKWIEGDKLYEELTCGDQVCRQVFKKK
;
_entity_poly.pdbx_strand_id                 A 
_entity_poly.pdbx_target_identifier         ? 
# 
loop_
_pdbx_entity_nonpoly.entity_id 
_pdbx_entity_nonpoly.name 
_pdbx_entity_nonpoly.comp_id 
2 '(2E)-3-{4-[5-(dimethylamino)thiophen-2-yl]phenyl}but-2-enal' A1CK0 
3 'ACETATE ION'                                                 ACT   
4 water                                                         HOH   
# 
loop_
_entity_poly_seq.entity_id 
_entity_poly_seq.num 
_entity_poly_seq.mon_id 
_entity_poly_seq.hetero 
1 1   THR n 
1 2   ARG n 
1 3   ASP n 
1 4   GLN n 
1 5   ASN n 
1 6   GLY n 
1 7   THR n 
1 8   TRP n 
1 9   GLU n 
1 10  MET n 
1 11  GLU n 
1 12  SER n 
1 13  ASN n 
1 14  GLU n 
1 15  ASN n 
1 16  PHE n 
1 17  GLU n 
1 18  GLY n 
1 19  TRP n 
1 20  MET n 
1 21  LYS n 
1 22  ALA n 
1 23  LEU n 
1 24  ASP n 
1 25  ILE n 
1 26  ASP n 
1 27  PHE n 
1 28  ALA n 
1 29  THR n 
1 30  ARG n 
1 31  LYS n 
1 32  ILE n 
1 33  ALA n 
1 34  VAL n 
1 35  ARG n 
1 36  LEU n 
1 37  THR n 
1 38  GLN n 
1 39  THR n 
1 40  LEU n 
1 41  VAL n 
1 42  ILE n 
1 43  ASP n 
1 44  GLN n 
1 45  ASP n 
1 46  GLY n 
1 47  ASP n 
1 48  ASN n 
1 49  PHE n 
1 50  LYS n 
1 51  VAL n 
1 52  LYS n 
1 53  SER n 
1 54  THR n 
1 55  SER n 
1 56  THR n 
1 57  PHE n 
1 58  TRP n 
1 59  ASN n 
1 60  TYR n 
1 61  ASP n 
1 62  VAL n 
1 63  ASP n 
1 64  PHE n 
1 65  THR n 
1 66  VAL n 
1 67  GLY n 
1 68  VAL n 
1 69  GLU n 
1 70  PHE n 
1 71  ASP n 
1 72  GLU n 
1 73  TYR n 
1 74  THR n 
1 75  LYS n 
1 76  SER n 
1 77  LEU n 
1 78  ASP n 
1 79  ASN n 
1 80  ARG n 
1 81  HIS n 
1 82  VAL n 
1 83  LYS n 
1 84  ALA n 
1 85  LEU n 
1 86  VAL n 
1 87  THR n 
1 88  TRP n 
1 89  GLU n 
1 90  GLY n 
1 91  ASP n 
1 92  VAL n 
1 93  LEU n 
1 94  VAL n 
1 95  CYS n 
1 96  VAL n 
1 97  GLN n 
1 98  LYS n 
1 99  GLY n 
1 100 GLU n 
1 101 LYS n 
1 102 GLU n 
1 103 ASN n 
1 104 ARG n 
1 105 GLY n 
1 106 TRP n 
1 107 LYS n 
1 108 LYS n 
1 109 TRP n 
1 110 ILE n 
1 111 GLU n 
1 112 GLY n 
1 113 ASP n 
1 114 LYS n 
1 115 LEU n 
1 116 TYR n 
1 117 GLU n 
1 118 GLU n 
1 119 LEU n 
1 120 THR n 
1 121 CYS n 
1 122 GLY n 
1 123 ASP n 
1 124 GLN n 
1 125 VAL n 
1 126 CYS n 
1 127 ARG n 
1 128 GLN n 
1 129 VAL n 
1 130 PHE n 
1 131 LYS n 
1 132 LYS n 
1 133 LYS n 
# 
_entity_src_gen.entity_id                          1 
_entity_src_gen.pdbx_src_id                        1 
_entity_src_gen.pdbx_alt_source_flag               sample 
_entity_src_gen.pdbx_seq_type                      'Biological sequence' 
_entity_src_gen.pdbx_beg_seq_num                   1 
_entity_src_gen.pdbx_end_seq_num                   133 
_entity_src_gen.gene_src_common_name               human 
_entity_src_gen.gene_src_genus                     ? 
_entity_src_gen.pdbx_gene_src_gene                 'RBP2, CRBP2' 
_entity_src_gen.gene_src_species                   ? 
_entity_src_gen.gene_src_strain                    ? 
_entity_src_gen.gene_src_tissue                    ? 
_entity_src_gen.gene_src_tissue_fraction           ? 
_entity_src_gen.gene_src_details                   ? 
_entity_src_gen.pdbx_gene_src_fragment             ? 
_entity_src_gen.pdbx_gene_src_scientific_name      'Homo sapiens' 
_entity_src_gen.pdbx_gene_src_ncbi_taxonomy_id     9606 
_entity_src_gen.pdbx_gene_src_variant              ? 
_entity_src_gen.pdbx_gene_src_cell_line            ? 
_entity_src_gen.pdbx_gene_src_atcc                 ? 
_entity_src_gen.pdbx_gene_src_organ                ? 
_entity_src_gen.pdbx_gene_src_organelle            ? 
_entity_src_gen.pdbx_gene_src_cell                 ? 
_entity_src_gen.pdbx_gene_src_cellular_location    ? 
_entity_src_gen.host_org_common_name               ? 
_entity_src_gen.pdbx_host_org_scientific_name      'Escherichia coli' 
_entity_src_gen.pdbx_host_org_ncbi_taxonomy_id     562 
_entity_src_gen.host_org_genus                     ? 
_entity_src_gen.pdbx_host_org_gene                 ? 
_entity_src_gen.pdbx_host_org_organ                ? 
_entity_src_gen.host_org_species                   ? 
_entity_src_gen.pdbx_host_org_tissue               ? 
_entity_src_gen.pdbx_host_org_tissue_fraction      ? 
_entity_src_gen.pdbx_host_org_strain               ? 
_entity_src_gen.pdbx_host_org_variant              ? 
_entity_src_gen.pdbx_host_org_cell_line            ? 
_entity_src_gen.pdbx_host_org_atcc                 ? 
_entity_src_gen.pdbx_host_org_culture_collection   ? 
_entity_src_gen.pdbx_host_org_cell                 ? 
_entity_src_gen.pdbx_host_org_organelle            ? 
_entity_src_gen.pdbx_host_org_cellular_location    ? 
_entity_src_gen.pdbx_host_org_vector_type          ? 
_entity_src_gen.pdbx_host_org_vector               ? 
_entity_src_gen.host_org_details                   ? 
_entity_src_gen.expression_system_id               ? 
_entity_src_gen.plasmid_name                       ? 
_entity_src_gen.plasmid_details                    ? 
_entity_src_gen.pdbx_description                   ? 
# 
loop_
_chem_comp.id 
_chem_comp.type 
_chem_comp.mon_nstd_flag 
_chem_comp.name 
_chem_comp.pdbx_synonyms 
_chem_comp.formula 
_chem_comp.formula_weight 
A1CK0 non-polymer         . '(2E)-3-{4-[5-(dimethylamino)thiophen-2-yl]phenyl}but-2-enal' ? 'C16 H17 N O S'  271.377 
ACT   non-polymer         . 'ACETATE ION'                                                 ? 'C2 H3 O2 -1'    59.044  
ALA   'L-peptide linking' y ALANINE                                                       ? 'C3 H7 N O2'     89.093  
ARG   'L-peptide linking' y ARGININE                                                      ? 'C6 H15 N4 O2 1' 175.209 
ASN   'L-peptide linking' y ASPARAGINE                                                    ? 'C4 H8 N2 O3'    132.118 
ASP   'L-peptide linking' y 'ASPARTIC ACID'                                               ? 'C4 H7 N O4'     133.103 
CYS   'L-peptide linking' y CYSTEINE                                                      ? 'C3 H7 N O2 S'   121.158 
GLN   'L-peptide linking' y GLUTAMINE                                                     ? 'C5 H10 N2 O3'   146.144 
GLU   'L-peptide linking' y 'GLUTAMIC ACID'                                               ? 'C5 H9 N O4'     147.129 
GLY   'peptide linking'   y GLYCINE                                                       ? 'C2 H5 N O2'     75.067  
HIS   'L-peptide linking' y HISTIDINE                                                     ? 'C6 H10 N3 O2 1' 156.162 
HOH   non-polymer         . WATER                                                         ? 'H2 O'           18.015  
ILE   'L-peptide linking' y ISOLEUCINE                                                    ? 'C6 H13 N O2'    131.173 
LEU   'L-peptide linking' y LEUCINE                                                       ? 'C6 H13 N O2'    131.173 
LYS   'L-peptide linking' y LYSINE                                                        ? 'C6 H15 N2 O2 1' 147.195 
MET   'L-peptide linking' y METHIONINE                                                    ? 'C5 H11 N O2 S'  149.211 
PHE   'L-peptide linking' y PHENYLALANINE                                                 ? 'C9 H11 N O2'    165.189 
SER   'L-peptide linking' y SERINE                                                        ? 'C3 H7 N O3'     105.093 
THR   'L-peptide linking' y THREONINE                                                     ? 'C4 H9 N O3'     119.119 
TRP   'L-peptide linking' y TRYPTOPHAN                                                    ? 'C11 H12 N2 O2'  204.225 
TYR   'L-peptide linking' y TYROSINE                                                      ? 'C9 H11 N O3'    181.189 
VAL   'L-peptide linking' y VALINE                                                        ? 'C5 H11 N O2'    117.146 
# 
loop_
_pdbx_poly_seq_scheme.asym_id 
_pdbx_poly_seq_scheme.entity_id 
_pdbx_poly_seq_scheme.seq_id 
_pdbx_poly_seq_scheme.mon_id 
_pdbx_poly_seq_scheme.ndb_seq_num 
_pdbx_poly_seq_scheme.pdb_seq_num 
_pdbx_poly_seq_scheme.auth_seq_num 
_pdbx_poly_seq_scheme.pdb_mon_id 
_pdbx_poly_seq_scheme.auth_mon_id 
_pdbx_poly_seq_scheme.pdb_strand_id 
_pdbx_poly_seq_scheme.pdb_ins_code 
_pdbx_poly_seq_scheme.hetero 
A 1 1   THR 1   1   1   THR THR A . n 
A 1 2   ARG 2   2   2   ARG ARG A . n 
A 1 3   ASP 3   3   3   ASP ASP A . n 
A 1 4   GLN 4   4   4   GLN GLN A . n 
A 1 5   ASN 5   5   5   ASN ASN A . n 
A 1 6   GLY 6   6   6   GLY GLY A . n 
A 1 7   THR 7   7   7   THR THR A . n 
A 1 8   TRP 8   8   8   TRP TRP A . n 
A 1 9   GLU 9   9   9   GLU GLU A . n 
A 1 10  MET 10  10  10  MET MET A . n 
A 1 11  GLU 11  11  11  GLU GLU A . n 
A 1 12  SER 12  12  12  SER SER A . n 
A 1 13  ASN 13  13  13  ASN ASN A . n 
A 1 14  GLU 14  14  14  GLU GLU A . n 
A 1 15  ASN 15  15  15  ASN ASN A . n 
A 1 16  PHE 16  16  16  PHE PHE A . n 
A 1 17  GLU 17  17  17  GLU GLU A . n 
A 1 18  GLY 18  18  18  GLY GLY A . n 
A 1 19  TRP 19  19  19  TRP TRP A . n 
A 1 20  MET 20  20  20  MET MET A . n 
A 1 21  LYS 21  21  21  LYS LYS A . n 
A 1 22  ALA 22  22  22  ALA ALA A . n 
A 1 23  LEU 23  23  23  LEU LEU A . n 
A 1 24  ASP 24  24  24  ASP ASP A . n 
A 1 25  ILE 25  25  25  ILE ILE A . n 
A 1 26  ASP 26  26  26  ASP ASP A . n 
A 1 27  PHE 27  27  27  PHE PHE A . n 
A 1 28  ALA 28  28  28  ALA ALA A . n 
A 1 29  THR 29  29  29  THR THR A . n 
A 1 30  ARG 30  30  30  ARG ARG A . n 
A 1 31  LYS 31  31  31  LYS LYS A . n 
A 1 32  ILE 32  32  32  ILE ILE A . n 
A 1 33  ALA 33  33  33  ALA ALA A . n 
A 1 34  VAL 34  34  34  VAL VAL A . n 
A 1 35  ARG 35  35  35  ARG ARG A . n 
A 1 36  LEU 36  36  36  LEU LEU A . n 
A 1 37  THR 37  37  37  THR THR A . n 
A 1 38  GLN 38  38  38  GLN GLN A . n 
A 1 39  THR 39  39  39  THR THR A . n 
A 1 40  LEU 40  40  40  LEU LEU A . n 
A 1 41  VAL 41  41  41  VAL VAL A . n 
A 1 42  ILE 42  42  42  ILE ILE A . n 
A 1 43  ASP 43  43  43  ASP ASP A . n 
A 1 44  GLN 44  44  44  GLN GLN A . n 
A 1 45  ASP 45  45  45  ASP ASP A . n 
A 1 46  GLY 46  46  46  GLY GLY A . n 
A 1 47  ASP 47  47  47  ASP ASP A . n 
A 1 48  ASN 48  48  48  ASN ASN A . n 
A 1 49  PHE 49  49  49  PHE PHE A . n 
A 1 50  LYS 50  50  50  LYS LYS A . n 
A 1 51  VAL 51  51  51  VAL VAL A . n 
A 1 52  LYS 52  52  52  LYS LYS A . n 
A 1 53  SER 53  53  53  SER SER A . n 
A 1 54  THR 54  54  54  THR THR A . n 
A 1 55  SER 55  55  55  SER SER A . n 
A 1 56  THR 56  56  56  THR THR A . n 
A 1 57  PHE 57  57  57  PHE PHE A . n 
A 1 58  TRP 58  58  58  TRP TRP A . n 
A 1 59  ASN 59  59  59  ASN ASN A . n 
A 1 60  TYR 60  60  60  TYR TYR A . n 
A 1 61  ASP 61  61  61  ASP ASP A . n 
A 1 62  VAL 62  62  62  VAL VAL A . n 
A 1 63  ASP 63  63  63  ASP ASP A . n 
A 1 64  PHE 64  64  64  PHE PHE A . n 
A 1 65  THR 65  65  65  THR THR A . n 
A 1 66  VAL 66  66  66  VAL VAL A . n 
A 1 67  GLY 67  67  67  GLY GLY A . n 
A 1 68  VAL 68  68  68  VAL VAL A . n 
A 1 69  GLU 69  69  69  GLU GLU A . n 
A 1 70  PHE 70  70  70  PHE PHE A . n 
A 1 71  ASP 71  71  71  ASP ASP A . n 
A 1 72  GLU 72  72  72  GLU GLU A . n 
A 1 73  TYR 73  73  73  TYR TYR A . n 
A 1 74  THR 74  74  74  THR THR A . n 
A 1 75  LYS 75  75  75  LYS LYS A . n 
A 1 76  SER 76  76  76  SER SER A . n 
A 1 77  LEU 77  77  77  LEU LEU A . n 
A 1 78  ASP 78  78  78  ASP ASP A . n 
A 1 79  ASN 79  79  79  ASN ASN A . n 
A 1 80  ARG 80  80  80  ARG ARG A . n 
A 1 81  HIS 81  81  81  HIS HIS A . n 
A 1 82  VAL 82  82  82  VAL VAL A . n 
A 1 83  LYS 83  83  83  LYS LYS A . n 
A 1 84  ALA 84  84  84  ALA ALA A . n 
A 1 85  LEU 85  85  85  LEU LEU A . n 
A 1 86  VAL 86  86  86  VAL VAL A . n 
A 1 87  THR 87  87  87  THR THR A . n 
A 1 88  TRP 88  88  88  TRP TRP A . n 
A 1 89  GLU 89  89  89  GLU GLU A . n 
A 1 90  GLY 90  90  90  GLY GLY A . n 
A 1 91  ASP 91  91  91  ASP ASP A . n 
A 1 92  VAL 92  92  92  VAL VAL A . n 
A 1 93  LEU 93  93  93  LEU LEU A . n 
A 1 94  VAL 94  94  94  VAL VAL A . n 
A 1 95  CYS 95  95  95  CYS CYS A . n 
A 1 96  VAL 96  96  96  VAL VAL A . n 
A 1 97  GLN 97  97  97  GLN GLN A . n 
A 1 98  LYS 98  98  98  LYS LYS A . n 
A 1 99  GLY 99  99  99  GLY GLY A . n 
A 1 100 GLU 100 100 100 GLU GLU A . n 
A 1 101 LYS 101 101 101 LYS LYS A . n 
A 1 102 GLU 102 102 102 GLU GLU A . n 
A 1 103 ASN 103 103 103 ASN ASN A . n 
A 1 104 ARG 104 104 104 ARG ARG A . n 
A 1 105 GLY 105 105 105 GLY GLY A . n 
A 1 106 TRP 106 106 106 TRP TRP A . n 
A 1 107 LYS 107 107 107 LYS LYS A . n 
A 1 108 LYS 108 108 108 LYS LYS A . n 
A 1 109 TRP 109 109 109 TRP TRP A . n 
A 1 110 ILE 110 110 110 ILE ILE A . n 
A 1 111 GLU 111 111 111 GLU GLU A . n 
A 1 112 GLY 112 112 112 GLY GLY A . n 
A 1 113 ASP 113 113 113 ASP ASP A . n 
A 1 114 LYS 114 114 114 LYS LYS A . n 
A 1 115 LEU 115 115 115 LEU LEU A . n 
A 1 116 TYR 116 116 116 TYR TYR A . n 
A 1 117 GLU 117 117 117 GLU GLU A . n 
A 1 118 GLU 118 118 118 GLU GLU A . n 
A 1 119 LEU 119 119 119 LEU LEU A . n 
A 1 120 THR 120 120 120 THR THR A . n 
A 1 121 CYS 121 121 121 CYS CYS A . n 
A 1 122 GLY 122 122 122 GLY GLY A . n 
A 1 123 ASP 123 123 123 ASP ASP A . n 
A 1 124 GLN 124 124 124 GLN GLN A . n 
A 1 125 VAL 125 125 125 VAL VAL A . n 
A 1 126 CYS 126 126 126 CYS CYS A . n 
A 1 127 ARG 127 127 127 ARG ARG A . n 
A 1 128 GLN 128 128 128 GLN GLN A . n 
A 1 129 VAL 129 129 129 VAL VAL A . n 
A 1 130 PHE 130 130 130 PHE PHE A . n 
A 1 131 LYS 131 131 131 LYS LYS A . n 
A 1 132 LYS 132 132 132 LYS LYS A . n 
A 1 133 LYS 133 133 133 LYS LYS A . n 
# 
_pdbx_entity_instance_feature.ordinal        1 
_pdbx_entity_instance_feature.comp_id        A1CK0 
_pdbx_entity_instance_feature.asym_id        ? 
_pdbx_entity_instance_feature.seq_num        ? 
_pdbx_entity_instance_feature.auth_comp_id   A1CK0 
_pdbx_entity_instance_feature.auth_asym_id   ? 
_pdbx_entity_instance_feature.auth_seq_num   ? 
_pdbx_entity_instance_feature.feature_type   'SUBJECT OF INVESTIGATION' 
_pdbx_entity_instance_feature.details        ? 
# 
loop_
_pdbx_nonpoly_scheme.asym_id 
_pdbx_nonpoly_scheme.entity_id 
_pdbx_nonpoly_scheme.mon_id 
_pdbx_nonpoly_scheme.ndb_seq_num 
_pdbx_nonpoly_scheme.pdb_seq_num 
_pdbx_nonpoly_scheme.auth_seq_num 
_pdbx_nonpoly_scheme.pdb_mon_id 
_pdbx_nonpoly_scheme.auth_mon_id 
_pdbx_nonpoly_scheme.pdb_strand_id 
_pdbx_nonpoly_scheme.pdb_ins_code 
B 2 A1CK0 1  201 201 A1CK0 TF9 A . 
C 3 ACT   1  202 4   ACT   ACT A . 
D 4 HOH   1  301 13  HOH   HOH A . 
D 4 HOH   2  302 41  HOH   HOH A . 
D 4 HOH   3  303 3   HOH   HOH A . 
D 4 HOH   4  304 61  HOH   HOH A . 
D 4 HOH   5  305 22  HOH   HOH A . 
D 4 HOH   6  306 58  HOH   HOH A . 
D 4 HOH   7  307 29  HOH   HOH A . 
D 4 HOH   8  308 2   HOH   HOH A . 
D 4 HOH   9  309 45  HOH   HOH A . 
D 4 HOH   10 310 12  HOH   HOH A . 
D 4 HOH   11 311 52  HOH   HOH A . 
D 4 HOH   12 312 23  HOH   HOH A . 
D 4 HOH   13 313 27  HOH   HOH A . 
D 4 HOH   14 314 44  HOH   HOH A . 
D 4 HOH   15 315 38  HOH   HOH A . 
D 4 HOH   16 316 34  HOH   HOH A . 
D 4 HOH   17 317 19  HOH   HOH A . 
D 4 HOH   18 318 55  HOH   HOH A . 
D 4 HOH   19 319 42  HOH   HOH A . 
D 4 HOH   20 320 1   HOH   HOH A . 
D 4 HOH   21 321 60  HOH   HOH A . 
D 4 HOH   22 322 28  HOH   HOH A . 
D 4 HOH   23 323 54  HOH   HOH A . 
D 4 HOH   24 324 25  HOH   HOH A . 
D 4 HOH   25 325 37  HOH   HOH A . 
D 4 HOH   26 326 53  HOH   HOH A . 
D 4 HOH   27 327 36  HOH   HOH A . 
D 4 HOH   28 328 59  HOH   HOH A . 
D 4 HOH   29 329 14  HOH   HOH A . 
D 4 HOH   30 330 40  HOH   HOH A . 
D 4 HOH   31 331 49  HOH   HOH A . 
D 4 HOH   32 332 33  HOH   HOH A . 
D 4 HOH   33 333 9   HOH   HOH A . 
D 4 HOH   34 334 47  HOH   HOH A . 
D 4 HOH   35 335 48  HOH   HOH A . 
D 4 HOH   36 336 46  HOH   HOH A . 
D 4 HOH   37 337 7   HOH   HOH A . 
D 4 HOH   38 338 57  HOH   HOH A . 
D 4 HOH   39 339 15  HOH   HOH A . 
D 4 HOH   40 340 17  HOH   HOH A . 
D 4 HOH   41 341 62  HOH   HOH A . 
D 4 HOH   42 342 16  HOH   HOH A . 
D 4 HOH   43 343 32  HOH   HOH A . 
D 4 HOH   44 344 35  HOH   HOH A . 
D 4 HOH   45 345 6   HOH   HOH A . 
D 4 HOH   46 346 56  HOH   HOH A . 
D 4 HOH   47 347 63  HOH   HOH A . 
D 4 HOH   48 348 30  HOH   HOH A . 
D 4 HOH   49 349 21  HOH   HOH A . 
D 4 HOH   50 350 50  HOH   HOH A . 
D 4 HOH   51 351 51  HOH   HOH A . 
D 4 HOH   52 352 20  HOH   HOH A . 
# 
loop_
_software.citation_id 
_software.classification 
_software.compiler_name 
_software.compiler_version 
_software.contact_author 
_software.contact_author_email 
_software.date 
_software.description 
_software.dependencies 
_software.hardware 
_software.language 
_software.location 
_software.mods 
_software.name 
_software.os 
_software.os_version 
_software.type 
_software.version 
_software.pdbx_reference_DOI 
_software.pdbx_ordinal 
? refinement       ? ? ? ? ? ? ? ? ? ? ? PHENIX   ? ? ? 1.212-5419 ? 1 
? 'model building' ? ? ? ? ? ? ? ? ? ? ? Coot     ? ? ? .          ? 2 
? 'data scaling'   ? ? ? ? ? ? ? ? ? ? ? HKL-2000 ? ? ? .          ? 3 
? phasing          ? ? ? ? ? ? ? ? ? ? ? PHASER   ? ? ? .          ? 4 
# 
_cell.angle_alpha                  90.000 
_cell.angle_alpha_esd              ? 
_cell.angle_beta                   90.400 
_cell.angle_beta_esd               ? 
_cell.angle_gamma                  90.000 
_cell.angle_gamma_esd              ? 
_cell.entry_id                     9PT1 
_cell.details                      ? 
_cell.formula_units_Z              ? 
_cell.length_a                     29.396 
_cell.length_a_esd                 ? 
_cell.length_b                     66.751 
_cell.length_b_esd                 ? 
_cell.length_c                     64.067 
_cell.length_c_esd                 ? 
_cell.volume                       125709.998 
_cell.volume_esd                   ? 
_cell.Z_PDB                        4 
_cell.reciprocal_angle_alpha       ? 
_cell.reciprocal_angle_beta        ? 
_cell.reciprocal_angle_gamma       ? 
_cell.reciprocal_angle_alpha_esd   ? 
_cell.reciprocal_angle_beta_esd    ? 
_cell.reciprocal_angle_gamma_esd   ? 
_cell.reciprocal_length_a          ? 
_cell.reciprocal_length_b          ? 
_cell.reciprocal_length_c          ? 
_cell.reciprocal_length_a_esd      ? 
_cell.reciprocal_length_b_esd      ? 
_cell.reciprocal_length_c_esd      ? 
_cell.pdbx_unique_axis             ? 
_cell.pdbx_esd_method              ? 
# 
_symmetry.entry_id                         9PT1 
_symmetry.cell_setting                     ? 
_symmetry.Int_Tables_number                5 
_symmetry.space_group_name_Hall            'C 2y' 
_symmetry.space_group_name_H-M             'C 1 2 1' 
_symmetry.pdbx_full_space_group_name_H-M   ? 
# 
_exptl.absorpt_coefficient_mu     ? 
_exptl.absorpt_correction_T_max   ? 
_exptl.absorpt_correction_T_min   ? 
_exptl.absorpt_correction_type    ? 
_exptl.absorpt_process_details    ? 
_exptl.entry_id                   9PT1 
_exptl.crystals_number            1 
_exptl.details                    ? 
_exptl.method                     'X-RAY DIFFRACTION' 
_exptl.method_details             ? 
# 
_exptl_crystal.colour                       ? 
_exptl_crystal.density_diffrn               ? 
_exptl_crystal.density_Matthews             2.01 
_exptl_crystal.density_method               ? 
_exptl_crystal.density_percent_sol          38.81 
_exptl_crystal.description                  ? 
_exptl_crystal.F_000                        ? 
_exptl_crystal.id                           1 
_exptl_crystal.preparation                  ? 
_exptl_crystal.size_max                     ? 
_exptl_crystal.size_mid                     ? 
_exptl_crystal.size_min                     ? 
_exptl_crystal.size_rad                     ? 
_exptl_crystal.colour_lustre                ? 
_exptl_crystal.colour_modifier              ? 
_exptl_crystal.colour_primary               ? 
_exptl_crystal.density_meas                 ? 
_exptl_crystal.density_meas_esd             ? 
_exptl_crystal.density_meas_gt              ? 
_exptl_crystal.density_meas_lt              ? 
_exptl_crystal.density_meas_temp            ? 
_exptl_crystal.density_meas_temp_esd        ? 
_exptl_crystal.density_meas_temp_gt         ? 
_exptl_crystal.density_meas_temp_lt         ? 
_exptl_crystal.pdbx_crystal_image_url       ? 
_exptl_crystal.pdbx_crystal_image_format    ? 
_exptl_crystal.pdbx_mosaicity               ? 
_exptl_crystal.pdbx_mosaicity_esd           ? 
_exptl_crystal.pdbx_mosaic_method           ? 
_exptl_crystal.pdbx_mosaic_block_size       ? 
_exptl_crystal.pdbx_mosaic_block_size_esd   ? 
# 
_exptl_crystal_grow.apparatus       ? 
_exptl_crystal_grow.atmosphere      ? 
_exptl_crystal_grow.crystal_id      1 
_exptl_crystal_grow.details         ? 
_exptl_crystal_grow.method          'VAPOR DIFFUSION, HANGING DROP' 
_exptl_crystal_grow.method_ref      ? 
_exptl_crystal_grow.pH              ? 
_exptl_crystal_grow.pressure        ? 
_exptl_crystal_grow.pressure_esd    ? 
_exptl_crystal_grow.seeding         ? 
_exptl_crystal_grow.seeding_ref     ? 
_exptl_crystal_grow.temp_details    ? 
_exptl_crystal_grow.temp_esd        ? 
_exptl_crystal_grow.time            ? 
_exptl_crystal_grow.pdbx_details    'PEG4000, ammonium acetate, 100 mM sodium acetate, pH 4.0 - 4.8' 
_exptl_crystal_grow.pdbx_pH_range   ? 
_exptl_crystal_grow.temp            298 
# 
_diffrn.ambient_environment              ? 
_diffrn.ambient_temp                     100 
_diffrn.ambient_temp_details             ? 
_diffrn.ambient_temp_esd                 ? 
_diffrn.crystal_id                       1 
_diffrn.crystal_support                  ? 
_diffrn.crystal_treatment                ? 
_diffrn.details                          ? 
_diffrn.id                               1 
_diffrn.ambient_pressure                 ? 
_diffrn.ambient_pressure_esd             ? 
_diffrn.ambient_pressure_gt              ? 
_diffrn.ambient_pressure_lt              ? 
_diffrn.ambient_temp_gt                  ? 
_diffrn.ambient_temp_lt                  ? 
_diffrn.pdbx_serial_crystal_experiment   N 
# 
_diffrn_detector.details                      ? 
_diffrn_detector.detector                     PIXEL 
_diffrn_detector.diffrn_id                    1 
_diffrn_detector.type                         'DECTRIS EIGER X 9M' 
_diffrn_detector.area_resol_mean              ? 
_diffrn_detector.dtime                        ? 
_diffrn_detector.pdbx_frames_total            ? 
_diffrn_detector.pdbx_collection_time_total   ? 
_diffrn_detector.pdbx_collection_date         2017-12-19 
_diffrn_detector.pdbx_frequency               ? 
_diffrn_detector.id                           ? 
_diffrn_detector.number_of_axes               ? 
# 
_diffrn_radiation.collimation                      ? 
_diffrn_radiation.diffrn_id                        1 
_diffrn_radiation.filter_edge                      ? 
_diffrn_radiation.inhomogeneity                    ? 
_diffrn_radiation.monochromator                    ? 
_diffrn_radiation.polarisn_norm                    ? 
_diffrn_radiation.polarisn_ratio                   ? 
_diffrn_radiation.probe                            ? 
_diffrn_radiation.type                             ? 
_diffrn_radiation.xray_symbol                      ? 
_diffrn_radiation.wavelength_id                    1 
_diffrn_radiation.pdbx_monochromatic_or_laue_m_l   M 
_diffrn_radiation.pdbx_wavelength_list             ? 
_diffrn_radiation.pdbx_wavelength                  ? 
_diffrn_radiation.pdbx_diffrn_protocol             'SINGLE WAVELENGTH' 
_diffrn_radiation.pdbx_analyzer                    ? 
_diffrn_radiation.pdbx_scattering_type             x-ray 
# 
_diffrn_radiation_wavelength.id           1 
_diffrn_radiation_wavelength.wavelength   1.0 
_diffrn_radiation_wavelength.wt           1.0 
# 
_diffrn_source.current                     ? 
_diffrn_source.details                     ? 
_diffrn_source.diffrn_id                   1 
_diffrn_source.power                       ? 
_diffrn_source.size                        ? 
_diffrn_source.source                      SYNCHROTRON 
_diffrn_source.target                      ? 
_diffrn_source.type                        'APS BEAMLINE 21-ID-D' 
_diffrn_source.voltage                     ? 
_diffrn_source.take-off_angle              ? 
_diffrn_source.pdbx_wavelength_list        1.0 
_diffrn_source.pdbx_wavelength             ? 
_diffrn_source.pdbx_synchrotron_beamline   21-ID-D 
_diffrn_source.pdbx_synchrotron_site       APS 
# 
_reflns.B_iso_Wilson_estimate                          ? 
_reflns.entry_id                                       9PT1 
_reflns.data_reduction_details                         ? 
_reflns.data_reduction_method                          ? 
_reflns.d_resolution_high                              1.48 
_reflns.d_resolution_low                               33.38 
_reflns.details                                        ? 
_reflns.limit_h_max                                    ? 
_reflns.limit_h_min                                    ? 
_reflns.limit_k_max                                    ? 
_reflns.limit_k_min                                    ? 
_reflns.limit_l_max                                    ? 
_reflns.limit_l_min                                    ? 
_reflns.number_all                                     ? 
_reflns.number_obs                                     19317 
_reflns.observed_criterion                             ? 
_reflns.observed_criterion_F_max                       ? 
_reflns.observed_criterion_F_min                       ? 
_reflns.observed_criterion_I_max                       ? 
_reflns.observed_criterion_I_min                       ? 
_reflns.observed_criterion_sigma_F                     ? 
_reflns.observed_criterion_sigma_I                     ? 
_reflns.percent_possible_obs                           93.38 
_reflns.R_free_details                                 ? 
_reflns.Rmerge_F_all                                   ? 
_reflns.Rmerge_F_obs                                   ? 
_reflns.Friedel_coverage                               ? 
_reflns.number_gt                                      ? 
_reflns.threshold_expression                           ? 
_reflns.pdbx_redundancy                                6 
_reflns.pdbx_netI_over_av_sigmaI                       ? 
_reflns.pdbx_netI_over_sigmaI                          41.29 
_reflns.pdbx_res_netI_over_av_sigmaI_2                 ? 
_reflns.pdbx_res_netI_over_sigmaI_2                    ? 
_reflns.pdbx_chi_squared                               ? 
_reflns.pdbx_scaling_rejects                           ? 
_reflns.pdbx_d_res_high_opt                            ? 
_reflns.pdbx_d_res_low_opt                             ? 
_reflns.pdbx_d_res_opt_method                          ? 
_reflns.phase_calculation_details                      ? 
_reflns.pdbx_Rrim_I_all                                ? 
_reflns.pdbx_Rpim_I_all                                ? 
_reflns.pdbx_d_opt                                     ? 
_reflns.pdbx_number_measured_all                       ? 
_reflns.pdbx_diffrn_id                                 1 
_reflns.pdbx_ordinal                                   1 
_reflns.pdbx_CC_half                                   ? 
_reflns.pdbx_CC_star                                   ? 
_reflns.pdbx_R_split                                   ? 
_reflns.pdbx_Rmerge_I_obs                              0.041 
_reflns.pdbx_Rmerge_I_all                              ? 
_reflns.pdbx_Rsym_value                                ? 
_reflns.pdbx_CC_split_method                           ? 
_reflns.pdbx_aniso_diffraction_limit_axis_1_ortho[1]   ? 
_reflns.pdbx_aniso_diffraction_limit_axis_1_ortho[2]   ? 
_reflns.pdbx_aniso_diffraction_limit_axis_1_ortho[3]   ? 
_reflns.pdbx_aniso_diffraction_limit_axis_2_ortho[1]   ? 
_reflns.pdbx_aniso_diffraction_limit_axis_2_ortho[2]   ? 
_reflns.pdbx_aniso_diffraction_limit_axis_2_ortho[3]   ? 
_reflns.pdbx_aniso_diffraction_limit_axis_3_ortho[1]   ? 
_reflns.pdbx_aniso_diffraction_limit_axis_3_ortho[2]   ? 
_reflns.pdbx_aniso_diffraction_limit_axis_3_ortho[3]   ? 
_reflns.pdbx_aniso_diffraction_limit_1                 ? 
_reflns.pdbx_aniso_diffraction_limit_2                 ? 
_reflns.pdbx_aniso_diffraction_limit_3                 ? 
_reflns.pdbx_aniso_B_tensor_eigenvector_1_ortho[1]     ? 
_reflns.pdbx_aniso_B_tensor_eigenvector_1_ortho[2]     ? 
_reflns.pdbx_aniso_B_tensor_eigenvector_1_ortho[3]     ? 
_reflns.pdbx_aniso_B_tensor_eigenvector_2_ortho[1]     ? 
_reflns.pdbx_aniso_B_tensor_eigenvector_2_ortho[2]     ? 
_reflns.pdbx_aniso_B_tensor_eigenvector_2_ortho[3]     ? 
_reflns.pdbx_aniso_B_tensor_eigenvector_3_ortho[1]     ? 
_reflns.pdbx_aniso_B_tensor_eigenvector_3_ortho[2]     ? 
_reflns.pdbx_aniso_B_tensor_eigenvector_3_ortho[3]     ? 
_reflns.pdbx_aniso_B_tensor_eigenvalue_1               ? 
_reflns.pdbx_aniso_B_tensor_eigenvalue_2               ? 
_reflns.pdbx_aniso_B_tensor_eigenvalue_3               ? 
_reflns.pdbx_orthogonalization_convention              ? 
_reflns.pdbx_percent_possible_ellipsoidal              ? 
_reflns.pdbx_percent_possible_spherical                ? 
_reflns.pdbx_percent_possible_ellipsoidal_anomalous    ? 
_reflns.pdbx_percent_possible_spherical_anomalous      ? 
_reflns.pdbx_redundancy_anomalous                      ? 
_reflns.pdbx_CC_half_anomalous                         ? 
_reflns.pdbx_absDiff_over_sigma_anomalous              ? 
_reflns.pdbx_percent_possible_anomalous                ? 
_reflns.pdbx_observed_signal_threshold                 ? 
_reflns.pdbx_signal_type                               ? 
_reflns.pdbx_signal_details                            ? 
_reflns.pdbx_signal_software_id                        ? 
# 
_reflns_shell.d_res_high                                    1.48 
_reflns_shell.d_res_low                                     1.53 
_reflns_shell.meanI_over_sigI_all                           ? 
_reflns_shell.meanI_over_sigI_obs                           ? 
_reflns_shell.number_measured_all                           ? 
_reflns_shell.number_measured_obs                           ? 
_reflns_shell.number_possible                               ? 
_reflns_shell.number_unique_all                             ? 
_reflns_shell.number_unique_obs                             1927 
_reflns_shell.percent_possible_obs                          ? 
_reflns_shell.Rmerge_F_all                                  ? 
_reflns_shell.Rmerge_F_obs                                  ? 
_reflns_shell.meanI_over_sigI_gt                            ? 
_reflns_shell.meanI_over_uI_all                             ? 
_reflns_shell.meanI_over_uI_gt                              ? 
_reflns_shell.number_measured_gt                            ? 
_reflns_shell.number_unique_gt                              ? 
_reflns_shell.percent_possible_gt                           ? 
_reflns_shell.Rmerge_F_gt                                   ? 
_reflns_shell.Rmerge_I_gt                                   ? 
_reflns_shell.pdbx_redundancy                               ? 
_reflns_shell.pdbx_chi_squared                              ? 
_reflns_shell.pdbx_netI_over_sigmaI_all                     ? 
_reflns_shell.pdbx_netI_over_sigmaI_obs                     ? 
_reflns_shell.pdbx_Rrim_I_all                               ? 
_reflns_shell.pdbx_Rpim_I_all                               ? 
_reflns_shell.pdbx_rejects                                  ? 
_reflns_shell.pdbx_ordinal                                  1 
_reflns_shell.pdbx_diffrn_id                                1 
_reflns_shell.pdbx_CC_half                                  ? 
_reflns_shell.pdbx_CC_star                                  ? 
_reflns_shell.pdbx_R_split                                  ? 
_reflns_shell.percent_possible_all                          ? 
_reflns_shell.Rmerge_I_all                                  ? 
_reflns_shell.Rmerge_I_obs                                  0.482 
_reflns_shell.pdbx_Rsym_value                               ? 
_reflns_shell.pdbx_percent_possible_ellipsoidal             ? 
_reflns_shell.pdbx_percent_possible_spherical               ? 
_reflns_shell.pdbx_percent_possible_ellipsoidal_anomalous   ? 
_reflns_shell.pdbx_percent_possible_spherical_anomalous     ? 
_reflns_shell.pdbx_redundancy_anomalous                     ? 
_reflns_shell.pdbx_CC_half_anomalous                        ? 
_reflns_shell.pdbx_absDiff_over_sigma_anomalous             ? 
_reflns_shell.pdbx_percent_possible_anomalous               ? 
# 
_refine.aniso_B[1][1]                            ? 
_refine.aniso_B[1][2]                            ? 
_refine.aniso_B[1][3]                            ? 
_refine.aniso_B[2][2]                            ? 
_refine.aniso_B[2][3]                            ? 
_refine.aniso_B[3][3]                            ? 
_refine.B_iso_max                                ? 
_refine.B_iso_mean                               17.57 
_refine.B_iso_min                                ? 
_refine.correlation_coeff_Fo_to_Fc               ? 
_refine.correlation_coeff_Fo_to_Fc_free          ? 
_refine.details                                  ? 
_refine.diff_density_max                         ? 
_refine.diff_density_max_esd                     ? 
_refine.diff_density_min                         ? 
_refine.diff_density_min_esd                     ? 
_refine.diff_density_rms                         ? 
_refine.diff_density_rms_esd                     ? 
_refine.entry_id                                 9PT1 
_refine.pdbx_refine_id                           'X-RAY DIFFRACTION' 
_refine.ls_abs_structure_details                 ? 
_refine.ls_abs_structure_Flack                   ? 
_refine.ls_abs_structure_Flack_esd               ? 
_refine.ls_abs_structure_Rogers                  ? 
_refine.ls_abs_structure_Rogers_esd              ? 
_refine.ls_d_res_high                            1.48 
_refine.ls_d_res_low                             33.38 
_refine.ls_extinction_coef                       ? 
_refine.ls_extinction_coef_esd                   ? 
_refine.ls_extinction_expression                 ? 
_refine.ls_extinction_method                     ? 
_refine.ls_goodness_of_fit_all                   ? 
_refine.ls_goodness_of_fit_all_esd               ? 
_refine.ls_goodness_of_fit_obs                   ? 
_refine.ls_goodness_of_fit_obs_esd               ? 
_refine.ls_hydrogen_treatment                    ? 
_refine.ls_matrix_type                           ? 
_refine.ls_number_constraints                    ? 
_refine.ls_number_parameters                     ? 
_refine.ls_number_reflns_all                     ? 
_refine.ls_number_reflns_obs                     19317 
_refine.ls_number_reflns_R_free                  ? 
_refine.ls_number_reflns_R_work                  ? 
_refine.ls_number_restraints                     ? 
_refine.ls_percent_reflns_obs                    93.38 
_refine.ls_percent_reflns_R_free                 ? 
_refine.ls_R_factor_all                          ? 
_refine.ls_R_factor_obs                          ? 
_refine.ls_R_factor_R_free                       0.1947 
_refine.ls_R_factor_R_free_error                 ? 
_refine.ls_R_factor_R_free_error_details         ? 
_refine.ls_R_factor_R_work                       0.1752 
_refine.ls_R_Fsqd_factor_obs                     ? 
_refine.ls_R_I_factor_obs                        ? 
_refine.ls_redundancy_reflns_all                 ? 
_refine.ls_redundancy_reflns_obs                 ? 
_refine.ls_restrained_S_all                      ? 
_refine.ls_restrained_S_obs                      ? 
_refine.ls_shift_over_esd_max                    ? 
_refine.ls_shift_over_esd_mean                   ? 
_refine.ls_structure_factor_coef                 ? 
_refine.ls_weighting_details                     ? 
_refine.ls_weighting_scheme                      ? 
_refine.ls_wR_factor_all                         ? 
_refine.ls_wR_factor_obs                         ? 
_refine.ls_wR_factor_R_free                      ? 
_refine.ls_wR_factor_R_work                      ? 
_refine.occupancy_max                            ? 
_refine.occupancy_min                            ? 
_refine.solvent_model_details                    ? 
_refine.solvent_model_param_bsol                 ? 
_refine.solvent_model_param_ksol                 ? 
_refine.correlation_coeff_I_to_Fcsqd_work        ? 
_refine.correlation_coeff_I_to_Fcsqd_free        ? 
_refine.pdbx_R_complete                          ? 
_refine.ls_R_factor_gt                           ? 
_refine.ls_goodness_of_fit_gt                    ? 
_refine.ls_goodness_of_fit_ref                   ? 
_refine.ls_shift_over_su_max                     ? 
_refine.ls_shift_over_su_max_lt                  ? 
_refine.ls_shift_over_su_mean                    ? 
_refine.ls_shift_over_su_mean_lt                 ? 
_refine.pdbx_ls_sigma_I                          ? 
_refine.pdbx_ls_sigma_F                          ? 
_refine.pdbx_ls_sigma_Fsqd                       ? 
_refine.pdbx_data_cutoff_high_absF               ? 
_refine.pdbx_data_cutoff_high_rms_absF           ? 
_refine.pdbx_data_cutoff_low_absF                ? 
_refine.pdbx_isotropic_thermal_model             ? 
_refine.pdbx_ls_cross_valid_method               'FREE R-VALUE' 
_refine.pdbx_method_to_determine_struct          'MOLECULAR REPLACEMENT' 
_refine.pdbx_starting_model                      ? 
_refine.pdbx_stereochemistry_target_values       'GeoStd + Monomer Library + CDL v1.2' 
_refine.pdbx_R_Free_selection_details            ? 
_refine.pdbx_stereochem_target_val_spec_case     ? 
_refine.pdbx_overall_ESU_R                       ? 
_refine.pdbx_overall_ESU_R_Free                  ? 
_refine.pdbx_solvent_vdw_probe_radii             ? 
_refine.pdbx_solvent_ion_probe_radii             ? 
_refine.pdbx_solvent_shrinkage_radii             ? 
_refine.pdbx_real_space_R                        ? 
_refine.pdbx_density_correlation                 ? 
_refine.pdbx_pd_number_of_powder_patterns        ? 
_refine.pdbx_pd_number_of_points                 ? 
_refine.pdbx_pd_meas_number_of_points            ? 
_refine.pdbx_pd_proc_ls_prof_R_factor            ? 
_refine.pdbx_pd_proc_ls_prof_wR_factor           ? 
_refine.pdbx_pd_Marquardt_correlation_coeff      ? 
_refine.pdbx_pd_Fsqrd_R_factor                   ? 
_refine.pdbx_pd_ls_matrix_band_width             ? 
_refine.pdbx_overall_phase_error                 ? 
_refine.pdbx_overall_SU_R_free_Cruickshank_DPI   ? 
_refine.pdbx_overall_SU_R_free_Blow_DPI          ? 
_refine.pdbx_overall_SU_R_Blow_DPI               ? 
_refine.pdbx_TLS_residual_ADP_flag               ? 
_refine.pdbx_diffrn_id                           1 
_refine.overall_SU_B                             ? 
_refine.overall_SU_ML                            ? 
_refine.overall_SU_R_Cruickshank_DPI             ? 
_refine.overall_SU_R_free                        ? 
_refine.overall_FOM_free_R_set                   ? 
_refine.overall_FOM_work_R_set                   ? 
_refine.pdbx_average_fsc_overall                 ? 
_refine.pdbx_average_fsc_work                    ? 
_refine.pdbx_average_fsc_free                    ? 
# 
_refine_hist.pdbx_refine_id                   'X-RAY DIFFRACTION' 
_refine_hist.cycle_id                         LAST 
_refine_hist.pdbx_number_atoms_protein        1099 
_refine_hist.pdbx_number_atoms_nucleic_acid   0 
_refine_hist.pdbx_number_atoms_ligand         22 
_refine_hist.number_atoms_solvent             52 
_refine_hist.number_atoms_total               1173 
_refine_hist.d_res_high                       1.48 
_refine_hist.d_res_low                        33.38 
# 
loop_
_refine_ls_restr.pdbx_refine_id 
_refine_ls_restr.criterion 
_refine_ls_restr.dev_ideal 
_refine_ls_restr.dev_ideal_target 
_refine_ls_restr.number 
_refine_ls_restr.rejects 
_refine_ls_restr.type 
_refine_ls_restr.weight 
_refine_ls_restr.pdbx_Zscore 
_refine_ls_restr.pdbx_restraint_function 
'X-RAY DIFFRACTION' ? 0.0058  ? 1149 ? f_bond_d           ? ? ? 
'X-RAY DIFFRACTION' ? 0.9339  ? 1550 ? f_angle_d          ? ? ? 
'X-RAY DIFFRACTION' ? 0.0910  ? 161  ? f_chiral_restr     ? ? ? 
'X-RAY DIFFRACTION' ? 0.0041  ? 200  ? f_plane_restr      ? ? ? 
'X-RAY DIFFRACTION' ? 19.4669 ? 666  ? f_dihedral_angle_d ? ? ? 
# 
_struct.entry_id                     9PT1 
_struct.title                        'Q108K:K40L:T51V:T53S:R58W:Y19W:L117E mutant of hCRBPII bound to fluorophore TD-1V-10' 
_struct.pdbx_model_details           ? 
_struct.pdbx_formula_weight          ? 
_struct.pdbx_formula_weight_method   ? 
_struct.pdbx_model_type_details      ? 
_struct.pdbx_CASP_flag               N 
# 
_struct_keywords.entry_id        9PT1 
_struct_keywords.text            
'human cellular retinol binding protein II, hCRBPII, fluorescent protein, engineered protein, RETINOL BINDING PROTEIN' 
_struct_keywords.pdbx_keywords   'RETINOL BINDING PROTEIN' 
# 
loop_
_struct_asym.id 
_struct_asym.pdbx_blank_PDB_chainid_flag 
_struct_asym.pdbx_modified 
_struct_asym.entity_id 
_struct_asym.details 
A N N 1 ? 
B N N 2 ? 
C N N 3 ? 
D N N 4 ? 
# 
_struct_ref.id                         1 
_struct_ref.db_name                    UNP 
_struct_ref.db_code                    RET2_HUMAN 
_struct_ref.pdbx_db_accession          P50120 
_struct_ref.pdbx_db_isoform            ? 
_struct_ref.entity_id                  1 
_struct_ref.pdbx_seq_one_letter_code   
;TRDQNGTWEMESNENFEGYMKALDIDFATRKIAVRLTQTKVIDQDGDNFKTKTTSTFRNYDVDFTVGVEFDEYTKSLDNR
HVKALVTWEGDVLVCVQKGEKENRGWKQWIEGDKLYLELTCGDQVCRQVFKKK
;
_struct_ref.pdbx_align_begin           0 
# 
_struct_ref_seq.align_id                      1 
_struct_ref_seq.ref_id                        1 
_struct_ref_seq.pdbx_PDB_id_code              9PT1 
_struct_ref_seq.pdbx_strand_id                A 
_struct_ref_seq.seq_align_beg                 1 
_struct_ref_seq.pdbx_seq_align_beg_ins_code   ? 
_struct_ref_seq.seq_align_end                 133 
_struct_ref_seq.pdbx_seq_align_end_ins_code   ? 
_struct_ref_seq.pdbx_db_accession             P50120 
_struct_ref_seq.db_align_beg                  2 
_struct_ref_seq.pdbx_db_align_beg_ins_code    ? 
_struct_ref_seq.db_align_end                  134 
_struct_ref_seq.pdbx_db_align_end_ins_code    ? 
_struct_ref_seq.pdbx_auth_seq_align_beg       1 
_struct_ref_seq.pdbx_auth_seq_align_end       133 
# 
loop_
_struct_ref_seq_dif.align_id 
_struct_ref_seq_dif.pdbx_pdb_id_code 
_struct_ref_seq_dif.mon_id 
_struct_ref_seq_dif.pdbx_pdb_strand_id 
_struct_ref_seq_dif.seq_num 
_struct_ref_seq_dif.pdbx_pdb_ins_code 
_struct_ref_seq_dif.pdbx_seq_db_name 
_struct_ref_seq_dif.pdbx_seq_db_accession_code 
_struct_ref_seq_dif.db_mon_id 
_struct_ref_seq_dif.pdbx_seq_db_seq_num 
_struct_ref_seq_dif.details 
_struct_ref_seq_dif.pdbx_auth_seq_num 
_struct_ref_seq_dif.pdbx_ordinal 
1 9PT1 TRP A 19  ? UNP P50120 TYR 20  'engineered mutation' 19  1 
1 9PT1 LEU A 40  ? UNP P50120 LYS 41  'engineered mutation' 40  2 
1 9PT1 VAL A 51  ? UNP P50120 THR 52  'engineered mutation' 51  3 
1 9PT1 SER A 53  ? UNP P50120 THR 54  'engineered mutation' 53  4 
1 9PT1 TRP A 58  ? UNP P50120 ARG 59  'engineered mutation' 58  5 
1 9PT1 LYS A 108 ? UNP P50120 GLN 109 'engineered mutation' 108 6 
1 9PT1 GLU A 117 ? UNP P50120 LEU 118 'engineered mutation' 117 7 
# 
_pdbx_struct_assembly.id                   1 
_pdbx_struct_assembly.details              author_defined_assembly 
_pdbx_struct_assembly.method_details       ? 
_pdbx_struct_assembly.oligomeric_details   monomeric 
_pdbx_struct_assembly.oligomeric_count     1 
# 
_pdbx_struct_assembly_gen.assembly_id       1 
_pdbx_struct_assembly_gen.oper_expression   1 
_pdbx_struct_assembly_gen.asym_id_list      A,B,C,D 
# 
_pdbx_struct_assembly_auth_evidence.id                     1 
_pdbx_struct_assembly_auth_evidence.assembly_id            1 
_pdbx_struct_assembly_auth_evidence.experimental_support   'gel filtration' 
_pdbx_struct_assembly_auth_evidence.details                ? 
# 
_pdbx_struct_oper_list.id                   1 
_pdbx_struct_oper_list.type                 'identity operation' 
_pdbx_struct_oper_list.name                 1_555 
_pdbx_struct_oper_list.symmetry_operation   x,y,z 
_pdbx_struct_oper_list.matrix[1][1]         1.0000000000 
_pdbx_struct_oper_list.matrix[1][2]         0.0000000000 
_pdbx_struct_oper_list.matrix[1][3]         0.0000000000 
_pdbx_struct_oper_list.vector[1]            0.0000000000 
_pdbx_struct_oper_list.matrix[2][1]         0.0000000000 
_pdbx_struct_oper_list.matrix[2][2]         1.0000000000 
_pdbx_struct_oper_list.matrix[2][3]         0.0000000000 
_pdbx_struct_oper_list.vector[2]            0.0000000000 
_pdbx_struct_oper_list.matrix[3][1]         0.0000000000 
_pdbx_struct_oper_list.matrix[3][2]         0.0000000000 
_pdbx_struct_oper_list.matrix[3][3]         1.0000000000 
_pdbx_struct_oper_list.vector[3]            0.0000000000 
# 
loop_
_struct_conf.conf_type_id 
_struct_conf.id 
_struct_conf.pdbx_PDB_helix_id 
_struct_conf.beg_label_comp_id 
_struct_conf.beg_label_asym_id 
_struct_conf.beg_label_seq_id 
_struct_conf.pdbx_beg_PDB_ins_code 
_struct_conf.end_label_comp_id 
_struct_conf.end_label_asym_id 
_struct_conf.end_label_seq_id 
_struct_conf.pdbx_end_PDB_ins_code 
_struct_conf.beg_auth_comp_id 
_struct_conf.beg_auth_asym_id 
_struct_conf.beg_auth_seq_id 
_struct_conf.end_auth_comp_id 
_struct_conf.end_auth_asym_id 
_struct_conf.end_auth_seq_id 
_struct_conf.pdbx_PDB_helix_class 
_struct_conf.details 
_struct_conf.pdbx_PDB_helix_length 
HELX_P HELX_P1 AA1 ASN A 15 ? LEU A 23 ? ASN A 15 LEU A 23 1 ? 9 
HELX_P HELX_P2 AA2 ASP A 26 ? VAL A 34 ? ASP A 26 VAL A 34 1 ? 9 
# 
_struct_conf_type.id          HELX_P 
_struct_conf_type.criteria    ? 
_struct_conf_type.reference   ? 
# 
_struct_conn.id                            covale1 
_struct_conn.conn_type_id                  covale 
_struct_conn.pdbx_leaving_atom_flag        one 
_struct_conn.pdbx_PDB_id                   ? 
_struct_conn.ptnr1_label_asym_id           A 
_struct_conn.ptnr1_label_comp_id           LYS 
_struct_conn.ptnr1_label_seq_id            108 
_struct_conn.ptnr1_label_atom_id           NZ 
_struct_conn.pdbx_ptnr1_label_alt_id       ? 
_struct_conn.pdbx_ptnr1_PDB_ins_code       ? 
_struct_conn.pdbx_ptnr1_standard_comp_id   ? 
_struct_conn.ptnr1_symmetry                1_555 
_struct_conn.ptnr2_label_asym_id           B 
_struct_conn.ptnr2_label_comp_id           A1CK0 
_struct_conn.ptnr2_label_seq_id            . 
_struct_conn.ptnr2_label_atom_id           C03 
_struct_conn.pdbx_ptnr2_label_alt_id       ? 
_struct_conn.pdbx_ptnr2_PDB_ins_code       ? 
_struct_conn.ptnr1_auth_asym_id            A 
_struct_conn.ptnr1_auth_comp_id            LYS 
_struct_conn.ptnr1_auth_seq_id             108 
_struct_conn.ptnr2_auth_asym_id            A 
_struct_conn.ptnr2_auth_comp_id            A1CK0 
_struct_conn.ptnr2_auth_seq_id             201 
_struct_conn.ptnr2_symmetry                1_555 
_struct_conn.pdbx_ptnr3_label_atom_id      ? 
_struct_conn.pdbx_ptnr3_label_seq_id       ? 
_struct_conn.pdbx_ptnr3_label_comp_id      ? 
_struct_conn.pdbx_ptnr3_label_asym_id      ? 
_struct_conn.pdbx_ptnr3_label_alt_id       ? 
_struct_conn.pdbx_ptnr3_PDB_ins_code       ? 
_struct_conn.details                       ? 
_struct_conn.pdbx_dist_value               1.246 
_struct_conn.pdbx_value_order              ? 
_struct_conn.pdbx_role                     ? 
# 
_struct_conn_type.id          covale 
_struct_conn_type.criteria    ? 
_struct_conn_type.reference   ? 
# 
_pdbx_modification_feature.ordinal                            1 
_pdbx_modification_feature.label_comp_id                      A1CK0 
_pdbx_modification_feature.label_asym_id                      B 
_pdbx_modification_feature.label_seq_id                       . 
_pdbx_modification_feature.label_alt_id                       ? 
_pdbx_modification_feature.modified_residue_label_comp_id     LYS 
_pdbx_modification_feature.modified_residue_label_asym_id     A 
_pdbx_modification_feature.modified_residue_label_seq_id      108 
_pdbx_modification_feature.modified_residue_label_alt_id      ? 
_pdbx_modification_feature.auth_comp_id                       A1CK0 
_pdbx_modification_feature.auth_asym_id                       A 
_pdbx_modification_feature.auth_seq_id                        201 
_pdbx_modification_feature.PDB_ins_code                       ? 
_pdbx_modification_feature.symmetry                           1_555 
_pdbx_modification_feature.modified_residue_auth_comp_id      LYS 
_pdbx_modification_feature.modified_residue_auth_asym_id      A 
_pdbx_modification_feature.modified_residue_auth_seq_id       108 
_pdbx_modification_feature.modified_residue_PDB_ins_code      ? 
_pdbx_modification_feature.modified_residue_symmetry          1_555 
_pdbx_modification_feature.comp_id_linking_atom               C03 
_pdbx_modification_feature.modified_residue_id_linking_atom   NZ 
_pdbx_modification_feature.modified_residue_id                LYS 
_pdbx_modification_feature.ref_pcm_id                         1 
_pdbx_modification_feature.ref_comp_id                        A1CK0 
_pdbx_modification_feature.type                               None 
_pdbx_modification_feature.category                           'Covalent chemical modification' 
# 
_struct_sheet.id               AA1 
_struct_sheet.type             ? 
_struct_sheet.number_strands   10 
_struct_sheet.details          ? 
# 
loop_
_struct_sheet_order.sheet_id 
_struct_sheet_order.range_id_1 
_struct_sheet_order.range_id_2 
_struct_sheet_order.offset 
_struct_sheet_order.sense 
AA1 1 2  ? anti-parallel 
AA1 2 3  ? anti-parallel 
AA1 3 4  ? anti-parallel 
AA1 4 5  ? anti-parallel 
AA1 5 6  ? anti-parallel 
AA1 6 7  ? anti-parallel 
AA1 7 8  ? anti-parallel 
AA1 8 9  ? anti-parallel 
AA1 9 10 ? anti-parallel 
# 
loop_
_struct_sheet_range.sheet_id 
_struct_sheet_range.id 
_struct_sheet_range.beg_label_comp_id 
_struct_sheet_range.beg_label_asym_id 
_struct_sheet_range.beg_label_seq_id 
_struct_sheet_range.pdbx_beg_PDB_ins_code 
_struct_sheet_range.end_label_comp_id 
_struct_sheet_range.end_label_asym_id 
_struct_sheet_range.end_label_seq_id 
_struct_sheet_range.pdbx_end_PDB_ins_code 
_struct_sheet_range.beg_auth_comp_id 
_struct_sheet_range.beg_auth_asym_id 
_struct_sheet_range.beg_auth_seq_id 
_struct_sheet_range.end_auth_comp_id 
_struct_sheet_range.end_auth_asym_id 
_struct_sheet_range.end_auth_seq_id 
AA1 1  ASN A 59  ? THR A 65  ? ASN A 59  THR A 65  
AA1 2  ASN A 48  ? THR A 54  ? ASN A 48  THR A 54  
AA1 3  THR A 39  ? ASP A 45  ? THR A 39  ASP A 45  
AA1 4  GLY A 6   ? GLU A 14  ? GLY A 6   GLU A 14  
AA1 5  GLN A 124 ? LYS A 132 ? GLN A 124 LYS A 132 
AA1 6  LYS A 114 ? CYS A 121 ? LYS A 114 CYS A 121 
AA1 7  GLY A 105 ? GLU A 111 ? GLY A 105 GLU A 111 
AA1 8  VAL A 92  ? LYS A 98  ? VAL A 92  LYS A 98  
AA1 9  HIS A 81  ? GLU A 89  ? HIS A 81  GLU A 89  
AA1 10 PHE A 70  ? TYR A 73  ? PHE A 70  TYR A 73  
# 
loop_
_pdbx_struct_sheet_hbond.sheet_id 
_pdbx_struct_sheet_hbond.range_id_1 
_pdbx_struct_sheet_hbond.range_id_2 
_pdbx_struct_sheet_hbond.range_1_label_atom_id 
_pdbx_struct_sheet_hbond.range_1_label_comp_id 
_pdbx_struct_sheet_hbond.range_1_label_asym_id 
_pdbx_struct_sheet_hbond.range_1_label_seq_id 
_pdbx_struct_sheet_hbond.range_1_PDB_ins_code 
_pdbx_struct_sheet_hbond.range_1_auth_atom_id 
_pdbx_struct_sheet_hbond.range_1_auth_comp_id 
_pdbx_struct_sheet_hbond.range_1_auth_asym_id 
_pdbx_struct_sheet_hbond.range_1_auth_seq_id 
_pdbx_struct_sheet_hbond.range_2_label_atom_id 
_pdbx_struct_sheet_hbond.range_2_label_comp_id 
_pdbx_struct_sheet_hbond.range_2_label_asym_id 
_pdbx_struct_sheet_hbond.range_2_label_seq_id 
_pdbx_struct_sheet_hbond.range_2_PDB_ins_code 
_pdbx_struct_sheet_hbond.range_2_auth_atom_id 
_pdbx_struct_sheet_hbond.range_2_auth_comp_id 
_pdbx_struct_sheet_hbond.range_2_auth_asym_id 
_pdbx_struct_sheet_hbond.range_2_auth_seq_id 
AA1 1 2  O PHE A 64  ? O PHE A 64  N PHE A 49  ? N PHE A 49  
AA1 2 3  O LYS A 50  ? O LYS A 50  N ASP A 43  ? N ASP A 43  
AA1 3 4  O LEU A 40  ? O LEU A 40  N TRP A 8   ? N TRP A 8   
AA1 4 5  N GLU A 11  ? N GLU A 11  O VAL A 129 ? O VAL A 129 
AA1 5 6  O CYS A 126 ? O CYS A 126 N LEU A 119 ? N LEU A 119 
AA1 6 7  O TYR A 116 ? O TYR A 116 N TRP A 109 ? N TRP A 109 
AA1 7 8  O TRP A 106 ? O TRP A 106 N CYS A 95  ? N CYS A 95  
AA1 8 9  O LYS A 98  ? O LYS A 98  N LYS A 83  ? N LYS A 83  
AA1 9 10 O ALA A 84  ? O ALA A 84  N PHE A 70  ? N PHE A 70  
# 
_pdbx_entry_details.entry_id                   9PT1 
_pdbx_entry_details.nonpolymer_details         ? 
_pdbx_entry_details.sequence_details           ? 
_pdbx_entry_details.compound_details           ? 
_pdbx_entry_details.source_details             ? 
_pdbx_entry_details.has_ligand_of_interest     Y 
_pdbx_entry_details.has_protein_modification   Y 
# 
loop_
_pdbx_validate_torsion.id 
_pdbx_validate_torsion.PDB_model_num 
_pdbx_validate_torsion.auth_comp_id 
_pdbx_validate_torsion.auth_asym_id 
_pdbx_validate_torsion.auth_seq_id 
_pdbx_validate_torsion.PDB_ins_code 
_pdbx_validate_torsion.label_alt_id 
_pdbx_validate_torsion.phi 
_pdbx_validate_torsion.psi 
1 1 LYS A 75 ? ? 59.07  -131.83 
2 1 LEU A 77 ? ? -70.83 -74.26  
# 
loop_
_space_group_symop.id 
_space_group_symop.operation_xyz 
1 x,y,z           
2 -x,y,-z         
3 x+1/2,y+1/2,z   
4 -x+1/2,y+1/2,-z 
# 
loop_
_chem_comp_atom.comp_id 
_chem_comp_atom.atom_id 
_chem_comp_atom.type_symbol 
_chem_comp_atom.pdbx_aromatic_flag 
_chem_comp_atom.pdbx_stereo_config 
_chem_comp_atom.pdbx_ordinal 
A1CK0 C10  C Y N 1   
A1CK0 C13  C Y N 2   
A1CK0 C11  C Y N 3   
A1CK0 C12  C Y N 4   
A1CK0 C14  C Y N 5   
A1CK0 C01  C N N 6   
A1CK0 C02  C N N 7   
A1CK0 C03  C N N 8   
A1CK0 C06  C N N 9   
A1CK0 C07  C Y N 10  
A1CK0 C08  C Y N 11  
A1CK0 C09  C Y N 12  
A1CK0 C16  C Y N 13  
A1CK0 C17  C Y N 14  
A1CK0 C19  C N N 15  
A1CK0 C20  C N N 16  
A1CK0 N18  N N N 17  
A1CK0 S15  S Y N 18  
A1CK0 H27  H N N 19  
A1CK0 H29  H N N 20  
A1CK0 H28  H N N 21  
A1CK0 H21  H N N 22  
A1CK0 H05  H N N 23  
A1CK0 H23  H N N 24  
A1CK0 H24  H N N 25  
A1CK0 H22  H N N 26  
A1CK0 H25  H N N 27  
A1CK0 H26  H N N 28  
A1CK0 H30  H N N 29  
A1CK0 H32  H N N 30  
A1CK0 H33  H N N 31  
A1CK0 H31  H N N 32  
A1CK0 H34  H N N 33  
A1CK0 H35  H N N 34  
A1CK0 H36  H N N 35  
A1CK0 O1   O N N 36  
ACT   C    C N N 37  
ACT   O    O N N 38  
ACT   OXT  O N N 39  
ACT   CH3  C N N 40  
ACT   H1   H N N 41  
ACT   H2   H N N 42  
ACT   H3   H N N 43  
ALA   N    N N N 44  
ALA   CA   C N S 45  
ALA   C    C N N 46  
ALA   O    O N N 47  
ALA   CB   C N N 48  
ALA   OXT  O N N 49  
ALA   H    H N N 50  
ALA   H2   H N N 51  
ALA   HA   H N N 52  
ALA   HB1  H N N 53  
ALA   HB2  H N N 54  
ALA   HB3  H N N 55  
ALA   HXT  H N N 56  
ARG   N    N N N 57  
ARG   CA   C N S 58  
ARG   C    C N N 59  
ARG   O    O N N 60  
ARG   CB   C N N 61  
ARG   CG   C N N 62  
ARG   CD   C N N 63  
ARG   NE   N N N 64  
ARG   CZ   C N N 65  
ARG   NH1  N N N 66  
ARG   NH2  N N N 67  
ARG   OXT  O N N 68  
ARG   H    H N N 69  
ARG   H2   H N N 70  
ARG   HA   H N N 71  
ARG   HB2  H N N 72  
ARG   HB3  H N N 73  
ARG   HG2  H N N 74  
ARG   HG3  H N N 75  
ARG   HD2  H N N 76  
ARG   HD3  H N N 77  
ARG   HE   H N N 78  
ARG   HH11 H N N 79  
ARG   HH12 H N N 80  
ARG   HH21 H N N 81  
ARG   HH22 H N N 82  
ARG   HXT  H N N 83  
ASN   N    N N N 84  
ASN   CA   C N S 85  
ASN   C    C N N 86  
ASN   O    O N N 87  
ASN   CB   C N N 88  
ASN   CG   C N N 89  
ASN   OD1  O N N 90  
ASN   ND2  N N N 91  
ASN   OXT  O N N 92  
ASN   H    H N N 93  
ASN   H2   H N N 94  
ASN   HA   H N N 95  
ASN   HB2  H N N 96  
ASN   HB3  H N N 97  
ASN   HD21 H N N 98  
ASN   HD22 H N N 99  
ASN   HXT  H N N 100 
ASP   N    N N N 101 
ASP   CA   C N S 102 
ASP   C    C N N 103 
ASP   O    O N N 104 
ASP   CB   C N N 105 
ASP   CG   C N N 106 
ASP   OD1  O N N 107 
ASP   OD2  O N N 108 
ASP   OXT  O N N 109 
ASP   H    H N N 110 
ASP   H2   H N N 111 
ASP   HA   H N N 112 
ASP   HB2  H N N 113 
ASP   HB3  H N N 114 
ASP   HD2  H N N 115 
ASP   HXT  H N N 116 
CYS   N    N N N 117 
CYS   CA   C N R 118 
CYS   C    C N N 119 
CYS   O    O N N 120 
CYS   CB   C N N 121 
CYS   SG   S N N 122 
CYS   OXT  O N N 123 
CYS   H    H N N 124 
CYS   H2   H N N 125 
CYS   HA   H N N 126 
CYS   HB2  H N N 127 
CYS   HB3  H N N 128 
CYS   HG   H N N 129 
CYS   HXT  H N N 130 
GLN   N    N N N 131 
GLN   CA   C N S 132 
GLN   C    C N N 133 
GLN   O    O N N 134 
GLN   CB   C N N 135 
GLN   CG   C N N 136 
GLN   CD   C N N 137 
GLN   OE1  O N N 138 
GLN   NE2  N N N 139 
GLN   OXT  O N N 140 
GLN   H    H N N 141 
GLN   H2   H N N 142 
GLN   HA   H N N 143 
GLN   HB2  H N N 144 
GLN   HB3  H N N 145 
GLN   HG2  H N N 146 
GLN   HG3  H N N 147 
GLN   HE21 H N N 148 
GLN   HE22 H N N 149 
GLN   HXT  H N N 150 
GLU   N    N N N 151 
GLU   CA   C N S 152 
GLU   C    C N N 153 
GLU   O    O N N 154 
GLU   CB   C N N 155 
GLU   CG   C N N 156 
GLU   CD   C N N 157 
GLU   OE1  O N N 158 
GLU   OE2  O N N 159 
GLU   OXT  O N N 160 
GLU   H    H N N 161 
GLU   H2   H N N 162 
GLU   HA   H N N 163 
GLU   HB2  H N N 164 
GLU   HB3  H N N 165 
GLU   HG2  H N N 166 
GLU   HG3  H N N 167 
GLU   HE2  H N N 168 
GLU   HXT  H N N 169 
GLY   N    N N N 170 
GLY   CA   C N N 171 
GLY   C    C N N 172 
GLY   O    O N N 173 
GLY   OXT  O N N 174 
GLY   H    H N N 175 
GLY   H2   H N N 176 
GLY   HA2  H N N 177 
GLY   HA3  H N N 178 
GLY   HXT  H N N 179 
HIS   N    N N N 180 
HIS   CA   C N S 181 
HIS   C    C N N 182 
HIS   O    O N N 183 
HIS   CB   C N N 184 
HIS   CG   C Y N 185 
HIS   ND1  N Y N 186 
HIS   CD2  C Y N 187 
HIS   CE1  C Y N 188 
HIS   NE2  N Y N 189 
HIS   OXT  O N N 190 
HIS   H    H N N 191 
HIS   H2   H N N 192 
HIS   HA   H N N 193 
HIS   HB2  H N N 194 
HIS   HB3  H N N 195 
HIS   HD1  H N N 196 
HIS   HD2  H N N 197 
HIS   HE1  H N N 198 
HIS   HE2  H N N 199 
HIS   HXT  H N N 200 
HOH   O    O N N 201 
HOH   H1   H N N 202 
HOH   H2   H N N 203 
ILE   N    N N N 204 
ILE   CA   C N S 205 
ILE   C    C N N 206 
ILE   O    O N N 207 
ILE   CB   C N S 208 
ILE   CG1  C N N 209 
ILE   CG2  C N N 210 
ILE   CD1  C N N 211 
ILE   OXT  O N N 212 
ILE   H    H N N 213 
ILE   H2   H N N 214 
ILE   HA   H N N 215 
ILE   HB   H N N 216 
ILE   HG12 H N N 217 
ILE   HG13 H N N 218 
ILE   HG21 H N N 219 
ILE   HG22 H N N 220 
ILE   HG23 H N N 221 
ILE   HD11 H N N 222 
ILE   HD12 H N N 223 
ILE   HD13 H N N 224 
ILE   HXT  H N N 225 
LEU   N    N N N 226 
LEU   CA   C N S 227 
LEU   C    C N N 228 
LEU   O    O N N 229 
LEU   CB   C N N 230 
LEU   CG   C N N 231 
LEU   CD1  C N N 232 
LEU   CD2  C N N 233 
LEU   OXT  O N N 234 
LEU   H    H N N 235 
LEU   H2   H N N 236 
LEU   HA   H N N 237 
LEU   HB2  H N N 238 
LEU   HB3  H N N 239 
LEU   HG   H N N 240 
LEU   HD11 H N N 241 
LEU   HD12 H N N 242 
LEU   HD13 H N N 243 
LEU   HD21 H N N 244 
LEU   HD22 H N N 245 
LEU   HD23 H N N 246 
LEU   HXT  H N N 247 
LYS   N    N N N 248 
LYS   CA   C N S 249 
LYS   C    C N N 250 
LYS   O    O N N 251 
LYS   CB   C N N 252 
LYS   CG   C N N 253 
LYS   CD   C N N 254 
LYS   CE   C N N 255 
LYS   NZ   N N N 256 
LYS   OXT  O N N 257 
LYS   H    H N N 258 
LYS   H2   H N N 259 
LYS   HA   H N N 260 
LYS   HB2  H N N 261 
LYS   HB3  H N N 262 
LYS   HG2  H N N 263 
LYS   HG3  H N N 264 
LYS   HD2  H N N 265 
LYS   HD3  H N N 266 
LYS   HE2  H N N 267 
LYS   HE3  H N N 268 
LYS   HZ1  H N N 269 
LYS   HZ2  H N N 270 
LYS   HZ3  H N N 271 
LYS   HXT  H N N 272 
MET   N    N N N 273 
MET   CA   C N S 274 
MET   C    C N N 275 
MET   O    O N N 276 
MET   CB   C N N 277 
MET   CG   C N N 278 
MET   SD   S N N 279 
MET   CE   C N N 280 
MET   OXT  O N N 281 
MET   H    H N N 282 
MET   H2   H N N 283 
MET   HA   H N N 284 
MET   HB2  H N N 285 
MET   HB3  H N N 286 
MET   HG2  H N N 287 
MET   HG3  H N N 288 
MET   HE1  H N N 289 
MET   HE2  H N N 290 
MET   HE3  H N N 291 
MET   HXT  H N N 292 
PHE   N    N N N 293 
PHE   CA   C N S 294 
PHE   C    C N N 295 
PHE   O    O N N 296 
PHE   CB   C N N 297 
PHE   CG   C Y N 298 
PHE   CD1  C Y N 299 
PHE   CD2  C Y N 300 
PHE   CE1  C Y N 301 
PHE   CE2  C Y N 302 
PHE   CZ   C Y N 303 
PHE   OXT  O N N 304 
PHE   H    H N N 305 
PHE   H2   H N N 306 
PHE   HA   H N N 307 
PHE   HB2  H N N 308 
PHE   HB3  H N N 309 
PHE   HD1  H N N 310 
PHE   HD2  H N N 311 
PHE   HE1  H N N 312 
PHE   HE2  H N N 313 
PHE   HZ   H N N 314 
PHE   HXT  H N N 315 
SER   N    N N N 316 
SER   CA   C N S 317 
SER   C    C N N 318 
SER   O    O N N 319 
SER   CB   C N N 320 
SER   OG   O N N 321 
SER   OXT  O N N 322 
SER   H    H N N 323 
SER   H2   H N N 324 
SER   HA   H N N 325 
SER   HB2  H N N 326 
SER   HB3  H N N 327 
SER   HG   H N N 328 
SER   HXT  H N N 329 
THR   N    N N N 330 
THR   CA   C N S 331 
THR   C    C N N 332 
THR   O    O N N 333 
THR   CB   C N R 334 
THR   OG1  O N N 335 
THR   CG2  C N N 336 
THR   OXT  O N N 337 
THR   H    H N N 338 
THR   H2   H N N 339 
THR   HA   H N N 340 
THR   HB   H N N 341 
THR   HG1  H N N 342 
THR   HG21 H N N 343 
THR   HG22 H N N 344 
THR   HG23 H N N 345 
THR   HXT  H N N 346 
TRP   N    N N N 347 
TRP   CA   C N S 348 
TRP   C    C N N 349 
TRP   O    O N N 350 
TRP   CB   C N N 351 
TRP   CG   C Y N 352 
TRP   CD1  C Y N 353 
TRP   CD2  C Y N 354 
TRP   NE1  N Y N 355 
TRP   CE2  C Y N 356 
TRP   CE3  C Y N 357 
TRP   CZ2  C Y N 358 
TRP   CZ3  C Y N 359 
TRP   CH2  C Y N 360 
TRP   OXT  O N N 361 
TRP   H    H N N 362 
TRP   H2   H N N 363 
TRP   HA   H N N 364 
TRP   HB2  H N N 365 
TRP   HB3  H N N 366 
TRP   HD1  H N N 367 
TRP   HE1  H N N 368 
TRP   HE3  H N N 369 
TRP   HZ2  H N N 370 
TRP   HZ3  H N N 371 
TRP   HH2  H N N 372 
TRP   HXT  H N N 373 
TYR   N    N N N 374 
TYR   CA   C N S 375 
TYR   C    C N N 376 
TYR   O    O N N 377 
TYR   CB   C N N 378 
TYR   CG   C Y N 379 
TYR   CD1  C Y N 380 
TYR   CD2  C Y N 381 
TYR   CE1  C Y N 382 
TYR   CE2  C Y N 383 
TYR   CZ   C Y N 384 
TYR   OH   O N N 385 
TYR   OXT  O N N 386 
TYR   H    H N N 387 
TYR   H2   H N N 388 
TYR   HA   H N N 389 
TYR   HB2  H N N 390 
TYR   HB3  H N N 391 
TYR   HD1  H N N 392 
TYR   HD2  H N N 393 
TYR   HE1  H N N 394 
TYR   HE2  H N N 395 
TYR   HH   H N N 396 
TYR   HXT  H N N 397 
VAL   N    N N N 398 
VAL   CA   C N S 399 
VAL   C    C N N 400 
VAL   O    O N N 401 
VAL   CB   C N N 402 
VAL   CG1  C N N 403 
VAL   CG2  C N N 404 
VAL   OXT  O N N 405 
VAL   H    H N N 406 
VAL   H2   H N N 407 
VAL   HA   H N N 408 
VAL   HB   H N N 409 
VAL   HG11 H N N 410 
VAL   HG12 H N N 411 
VAL   HG13 H N N 412 
VAL   HG21 H N N 413 
VAL   HG22 H N N 414 
VAL   HG23 H N N 415 
VAL   HXT  H N N 416 
# 
loop_
_chem_comp_bond.comp_id 
_chem_comp_bond.atom_id_1 
_chem_comp_bond.atom_id_2 
_chem_comp_bond.value_order 
_chem_comp_bond.pdbx_aromatic_flag 
_chem_comp_bond.pdbx_stereo_config 
_chem_comp_bond.pdbx_ordinal 
A1CK0 C01 C02  doub N E 1   
A1CK0 C02 C03  sing N N 2   
A1CK0 C01 C06  sing N N 3   
A1CK0 C07 C08  doub Y N 4   
A1CK0 C08 C09  sing Y N 5   
A1CK0 C09 C10  doub Y N 6   
A1CK0 C10 C11  sing Y N 7   
A1CK0 C11 C12  doub Y N 8   
A1CK0 C12 C07  sing Y N 9   
A1CK0 C11 C01  sing N N 10  
A1CK0 C13 C14  doub Y N 11  
A1CK0 C14 S15  sing Y N 12  
A1CK0 S15 C16  sing Y N 13  
A1CK0 C16 C17  doub Y N 14  
A1CK0 C17 C13  sing Y N 15  
A1CK0 C16 C08  sing N N 16  
A1CK0 C14 N18  sing N N 17  
A1CK0 N18 C19  sing N N 18  
A1CK0 N18 C20  sing N N 19  
A1CK0 C10 H27  sing N N 20  
A1CK0 C13 H29  sing N N 21  
A1CK0 C12 H28  sing N N 22  
A1CK0 C02 H21  sing N N 23  
A1CK0 C03 H05  sing N N 24  
A1CK0 C06 H23  sing N N 25  
A1CK0 C06 H24  sing N N 26  
A1CK0 C06 H22  sing N N 27  
A1CK0 C07 H25  sing N N 28  
A1CK0 C09 H26  sing N N 29  
A1CK0 C17 H30  sing N N 30  
A1CK0 C19 H32  sing N N 31  
A1CK0 C19 H33  sing N N 32  
A1CK0 C19 H31  sing N N 33  
A1CK0 C20 H34  sing N N 34  
A1CK0 C20 H35  sing N N 35  
A1CK0 C20 H36  sing N N 36  
A1CK0 C03 O1   doub N N 37  
ACT   C   O    doub N N 38  
ACT   C   OXT  sing N N 39  
ACT   C   CH3  sing N N 40  
ACT   CH3 H1   sing N N 41  
ACT   CH3 H2   sing N N 42  
ACT   CH3 H3   sing N N 43  
ALA   N   CA   sing N N 44  
ALA   N   H    sing N N 45  
ALA   N   H2   sing N N 46  
ALA   CA  C    sing N N 47  
ALA   CA  CB   sing N N 48  
ALA   CA  HA   sing N N 49  
ALA   C   O    doub N N 50  
ALA   C   OXT  sing N N 51  
ALA   CB  HB1  sing N N 52  
ALA   CB  HB2  sing N N 53  
ALA   CB  HB3  sing N N 54  
ALA   OXT HXT  sing N N 55  
ARG   N   CA   sing N N 56  
ARG   N   H    sing N N 57  
ARG   N   H2   sing N N 58  
ARG   CA  C    sing N N 59  
ARG   CA  CB   sing N N 60  
ARG   CA  HA   sing N N 61  
ARG   C   O    doub N N 62  
ARG   C   OXT  sing N N 63  
ARG   CB  CG   sing N N 64  
ARG   CB  HB2  sing N N 65  
ARG   CB  HB3  sing N N 66  
ARG   CG  CD   sing N N 67  
ARG   CG  HG2  sing N N 68  
ARG   CG  HG3  sing N N 69  
ARG   CD  NE   sing N N 70  
ARG   CD  HD2  sing N N 71  
ARG   CD  HD3  sing N N 72  
ARG   NE  CZ   sing N N 73  
ARG   NE  HE   sing N N 74  
ARG   CZ  NH1  sing N N 75  
ARG   CZ  NH2  doub N N 76  
ARG   NH1 HH11 sing N N 77  
ARG   NH1 HH12 sing N N 78  
ARG   NH2 HH21 sing N N 79  
ARG   NH2 HH22 sing N N 80  
ARG   OXT HXT  sing N N 81  
ASN   N   CA   sing N N 82  
ASN   N   H    sing N N 83  
ASN   N   H2   sing N N 84  
ASN   CA  C    sing N N 85  
ASN   CA  CB   sing N N 86  
ASN   CA  HA   sing N N 87  
ASN   C   O    doub N N 88  
ASN   C   OXT  sing N N 89  
ASN   CB  CG   sing N N 90  
ASN   CB  HB2  sing N N 91  
ASN   CB  HB3  sing N N 92  
ASN   CG  OD1  doub N N 93  
ASN   CG  ND2  sing N N 94  
ASN   ND2 HD21 sing N N 95  
ASN   ND2 HD22 sing N N 96  
ASN   OXT HXT  sing N N 97  
ASP   N   CA   sing N N 98  
ASP   N   H    sing N N 99  
ASP   N   H2   sing N N 100 
ASP   CA  C    sing N N 101 
ASP   CA  CB   sing N N 102 
ASP   CA  HA   sing N N 103 
ASP   C   O    doub N N 104 
ASP   C   OXT  sing N N 105 
ASP   CB  CG   sing N N 106 
ASP   CB  HB2  sing N N 107 
ASP   CB  HB3  sing N N 108 
ASP   CG  OD1  doub N N 109 
ASP   CG  OD2  sing N N 110 
ASP   OD2 HD2  sing N N 111 
ASP   OXT HXT  sing N N 112 
CYS   N   CA   sing N N 113 
CYS   N   H    sing N N 114 
CYS   N   H2   sing N N 115 
CYS   CA  C    sing N N 116 
CYS   CA  CB   sing N N 117 
CYS   CA  HA   sing N N 118 
CYS   C   O    doub N N 119 
CYS   C   OXT  sing N N 120 
CYS   CB  SG   sing N N 121 
CYS   CB  HB2  sing N N 122 
CYS   CB  HB3  sing N N 123 
CYS   SG  HG   sing N N 124 
CYS   OXT HXT  sing N N 125 
GLN   N   CA   sing N N 126 
GLN   N   H    sing N N 127 
GLN   N   H2   sing N N 128 
GLN   CA  C    sing N N 129 
GLN   CA  CB   sing N N 130 
GLN   CA  HA   sing N N 131 
GLN   C   O    doub N N 132 
GLN   C   OXT  sing N N 133 
GLN   CB  CG   sing N N 134 
GLN   CB  HB2  sing N N 135 
GLN   CB  HB3  sing N N 136 
GLN   CG  CD   sing N N 137 
GLN   CG  HG2  sing N N 138 
GLN   CG  HG3  sing N N 139 
GLN   CD  OE1  doub N N 140 
GLN   CD  NE2  sing N N 141 
GLN   NE2 HE21 sing N N 142 
GLN   NE2 HE22 sing N N 143 
GLN   OXT HXT  sing N N 144 
GLU   N   CA   sing N N 145 
GLU   N   H    sing N N 146 
GLU   N   H2   sing N N 147 
GLU   CA  C    sing N N 148 
GLU   CA  CB   sing N N 149 
GLU   CA  HA   sing N N 150 
GLU   C   O    doub N N 151 
GLU   C   OXT  sing N N 152 
GLU   CB  CG   sing N N 153 
GLU   CB  HB2  sing N N 154 
GLU   CB  HB3  sing N N 155 
GLU   CG  CD   sing N N 156 
GLU   CG  HG2  sing N N 157 
GLU   CG  HG3  sing N N 158 
GLU   CD  OE1  doub N N 159 
GLU   CD  OE2  sing N N 160 
GLU   OE2 HE2  sing N N 161 
GLU   OXT HXT  sing N N 162 
GLY   N   CA   sing N N 163 
GLY   N   H    sing N N 164 
GLY   N   H2   sing N N 165 
GLY   CA  C    sing N N 166 
GLY   CA  HA2  sing N N 167 
GLY   CA  HA3  sing N N 168 
GLY   C   O    doub N N 169 
GLY   C   OXT  sing N N 170 
GLY   OXT HXT  sing N N 171 
HIS   N   CA   sing N N 172 
HIS   N   H    sing N N 173 
HIS   N   H2   sing N N 174 
HIS   CA  C    sing N N 175 
HIS   CA  CB   sing N N 176 
HIS   CA  HA   sing N N 177 
HIS   C   O    doub N N 178 
HIS   C   OXT  sing N N 179 
HIS   CB  CG   sing N N 180 
HIS   CB  HB2  sing N N 181 
HIS   CB  HB3  sing N N 182 
HIS   CG  ND1  sing Y N 183 
HIS   CG  CD2  doub Y N 184 
HIS   ND1 CE1  doub Y N 185 
HIS   ND1 HD1  sing N N 186 
HIS   CD2 NE2  sing Y N 187 
HIS   CD2 HD2  sing N N 188 
HIS   CE1 NE2  sing Y N 189 
HIS   CE1 HE1  sing N N 190 
HIS   NE2 HE2  sing N N 191 
HIS   OXT HXT  sing N N 192 
HOH   O   H1   sing N N 193 
HOH   O   H2   sing N N 194 
ILE   N   CA   sing N N 195 
ILE   N   H    sing N N 196 
ILE   N   H2   sing N N 197 
ILE   CA  C    sing N N 198 
ILE   CA  CB   sing N N 199 
ILE   CA  HA   sing N N 200 
ILE   C   O    doub N N 201 
ILE   C   OXT  sing N N 202 
ILE   CB  CG1  sing N N 203 
ILE   CB  CG2  sing N N 204 
ILE   CB  HB   sing N N 205 
ILE   CG1 CD1  sing N N 206 
ILE   CG1 HG12 sing N N 207 
ILE   CG1 HG13 sing N N 208 
ILE   CG2 HG21 sing N N 209 
ILE   CG2 HG22 sing N N 210 
ILE   CG2 HG23 sing N N 211 
ILE   CD1 HD11 sing N N 212 
ILE   CD1 HD12 sing N N 213 
ILE   CD1 HD13 sing N N 214 
ILE   OXT HXT  sing N N 215 
LEU   N   CA   sing N N 216 
LEU   N   H    sing N N 217 
LEU   N   H2   sing N N 218 
LEU   CA  C    sing N N 219 
LEU   CA  CB   sing N N 220 
LEU   CA  HA   sing N N 221 
LEU   C   O    doub N N 222 
LEU   C   OXT  sing N N 223 
LEU   CB  CG   sing N N 224 
LEU   CB  HB2  sing N N 225 
LEU   CB  HB3  sing N N 226 
LEU   CG  CD1  sing N N 227 
LEU   CG  CD2  sing N N 228 
LEU   CG  HG   sing N N 229 
LEU   CD1 HD11 sing N N 230 
LEU   CD1 HD12 sing N N 231 
LEU   CD1 HD13 sing N N 232 
LEU   CD2 HD21 sing N N 233 
LEU   CD2 HD22 sing N N 234 
LEU   CD2 HD23 sing N N 235 
LEU   OXT HXT  sing N N 236 
LYS   N   CA   sing N N 237 
LYS   N   H    sing N N 238 
LYS   N   H2   sing N N 239 
LYS   CA  C    sing N N 240 
LYS   CA  CB   sing N N 241 
LYS   CA  HA   sing N N 242 
LYS   C   O    doub N N 243 
LYS   C   OXT  sing N N 244 
LYS   CB  CG   sing N N 245 
LYS   CB  HB2  sing N N 246 
LYS   CB  HB3  sing N N 247 
LYS   CG  CD   sing N N 248 
LYS   CG  HG2  sing N N 249 
LYS   CG  HG3  sing N N 250 
LYS   CD  CE   sing N N 251 
LYS   CD  HD2  sing N N 252 
LYS   CD  HD3  sing N N 253 
LYS   CE  NZ   sing N N 254 
LYS   CE  HE2  sing N N 255 
LYS   CE  HE3  sing N N 256 
LYS   NZ  HZ1  sing N N 257 
LYS   NZ  HZ2  sing N N 258 
LYS   NZ  HZ3  sing N N 259 
LYS   OXT HXT  sing N N 260 
MET   N   CA   sing N N 261 
MET   N   H    sing N N 262 
MET   N   H2   sing N N 263 
MET   CA  C    sing N N 264 
MET   CA  CB   sing N N 265 
MET   CA  HA   sing N N 266 
MET   C   O    doub N N 267 
MET   C   OXT  sing N N 268 
MET   CB  CG   sing N N 269 
MET   CB  HB2  sing N N 270 
MET   CB  HB3  sing N N 271 
MET   CG  SD   sing N N 272 
MET   CG  HG2  sing N N 273 
MET   CG  HG3  sing N N 274 
MET   SD  CE   sing N N 275 
MET   CE  HE1  sing N N 276 
MET   CE  HE2  sing N N 277 
MET   CE  HE3  sing N N 278 
MET   OXT HXT  sing N N 279 
PHE   N   CA   sing N N 280 
PHE   N   H    sing N N 281 
PHE   N   H2   sing N N 282 
PHE   CA  C    sing N N 283 
PHE   CA  CB   sing N N 284 
PHE   CA  HA   sing N N 285 
PHE   C   O    doub N N 286 
PHE   C   OXT  sing N N 287 
PHE   CB  CG   sing N N 288 
PHE   CB  HB2  sing N N 289 
PHE   CB  HB3  sing N N 290 
PHE   CG  CD1  doub Y N 291 
PHE   CG  CD2  sing Y N 292 
PHE   CD1 CE1  sing Y N 293 
PHE   CD1 HD1  sing N N 294 
PHE   CD2 CE2  doub Y N 295 
PHE   CD2 HD2  sing N N 296 
PHE   CE1 CZ   doub Y N 297 
PHE   CE1 HE1  sing N N 298 
PHE   CE2 CZ   sing Y N 299 
PHE   CE2 HE2  sing N N 300 
PHE   CZ  HZ   sing N N 301 
PHE   OXT HXT  sing N N 302 
SER   N   CA   sing N N 303 
SER   N   H    sing N N 304 
SER   N   H2   sing N N 305 
SER   CA  C    sing N N 306 
SER   CA  CB   sing N N 307 
SER   CA  HA   sing N N 308 
SER   C   O    doub N N 309 
SER   C   OXT  sing N N 310 
SER   CB  OG   sing N N 311 
SER   CB  HB2  sing N N 312 
SER   CB  HB3  sing N N 313 
SER   OG  HG   sing N N 314 
SER   OXT HXT  sing N N 315 
THR   N   CA   sing N N 316 
THR   N   H    sing N N 317 
THR   N   H2   sing N N 318 
THR   CA  C    sing N N 319 
THR   CA  CB   sing N N 320 
THR   CA  HA   sing N N 321 
THR   C   O    doub N N 322 
THR   C   OXT  sing N N 323 
THR   CB  OG1  sing N N 324 
THR   CB  CG2  sing N N 325 
THR   CB  HB   sing N N 326 
THR   OG1 HG1  sing N N 327 
THR   CG2 HG21 sing N N 328 
THR   CG2 HG22 sing N N 329 
THR   CG2 HG23 sing N N 330 
THR   OXT HXT  sing N N 331 
TRP   N   CA   sing N N 332 
TRP   N   H    sing N N 333 
TRP   N   H2   sing N N 334 
TRP   CA  C    sing N N 335 
TRP   CA  CB   sing N N 336 
TRP   CA  HA   sing N N 337 
TRP   C   O    doub N N 338 
TRP   C   OXT  sing N N 339 
TRP   CB  CG   sing N N 340 
TRP   CB  HB2  sing N N 341 
TRP   CB  HB3  sing N N 342 
TRP   CG  CD1  doub Y N 343 
TRP   CG  CD2  sing Y N 344 
TRP   CD1 NE1  sing Y N 345 
TRP   CD1 HD1  sing N N 346 
TRP   CD2 CE2  doub Y N 347 
TRP   CD2 CE3  sing Y N 348 
TRP   NE1 CE2  sing Y N 349 
TRP   NE1 HE1  sing N N 350 
TRP   CE2 CZ2  sing Y N 351 
TRP   CE3 CZ3  doub Y N 352 
TRP   CE3 HE3  sing N N 353 
TRP   CZ2 CH2  doub Y N 354 
TRP   CZ2 HZ2  sing N N 355 
TRP   CZ3 CH2  sing Y N 356 
TRP   CZ3 HZ3  sing N N 357 
TRP   CH2 HH2  sing N N 358 
TRP   OXT HXT  sing N N 359 
TYR   N   CA   sing N N 360 
TYR   N   H    sing N N 361 
TYR   N   H2   sing N N 362 
TYR   CA  C    sing N N 363 
TYR   CA  CB   sing N N 364 
TYR   CA  HA   sing N N 365 
TYR   C   O    doub N N 366 
TYR   C   OXT  sing N N 367 
TYR   CB  CG   sing N N 368 
TYR   CB  HB2  sing N N 369 
TYR   CB  HB3  sing N N 370 
TYR   CG  CD1  doub Y N 371 
TYR   CG  CD2  sing Y N 372 
TYR   CD1 CE1  sing Y N 373 
TYR   CD1 HD1  sing N N 374 
TYR   CD2 CE2  doub Y N 375 
TYR   CD2 HD2  sing N N 376 
TYR   CE1 CZ   doub Y N 377 
TYR   CE1 HE1  sing N N 378 
TYR   CE2 CZ   sing Y N 379 
TYR   CE2 HE2  sing N N 380 
TYR   CZ  OH   sing N N 381 
TYR   OH  HH   sing N N 382 
TYR   OXT HXT  sing N N 383 
VAL   N   CA   sing N N 384 
VAL   N   H    sing N N 385 
VAL   N   H2   sing N N 386 
VAL   CA  C    sing N N 387 
VAL   CA  CB   sing N N 388 
VAL   CA  HA   sing N N 389 
VAL   C   O    doub N N 390 
VAL   C   OXT  sing N N 391 
VAL   CB  CG1  sing N N 392 
VAL   CB  CG2  sing N N 393 
VAL   CB  HB   sing N N 394 
VAL   CG1 HG11 sing N N 395 
VAL   CG1 HG12 sing N N 396 
VAL   CG1 HG13 sing N N 397 
VAL   CG2 HG21 sing N N 398 
VAL   CG2 HG22 sing N N 399 
VAL   CG2 HG23 sing N N 400 
VAL   OXT HXT  sing N N 401 
# 
_pdbx_audit_support.funding_organization   
'National Institutes of Health/National Institute of Biomedical Imaging and Bioengineering (NIH/NIBIB)' 
_pdbx_audit_support.country                'United States' 
_pdbx_audit_support.grant_number           ? 
_pdbx_audit_support.ordinal                1 
# 
_pdbx_initial_refinement_model.id               1 
_pdbx_initial_refinement_model.entity_id_list   ? 
_pdbx_initial_refinement_model.type             'experimental model' 
_pdbx_initial_refinement_model.source_name      PDB 
_pdbx_initial_refinement_model.accession_code   4QYP 
_pdbx_initial_refinement_model.details          ? 
# 
_space_group.crystal_system   monoclinic 
_space_group.name_H-M_alt     'C 1 2 1' 
_space_group.IT_number        5 
_space_group.name_Hall        'C 2y' 
_space_group.id               1 
# 
_atom_sites.entry_id                    9PT1 
_atom_sites.Cartn_transf_matrix[1][1]   ? 
_atom_sites.Cartn_transf_matrix[1][2]   ? 
_atom_sites.Cartn_transf_matrix[1][3]   ? 
_atom_sites.Cartn_transf_matrix[2][1]   ? 
_atom_sites.Cartn_transf_matrix[2][2]   ? 
_atom_sites.Cartn_transf_matrix[2][3]   ? 
_atom_sites.Cartn_transf_matrix[3][1]   ? 
_atom_sites.Cartn_transf_matrix[3][2]   ? 
_atom_sites.Cartn_transf_matrix[3][3]   ? 
_atom_sites.Cartn_transf_vector[1]      ? 
_atom_sites.Cartn_transf_vector[2]      ? 
_atom_sites.Cartn_transf_vector[3]      ? 
_atom_sites.Cartn_transform_axes        ? 
_atom_sites.fract_transf_matrix[1][1]   0.02246971 
_atom_sites.fract_transf_matrix[1][2]   -0.01998065 
_atom_sites.fract_transf_matrix[1][3]   -0.01591120 
_atom_sites.fract_transf_matrix[2][1]   -0.01066072 
_atom_sites.fract_transf_matrix[2][2]   -0.00436032 
_atom_sites.fract_transf_matrix[2][3]   -0.00957951 
_atom_sites.fract_transf_matrix[3][1]   0.00380914 
_atom_sites.fract_transf_matrix[3][2]   0.01172366 
_atom_sites.fract_transf_matrix[3][3]   -0.00957534 
_atom_sites.fract_transf_vector[1]      0.102824 
_atom_sites.fract_transf_vector[2]      0.258181 
_atom_sites.fract_transf_vector[3]      0.242512 
_atom_sites.solution_primary            ? 
_atom_sites.solution_secondary          ? 
_atom_sites.solution_hydrogens          ? 
_atom_sites.special_details             ? 
# 
loop_
_atom_type.symbol 
C 
H 
N 
O 
S 
# 
loop_
_atom_site.group_PDB 
_atom_site.id 
_atom_site.type_symbol 
_atom_site.label_atom_id 
_atom_site.label_alt_id 
_atom_site.label_comp_id 
_atom_site.label_asym_id 
_atom_site.label_entity_id 
_atom_site.label_seq_id 
_atom_site.pdbx_PDB_ins_code 
_atom_site.Cartn_x 
_atom_site.Cartn_y 
_atom_site.Cartn_z 
_atom_site.occupancy 
_atom_site.B_iso_or_equiv 
_atom_site.pdbx_formal_charge 
_atom_site.auth_seq_id 
_atom_site.auth_comp_id 
_atom_site.auth_asym_id 
_atom_site.auth_atom_id 
_atom_site.pdbx_PDB_model_num 
ATOM   1    N N   . THR   A 1 1   ? -1.77870  15.71676  10.19511  1.000 31.24000 ? 1   THR   A N   1 
ATOM   2    C CA  . THR   A 1 1   ? -0.33434  15.54018  10.14595  1.000 21.81000 ? 1   THR   A CA  1 
ATOM   3    C C   . THR   A 1 1   ? 0.09385   14.74911  8.92228   1.000 20.31000 ? 1   THR   A C   1 
ATOM   4    O O   . THR   A 1 1   ? -0.55750  13.78551  8.52503   1.000 21.35000 ? 1   THR   A O   1 
ATOM   5    C CB  . THR   A 1 1   ? 0.21974   14.85528  11.42527  1.000 24.05000 ? 1   THR   A CB  1 
ATOM   6    O OG1 . THR   A 1 1   ? 1.64935   14.78105  11.35375  1.000 28.74000 ? 1   THR   A OG1 1 
ATOM   7    C CG2 . THR   A 1 1   ? -0.35120  13.45554  11.59212  1.000 25.35000 ? 1   THR   A CG2 1 
ATOM   8    N N   . ARG   A 1 2   ? 1.19744   15.17700  8.32353   1.000 17.94000 ? 2   ARG   A N   1 
ATOM   9    C CA  . ARG   A 1 2   ? 1.82458   14.45861  7.22071   1.000 19.53000 ? 2   ARG   A CA  1 
ATOM   10   C C   . ARG   A 1 2   ? 2.87205   13.45467  7.69112   1.000 21.36000 ? 2   ARG   A C   1 
ATOM   11   O O   . ARG   A 1 2   ? 3.48367   12.77537  6.86147   1.000 21.47000 ? 2   ARG   A O   1 
ATOM   12   C CB  . ARG   A 1 2   ? 2.41082   15.44600  6.21113   1.000 18.50000 ? 2   ARG   A CB  1 
ATOM   13   C CG  . ARG   A 1 2   ? 1.33986   16.12496  5.36118   1.000 17.11000 ? 2   ARG   A CG  1 
ATOM   14   C CD  . ARG   A 1 2   ? 1.89863   17.06290  4.30459   1.000 16.10000 ? 2   ARG   A CD  1 
ATOM   15   N NE  . ARG   A 1 2   ? 0.82024   17.61737  3.48673   1.000 13.46000 ? 2   ARG   A NE  1 
ATOM   16   C CZ  . ARG   A 1 2   ? 0.84549   18.80308  2.87826   1.000 16.08000 ? 2   ARG   A CZ  1 
ATOM   17   N NH1 . ARG   A 1 2   ? 1.90694   19.60351  2.97316   1.000 20.63000 ? 2   ARG   A NH1 1 
ATOM   18   N NH2 . ARG   A 1 2   ? -0.20096  19.19411  2.16805   1.000 16.00000 ? 2   ARG   A NH2 1 
ATOM   19   N N   . ASP   A 1 3   ? 3.06358   13.31559  8.99568   1.000 17.09000 ? 3   ASP   A N   1 
ATOM   20   C CA  . ASP   A 1 3   ? 4.07600   12.41683  9.53855   1.000 16.75000 ? 3   ASP   A CA  1 
ATOM   21   C C   . ASP   A 1 3   ? 3.48411   11.01651  9.69145   1.000 15.04000 ? 3   ASP   A C   1 
ATOM   22   O O   . ASP   A 1 3   ? 2.65787   10.77332  10.57777  1.000 17.73000 ? 3   ASP   A O   1 
ATOM   23   C CB  . ASP   A 1 3   ? 4.58097   12.95972  10.87196  1.000 17.55000 ? 3   ASP   A CB  1 
ATOM   24   C CG  . ASP   A 1 3   ? 5.87928   12.31673  11.30866  1.000 20.92000 ? 3   ASP   A CG  1 
ATOM   25   O OD1 . ASP   A 1 3   ? 6.14114   11.15322  10.93538  1.000 19.15000 ? 3   ASP   A OD1 1 
ATOM   26   O OD2 . ASP   A 1 3   ? 6.65384   12.99056  12.02286  1.000 22.34000 ? 3   ASP   A OD2 1 
ATOM   27   N N   . GLN   A 1 4   ? 3.92828   10.08733  8.83971   1.000 14.16000 ? 4   GLN   A N   1 
ATOM   28   C CA  . GLN   A 1 4   ? 3.48132   8.70093   8.87660   1.000 13.07000 ? 4   GLN   A CA  1 
ATOM   29   C C   . GLN   A 1 4   ? 4.56412   7.73663   9.34439   1.000 13.19000 ? 4   GLN   A C   1 
ATOM   30   O O   . GLN   A 1 4   ? 4.42212   6.52176   9.18119   1.000 12.78000 ? 4   GLN   A O   1 
ATOM   31   C CB  . GLN   A 1 4   ? 2.93646   8.29723   7.50701   1.000 12.94000 ? 4   GLN   A CB  1 
ATOM   32   C CG  . GLN   A 1 4   ? 1.83034   9.23690   7.07639   1.000 15.21000 ? 4   GLN   A CG  1 
ATOM   33   C CD  . GLN   A 1 4   ? 1.15887   8.81675   5.78952   1.000 13.44000 ? 4   GLN   A CD  1 
ATOM   34   O OE1 . GLN   A 1 4   ? 1.63959   7.92899   5.08780   1.000 14.95000 ? 4   GLN   A OE1 1 
ATOM   35   N NE2 . GLN   A 1 4   ? 0.03787   9.45514   5.48130   1.000 13.48000 ? 4   GLN   A NE2 1 
ATOM   36   N N   . ASN   A 1 5   ? 5.64069   8.25096   9.92802   1.000 13.38000 ? 5   ASN   A N   1 
ATOM   37   C CA  A ASN   A 1 5   ? 6.72458   7.41356   10.42285  0.590 14.17000 ? 5   ASN   A CA  1 
ATOM   38   C CA  B ASN   A 1 5   ? 6.71863   7.39024   10.38378  0.410 14.11000 ? 5   ASN   A CA  1 
ATOM   39   C C   . ASN   A 1 5   ? 6.21444   6.39671   11.43152  1.000 14.59000 ? 5   ASN   A C   1 
ATOM   40   O O   . ASN   A 1 5   ? 5.38227   6.72217   12.28141  1.000 17.74000 ? 5   ASN   A O   1 
ATOM   41   C CB  A ASN   A 1 5   ? 7.69276   8.30603   11.18018  0.590 15.91000 ? 5   ASN   A CB  1 
ATOM   42   C CB  B ASN   A 1 5   ? 7.83513   8.26034   10.97060  0.410 16.06000 ? 5   ASN   A CB  1 
ATOM   43   C CG  A ASN   A 1 5   ? 8.83007   8.74353   10.34090  0.590 12.12000 ? 5   ASN   A CG  1 
ATOM   44   C CG  B ASN   A 1 5   ? 9.19230   7.58283   10.93527  0.410 14.23000 ? 5   ASN   A CG  1 
ATOM   45   O OD1 A ASN   A 1 5   ? 9.68119   7.94066   9.96872   0.590 13.65000 ? 5   ASN   A OD1 1 
ATOM   46   O OD1 B ASN   A 1 5   ? 9.71468   7.24250   9.87547   0.410 13.41000 ? 5   ASN   A OD1 1 
ATOM   47   N ND2 A ASN   A 1 5   ? 8.86208   10.03197  10.02064  0.590 15.41000 ? 5   ASN   A ND2 1 
ATOM   48   N ND2 B ASN   A 1 5   ? 9.76986   7.38286   12.10692  0.410 13.20000 ? 5   ASN   A ND2 1 
ATOM   49   N N   . GLY   A 1 6   ? 6.72834   5.17969   11.36196  1.000 14.29000 ? 6   GLY   A N   1 
ATOM   50   C CA  . GLY   A 1 6   ? 6.42892   4.23127   12.42087  1.000 16.83000 ? 6   GLY   A CA  1 
ATOM   51   C C   . GLY   A 1 6   ? 6.37514   2.80061   11.93400  1.000 14.59000 ? 6   GLY   A C   1 
ATOM   52   O O   . GLY   A 1 6   ? 6.39444   2.50751   10.74167  1.000 13.39000 ? 6   GLY   A O   1 
ATOM   53   N N   . THR   A 1 7   ? 6.29553   1.90226   12.90692  1.000 14.80000 ? 7   THR   A N   1 
ATOM   54   C CA  . THR   A 1 7   ? 5.94806   0.51026   12.66517  1.000 14.37000 ? 7   THR   A CA  1 
ATOM   55   C C   . THR   A 1 7   ? 4.46129   0.36093   12.95209  1.000 14.49000 ? 7   THR   A C   1 
ATOM   56   O O   . THR   A 1 7   ? 4.01098   0.65009   14.06757  1.000 17.43000 ? 7   THR   A O   1 
ATOM   57   C CB  . THR   A 1 7   ? 6.75519   -0.41091  13.57493  1.000 17.34000 ? 7   THR   A CB  1 
ATOM   58   O OG1 . THR   A 1 7   ? 8.15000   -0.26826  13.28235  1.000 18.28000 ? 7   THR   A OG1 1 
ATOM   59   C CG2 . THR   A 1 7   ? 6.35436   -1.84887  13.32904  1.000 17.23000 ? 7   THR   A CG2 1 
ATOM   60   N N   . TRP   A 1 8   ? 3.70203   -0.07498  11.94681  1.000 12.34000 ? 8   TRP   A N   1 
ATOM   61   C CA  . TRP   A 1 8   ? 2.24596   -0.06607  11.99304  1.000 11.75000 ? 8   TRP   A CA  1 
ATOM   62   C C   . TRP   A 1 8   ? 1.75051   -1.50071  11.93852  1.000 13.19000 ? 8   TRP   A C   1 
ATOM   63   O O   . TRP   A 1 8   ? 2.08590   -2.23611  11.01017  1.000 13.28000 ? 8   TRP   A O   1 
ATOM   64   C CB  . TRP   A 1 8   ? 1.69774   0.74142   10.81561  1.000 11.09000 ? 8   TRP   A CB  1 
ATOM   65   C CG  . TRP   A 1 8   ? 2.10544   2.20081   10.83455  1.000 10.85000 ? 8   TRP   A CG  1 
ATOM   66   C CD1 . TRP   A 1 8   ? 3.14518   2.77484   10.14806  1.000 12.21000 ? 8   TRP   A CD1 1 
ATOM   67   C CD2 . TRP   A 1 8   ? 1.48547   3.25540   11.58244  1.000 11.20000 ? 8   TRP   A CD2 1 
ATOM   68   N NE1 . TRP   A 1 8   ? 3.19675   4.12758   10.41639  1.000 13.25000 ? 8   TRP   A NE1 1 
ATOM   69   C CE2 . TRP   A 1 8   ? 2.19320   4.44729   11.29541  1.000 13.48000 ? 8   TRP   A CE2 1 
ATOM   70   C CE3 . TRP   A 1 8   ? 0.39916   3.30831   12.46701  1.000 13.10000 ? 8   TRP   A CE3 1 
ATOM   71   C CZ2 . TRP   A 1 8   ? 1.83814   5.68197   11.85731  1.000 13.85000 ? 8   TRP   A CZ2 1 
ATOM   72   C CZ3 . TRP   A 1 8   ? 0.04347   4.53910   13.01575  1.000 13.84000 ? 8   TRP   A CZ3 1 
ATOM   73   C CH2 . TRP   A 1 8   ? 0.76460   5.69976   12.71864  1.000 12.78000 ? 8   TRP   A CH2 1 
ATOM   74   N N   . GLU   A 1 9   ? 0.99251   -1.90736  12.94528  1.000 12.81000 ? 9   GLU   A N   1 
ATOM   75   C CA  . GLU   A 1 9   ? 0.49561   -3.27253  13.04371  1.000 12.51000 ? 9   GLU   A CA  1 
ATOM   76   C C   . GLU   A 1 9   ? -0.98877  -3.29196  12.72775  1.000 10.87000 ? 9   GLU   A C   1 
ATOM   77   O O   . GLU   A 1 9   ? -1.76034  -2.49925  13.27563  1.000 11.94000 ? 9   GLU   A O   1 
ATOM   78   C CB  . GLU   A 1 9   ? 0.74349   -3.83791  14.44048  1.000 13.46000 ? 9   GLU   A CB  1 
ATOM   79   C CG  . GLU   A 1 9   ? 2.14103   -3.57945  14.94446  1.000 21.92000 ? 9   GLU   A CG  1 
ATOM   80   C CD  . GLU   A 1 9   ? 2.51400   -4.49681  16.08231  1.000 32.55000 ? 9   GLU   A CD  1 
ATOM   81   O OE1 . GLU   A 1 9   ? 1.70024   -4.64136  17.01774  1.000 38.08000 ? 9   GLU   A OE1 1 
ATOM   82   O OE2 . GLU   A 1 9   ? 3.62075   -5.07018  16.03900  1.000 38.07000 ? 9   GLU   A OE2 1 
ATOM   83   N N   . MET   A 1 10  ? -1.38488  -4.19036  11.83535  1.000 11.18000 ? 10  MET   A N   1 
ATOM   84   C CA  . MET   A 1 10  ? -2.76636  -4.19575  11.36722  1.000 12.05000 ? 10  MET   A CA  1 
ATOM   85   C C   . MET   A 1 10  ? -3.74552  -4.48897  12.49497  1.000 11.59000 ? 10  MET   A C   1 
ATOM   86   O O   . MET   A 1 10  ? -3.53541  -5.39392  13.31423  1.000 13.71000 ? 10  MET   A O   1 
ATOM   87   C CB  . MET   A 1 10  ? -2.93015  -5.25338  10.27937  1.000 14.48000 ? 10  MET   A CB  1 
ATOM   88   C CG  . MET   A 1 10  ? -4.37862  -5.55128  9.88288   1.000 13.20000 ? 10  MET   A CG  1 
ATOM   89   S SD  . MET   A 1 10  ? -4.40991  -6.68103  8.46928   1.000 14.55000 ? 10  MET   A SD  1 
ATOM   90   C CE  . MET   A 1 10  ? -4.18318  -5.53418  7.12884   1.000 14.89000 ? 10  MET   A CE  1 
ATOM   91   N N   . GLU   A 1 11  ? -4.83683  -3.72406  12.52462  1.000 11.54000 ? 11  GLU   A N   1 
ATOM   92   C CA  . GLU   A 1 11  ? -5.97078  -4.10586  13.35356  1.000 11.17000 ? 11  GLU   A CA  1 
ATOM   93   C C   . GLU   A 1 11  ? -7.22906  -4.44397  12.57760  1.000 11.57000 ? 11  GLU   A C   1 
ATOM   94   O O   . GLU   A 1 11  ? -8.06034  -5.18608  13.10861  1.000 12.04000 ? 11  GLU   A O   1 
ATOM   95   C CB  . GLU   A 1 11  ? -6.27016  -3.07975  14.45982  1.000 21.62000 ? 11  GLU   A CB  1 
ATOM   96   C CG  . GLU   A 1 11  ? -6.48570  -1.66306  14.05954  1.000 24.17000 ? 11  GLU   A CG  1 
ATOM   97   C CD  . GLU   A 1 11  ? -6.65444  -0.77236  15.29161  1.000 21.32000 ? 11  GLU   A CD  1 
ATOM   98   O OE1 . GLU   A 1 11  ? -7.57578  0.06390   15.29041  1.000 32.60000 ? 11  GLU   A OE1 1 
ATOM   99   O OE2 . GLU   A 1 11  ? -5.87805  -0.92881  16.25657  1.000 25.97000 ? 11  GLU   A OE2 1 
ATOM   100  N N   . SER   A 1 12  ? -7.37049  -3.97905  11.33329  1.000 12.57000 ? 12  SER   A N   1 
ATOM   101  C CA  . SER   A 1 12  ? -8.56447  -4.24803  10.53876  1.000 14.02000 ? 12  SER   A CA  1 
ATOM   102  C C   . SER   A 1 12  ? -8.18807  -4.35787  9.06735   1.000 12.02000 ? 12  SER   A C   1 
ATOM   103  O O   . SER   A 1 12  ? -7.32495  -3.62031  8.58743   1.000 12.67000 ? 12  SER   A O   1 
ATOM   104  C CB  . SER   A 1 12  ? -9.61424  -3.14362  10.74142  1.000 14.11000 ? 12  SER   A CB  1 
ATOM   105  O OG  . SER   A 1 12  ? -10.79886 -3.39182  10.00052  1.000 17.23000 ? 12  SER   A OG  1 
ATOM   106  N N   . ASN   A 1 13  ? -8.84476  -5.27431  8.36056   1.000 11.18000 ? 13  ASN   A N   1 
ATOM   107  C CA  . ASN   A 1 13  ? -8.59281  -5.53913  6.94493   1.000 11.90000 ? 13  ASN   A CA  1 
ATOM   108  C C   . ASN   A 1 13  ? -9.92317  -5.86596  6.28941   1.000 12.07000 ? 13  ASN   A C   1 
ATOM   109  O O   . ASN   A 1 13  ? -10.58925 -6.81699  6.69882   1.000 14.74000 ? 13  ASN   A O   1 
ATOM   110  C CB  . ASN   A 1 13  ? -7.65117  -6.74031  6.78780   1.000 11.69000 ? 13  ASN   A CB  1 
ATOM   111  C CG  . ASN   A 1 13  ? -6.93646  -6.77934  5.42844   1.000 15.06000 ? 13  ASN   A CG  1 
ATOM   112  O OD1 . ASN   A 1 13  ? -6.93736  -5.81305  4.65338   1.000 14.58000 ? 13  ASN   A OD1 1 
ATOM   113  N ND2 . ASN   A 1 13  ? -6.26556  -7.90632  5.17132   1.000 16.17000 ? 13  ASN   A ND2 1 
ATOM   114  N N   . GLU   A 1 14  ? -10.30236 -5.10981  5.26471   1.000 11.59000 ? 14  GLU   A N   1 
ATOM   115  C CA  . GLU   A 1 14  ? -11.59479 -5.27483  4.61374   1.000 13.11000 ? 14  GLU   A CA  1 
ATOM   116  C C   . GLU   A 1 14  ? -11.40176 -5.33654  3.10711   1.000 13.55000 ? 14  GLU   A C   1 
ATOM   117  O O   . GLU   A 1 14  ? -10.76715 -4.45311  2.52579   1.000 12.07000 ? 14  GLU   A O   1 
ATOM   118  C CB  . GLU   A 1 14  ? -12.52803 -4.11377  4.95493   1.000 14.18000 ? 14  GLU   A CB  1 
ATOM   119  C CG  . GLU   A 1 14  ? -13.88343 -4.20161  4.25603   1.000 18.97000 ? 14  GLU   A CG  1 
ATOM   120  C CD  . GLU   A 1 14  ? -14.72214 -2.94204  4.40497   1.000 26.68000 ? 14  GLU   A CD  1 
ATOM   121  O OE1 . GLU   A 1 14  ? -15.81228 -2.88765  3.79338   1.000 33.25000 ? 14  GLU   A OE1 1 
ATOM   122  O OE2 . GLU   A 1 14  ? -14.30229 -2.01327  5.13044   1.000 25.21000 ? 14  GLU   A OE2 1 
ATOM   123  N N   . ASN   A 1 15  ? -11.94668 -6.37764  2.48124   1.000 15.04000 ? 15  ASN   A N   1 
ATOM   124  C CA  . ASN   A 1 15  ? -11.90648 -6.55195  1.02862   1.000 13.02000 ? 15  ASN   A CA  1 
ATOM   125  C C   . ASN   A 1 15  ? -10.48671 -6.65865  0.46677   1.000 12.35000 ? 15  ASN   A C   1 
ATOM   126  O O   . ASN   A 1 15  ? -10.22921 -6.29518  -0.68273  1.000 12.42000 ? 15  ASN   A O   1 
ATOM   127  C CB  . ASN   A 1 15  ? -12.72846 -5.49743  0.28111   1.000 12.02000 ? 15  ASN   A CB  1 
ATOM   128  C CG  . ASN   A 1 15  ? -13.01358 -5.90259  -1.15322  1.000 14.84000 ? 15  ASN   A CG  1 
ATOM   129  O OD1 . ASN   A 1 15  ? -13.16803 -7.08993  -1.46210  1.000 15.71000 ? 15  ASN   A OD1 1 
ATOM   130  N ND2 . ASN   A 1 15  ? -13.06959 -4.91843  -2.04242  1.000 16.16000 ? 15  ASN   A ND2 1 
ATOM   131  N N   . PHE   A 1 16  ? -9.55674  -7.21223  1.24297   1.000 13.56000 ? 16  PHE   A N   1 
ATOM   132  C CA  . PHE   A 1 16  ? -8.23284  -7.48561  0.69321   1.000 12.43000 ? 16  PHE   A CA  1 
ATOM   133  C C   . PHE   A 1 16  ? -8.30285  -8.47088  -0.47251  1.000 14.24000 ? 16  PHE   A C   1 
ATOM   134  O O   . PHE   A 1 16  ? -7.56344  -8.33755  -1.45615  1.000 13.05000 ? 16  PHE   A O   1 
ATOM   135  C CB  . PHE   A 1 16  ? -7.33507  -8.00953  1.81078   1.000 12.09000 ? 16  PHE   A CB  1 
ATOM   136  C CG  . PHE   A 1 16  ? -5.88579  -8.09730  1.44361   1.000 11.48000 ? 16  PHE   A CG  1 
ATOM   137  C CD1 . PHE   A 1 16  ? -5.17406  -6.96305  1.08923   1.000 11.49000 ? 16  PHE   A CD1 1 
ATOM   138  C CD2 . PHE   A 1 16  ? -5.22517  -9.31327  1.47771   1.000 13.07000 ? 16  PHE   A CD2 1 
ATOM   139  C CE1 . PHE   A 1 16  ? -3.82384  -7.04822  0.75917   1.000 13.34000 ? 16  PHE   A CE1 1 
ATOM   140  C CE2 . PHE   A 1 16  ? -3.87047  -9.40158  1.14723   1.000 13.30000 ? 16  PHE   A CE2 1 
ATOM   141  C CZ  . PHE   A 1 16  ? -3.17762  -8.28267  0.79426   1.000 14.65000 ? 16  PHE   A CZ  1 
ATOM   142  N N   . GLU   A 1 17  ? -9.20611  -9.45606  -0.39976  1.000 13.48000 ? 17  GLU   A N   1 
ATOM   143  C CA  . GLU   A 1 17  ? -9.29346  -10.42728 -1.49159  1.000 16.26000 ? 17  GLU   A CA  1 
ATOM   144  C C   . GLU   A 1 17  ? -9.82228  -9.78086  -2.77211  1.000 15.29000 ? 17  GLU   A C   1 
ATOM   145  O O   . GLU   A 1 17  ? -9.38776  -10.13256 -3.87753  1.000 14.88000 ? 17  GLU   A O   1 
ATOM   146  C CB  . GLU   A 1 17  ? -10.13827 -11.64950 -1.10388  1.000 19.56000 ? 17  GLU   A CB  1 
ATOM   147  C CG  . GLU   A 1 17  ? -10.45214 -12.56180 -2.30823  1.000 26.67000 ? 17  GLU   A CG  1 
ATOM   148  C CD  . GLU   A 1 17  ? -10.55167 -14.04507 -1.96646  1.000 30.99000 ? 17  GLU   A CD  1 
ATOM   149  O OE1 . GLU   A 1 17  ? -10.89553 -14.37164 -0.81429  1.000 31.19000 ? 17  GLU   A OE1 1 
ATOM   150  O OE2 . GLU   A 1 17  ? -10.29379 -14.88774 -2.86137  1.000 29.89000 ? 17  GLU   A OE2 1 
ATOM   151  N N   . GLY   A 1 18  ? -10.74349 -8.82485  -2.65437  1.000 14.56000 ? 18  GLY   A N   1 
ATOM   152  C CA  . GLY   A 1 18  ? -11.25858 -8.17864  -3.85469  1.000 15.19000 ? 18  GLY   A CA  1 
ATOM   153  C C   . GLY   A 1 18  ? -10.18292 -7.39765  -4.57996  1.000 15.07000 ? 18  GLY   A C   1 
ATOM   154  O O   . GLY   A 1 18  ? -10.08359 -7.43688  -5.81269  1.000 15.78000 ? 18  GLY   A O   1 
ATOM   155  N N   . TRP   A 1 19  ? -9.34760  -6.69137  -3.82305  1.000 13.18000 ? 19  TRP   A N   1 
ATOM   156  C CA  . TRP   A 1 19  ? -8.22360  -5.98947  -4.42379  1.000 11.73000 ? 19  TRP   A CA  1 
ATOM   157  C C   . TRP   A 1 19  ? -7.26689  -6.96990  -5.09852  1.000 12.44000 ? 19  TRP   A C   1 
ATOM   158  O O   . TRP   A 1 19  ? -6.82106  -6.73357  -6.22770  1.000 11.44000 ? 19  TRP   A O   1 
ATOM   159  C CB  . TRP   A 1 19  ? -7.52212  -5.17248  -3.33843  1.000 11.82000 ? 19  TRP   A CB  1 
ATOM   160  C CG  . TRP   A 1 19  ? -6.23695  -4.51687  -3.73936  1.000 10.65000 ? 19  TRP   A CG  1 
ATOM   161  C CD1 . TRP   A 1 19  ? -6.08287  -3.39055  -4.50951  1.000 11.58000 ? 19  TRP   A CD1 1 
ATOM   162  C CD2 . TRP   A 1 19  ? -4.91494  -4.94549  -3.38125  1.000 12.15000 ? 19  TRP   A CD2 1 
ATOM   163  N NE1 . TRP   A 1 19  ? -4.73996  -3.10059  -4.64562  1.000 12.55000 ? 19  TRP   A NE1 1 
ATOM   164  C CE2 . TRP   A 1 19  ? -4.00691  -4.04487  -3.97130  1.000 12.84000 ? 19  TRP   A CE2 1 
ATOM   165  C CE3 . TRP   A 1 19  ? -4.41748  -6.01553  -2.62209  1.000 13.27000 ? 19  TRP   A CE3 1 
ATOM   166  C CZ2 . TRP   A 1 19  ? -2.62693  -4.17048  -3.81250  1.000 12.74000 ? 19  TRP   A CZ2 1 
ATOM   167  C CZ3 . TRP   A 1 19  ? -3.03762  -6.14158  -2.48016  1.000 13.36000 ? 19  TRP   A CZ3 1 
ATOM   168  C CH2 . TRP   A 1 19  ? -2.16823  -5.22207  -3.06083  1.000 12.58000 ? 19  TRP   A CH2 1 
ATOM   169  N N   . MET   A 1 20  ? -6.93744  -8.08139  -4.42596  1.000 12.21000 ? 20  MET   A N   1 
ATOM   170  C CA  . MET   A 1 20  ? -6.02801  -9.05575  -5.02894  1.000 11.37000 ? 20  MET   A CA  1 
ATOM   171  C C   . MET   A 1 20  ? -6.62746  -9.66932  -6.28760  1.000 13.92000 ? 20  MET   A C   1 
ATOM   172  O O   . MET   A 1 20  ? -5.90802  -9.91600  -7.26684  1.000 15.29000 ? 20  MET   A O   1 
ATOM   173  C CB  . MET   A 1 20  ? -5.66020  -10.15670 -4.03480  1.000 14.02000 ? 20  MET   A CB  1 
ATOM   174  C CG  . MET   A 1 20  ? -4.66743  -9.72519  -2.97461  1.000 13.73000 ? 20  MET   A CG  1 
ATOM   175  S SD  . MET   A 1 20  ? -4.06536  -11.17110 -2.07164  1.000 16.17000 ? 20  MET   A SD  1 
ATOM   176  C CE  . MET   A 1 20  ? -5.52369  -11.63904 -1.09740  1.000 18.81000 ? 20  MET   A CE  1 
ATOM   177  N N   . LYS   A 1 21  ? -7.93608  -9.93290  -6.27672  1.000 16.11000 ? 21  LYS   A N   1 
ATOM   178  C CA  . LYS   A 1 21  ? -8.57725  -10.50244 -7.45895  1.000 16.40000 ? 21  LYS   A CA  1 
ATOM   179  C C   . LYS   A 1 21  ? -8.54622  -9.52319  -8.61948  1.000 16.32000 ? 21  LYS   A C   1 
ATOM   180  O O   . LYS   A 1 21  ? -8.32585  -9.92288  -9.77593  1.000 15.83000 ? 21  LYS   A O   1 
ATOM   181  C CB  . LYS   A 1 21  ? -10.00538 -10.92732 -7.12906  1.000 19.95000 ? 21  LYS   A CB  1 
ATOM   182  C CG  . LYS   A 1 21  ? -10.43255 -12.23634 -7.76714  1.000 27.35000 ? 21  LYS   A CG  1 
ATOM   183  C CD  . LYS   A 1 21  ? -11.91948 -12.47424 -7.53981  1.000 25.96000 ? 21  LYS   A CD  1 
ATOM   184  C CE  . LYS   A 1 21  ? -12.49147 -13.46398 -8.53739  1.000 30.59000 ? 21  LYS   A CE  1 
ATOM   185  N NZ  . LYS   A 1 21  ? -13.68111 -14.16595 -7.98241  1.000 34.40000 ? 21  LYS   A NZ  1 
ATOM   186  N N   . ALA   A 1 22  ? -8.73047  -8.22822  -8.32985  1.000 14.85000 ? 22  ALA   A N   1 
ATOM   187  C CA  . ALA   A 1 22  ? -8.67003  -7.22093  -9.38731  1.000 15.05000 ? 22  ALA   A CA  1 
ATOM   188  C C   . ALA   A 1 22  ? -7.29141  -7.16699  -10.02966 1.000 15.32000 ? 22  ALA   A C   1 
ATOM   189  O O   . ALA   A 1 22  ? -7.16454  -6.77074  -11.19100 1.000 17.02000 ? 22  ALA   A O   1 
ATOM   190  C CB  . ALA   A 1 22  ? -9.06589  -5.84247  -8.85795  1.000 16.07000 ? 22  ALA   A CB  1 
ATOM   191  N N   . LEU   A 1 23  ? -6.25362  -7.56012  -9.30103  1.000 12.40000 ? 23  LEU   A N   1 
ATOM   192  C CA  . LEU   A 1 23  ? -4.90070  -7.63518  -9.82792  1.000 14.52000 ? 23  LEU   A CA  1 
ATOM   193  C C   . LEU   A 1 23  ? -4.61066  -8.96682  -10.49853 1.000 15.47000 ? 23  LEU   A C   1 
ATOM   194  O O   . LEU   A 1 23  ? -3.49316  -9.16852  -10.98884 1.000 15.04000 ? 23  LEU   A O   1 
ATOM   195  C CB  . LEU   A 1 23  ? -3.89025  -7.41632  -8.70155  1.000 14.89000 ? 23  LEU   A CB  1 
ATOM   196  C CG  . LEU   A 1 23  ? -3.79688  -5.98353  -8.17839  1.000 13.95000 ? 23  LEU   A CG  1 
ATOM   197  C CD1 . LEU   A 1 23  ? -3.05784  -5.94233  -6.83958  1.000 16.32000 ? 23  LEU   A CD1 1 
ATOM   198  C CD2 . LEU   A 1 23  ? -3.12139  -5.07877  -9.19494  1.000 15.07000 ? 23  LEU   A CD2 1 
ATOM   199  N N   . ASP   A 1 24  ? -5.58621  -9.87682  -10.51248 1.000 14.65000 ? 24  ASP   A N   1 
ATOM   200  C CA  . ASP   A 1 24  ? -5.46013  -11.19479 -11.12726 1.000 15.42000 ? 24  ASP   A CA  1 
ATOM   201  C C   . ASP   A 1 24  ? -4.48130  -12.09454 -10.38704 1.000 15.95000 ? 24  ASP   A C   1 
ATOM   202  O O   . ASP   A 1 24  ? -3.92824  -13.02856 -10.96992 1.000 18.45000 ? 24  ASP   A O   1 
ATOM   203  C CB  . ASP   A 1 24  ? -5.13906  -11.11882 -12.62792 1.000 15.64000 ? 24  ASP   A CB  1 
ATOM   204  C CG  . ASP   A 1 24  ? -5.93824  -10.04120 -13.33156 1.000 16.67000 ? 24  ASP   A CG  1 
ATOM   205  O OD1 . ASP   A 1 24  ? -7.16464  -9.96616  -13.10811 1.000 20.19000 ? 24  ASP   A OD1 1 
ATOM   206  O OD2 . ASP   A 1 24  ? -5.32716  -9.24806  -14.08332 1.000 17.72000 ? 24  ASP   A OD2 1 
ATOM   207  N N   . ILE   A 1 25  ? -4.29621  -11.86210 -9.08335  1.000 13.95000 ? 25  ILE   A N   1 
ATOM   208  C CA  . ILE   A 1 25  ? -3.43498  -12.73943 -8.30379  1.000 14.86000 ? 25  ILE   A CA  1 
ATOM   209  C C   . ILE   A 1 25  ? -4.06514  -14.12539 -8.24307  1.000 14.94000 ? 25  ILE   A C   1 
ATOM   210  O O   . ILE   A 1 25  ? -5.28956  -14.26333 -8.13288  1.000 17.91000 ? 25  ILE   A O   1 
ATOM   211  C CB  . ILE   A 1 25  ? -3.20711  -12.13104 -6.91076  1.000 15.06000 ? 25  ILE   A CB  1 
ATOM   212  C CG1 . ILE   A 1 25  ? -2.44461  -10.80477 -7.05874  1.000 22.18000 ? 25  ILE   A CG1 1 
ATOM   213  C CG2 . ILE   A 1 25  ? -2.46261  -13.10221 -6.00236  1.000 16.48000 ? 25  ILE   A CG2 1 
ATOM   214  C CD1 . ILE   A 1 25  ? -2.28347  -10.05875 -5.76825  1.000 23.72000 ? 25  ILE   A CD1 1 
ATOM   215  N N   . ASP   A 1 26  ? -3.23625  -15.15484 -8.37010  1.000 16.43000 ? 26  ASP   A N   1 
ATOM   216  C CA  . ASP   A 1 26  ? -3.76655  -16.49707 -8.54051  1.000 19.55000 ? 26  ASP   A CA  1 
ATOM   217  C C   . ASP   A 1 26  ? -4.49554  -16.95674 -7.28230  1.000 21.12000 ? 26  ASP   A C   1 
ATOM   218  O O   . ASP   A 1 26  ? -4.25389  -16.47099 -6.17249  1.000 18.57000 ? 26  ASP   A O   1 
ATOM   219  C CB  . ASP   A 1 26  ? -2.65021  -17.48398 -8.86135  1.000 22.57000 ? 26  ASP   A CB  1 
ATOM   220  C CG  . ASP   A 1 26  ? -1.71323  -17.68022 -7.70354  1.000 23.81000 ? 26  ASP   A CG  1 
ATOM   221  O OD1 . ASP   A 1 26  ? -0.81843  -16.82491 -7.52949  1.000 27.15000 ? 26  ASP   A OD1 1 
ATOM   222  O OD2 . ASP   A 1 26  ? -1.89348  -18.67169 -6.95314  1.000 28.65000 ? 26  ASP   A OD2 1 
ATOM   223  N N   . PHE   A 1 27  ? -5.38607  -17.93048 -7.48228  1.000 19.18000 ? 27  PHE   A N   1 
ATOM   224  C CA  . PHE   A 1 27  ? -6.26695  -18.43002 -6.42785  1.000 19.58000 ? 27  PHE   A CA  1 
ATOM   225  C C   . PHE   A 1 27  ? -5.49090  -18.85605 -5.18342  1.000 19.00000 ? 27  PHE   A C   1 
ATOM   226  O O   . PHE   A 1 27  ? -5.84756  -18.48793 -4.05952  1.000 15.76000 ? 27  PHE   A O   1 
ATOM   227  C CB  . PHE   A 1 27  ? -7.06265  -19.61217 -6.99036  1.000 21.85000 ? 27  PHE   A CB  1 
ATOM   228  C CG  . PHE   A 1 27  ? -7.95087  -20.30122 -5.99320  1.000 21.84000 ? 27  PHE   A CG  1 
ATOM   229  C CD1 . PHE   A 1 27  ? -9.27179  -19.92443 -5.85195  1.000 25.14000 ? 27  PHE   A CD1 1 
ATOM   230  C CD2 . PHE   A 1 27  ? -7.47257  -21.34181 -5.21049  1.000 21.58000 ? 27  PHE   A CD2 1 
ATOM   231  C CE1 . PHE   A 1 27  ? -10.09887 -20.56921 -4.95394  1.000 27.63000 ? 27  PHE   A CE1 1 
ATOM   232  C CE2 . PHE   A 1 27  ? -8.29394  -21.98059 -4.30123  1.000 26.05000 ? 27  PHE   A CE2 1 
ATOM   233  C CZ  . PHE   A 1 27  ? -9.60788  -21.59353 -4.17398  1.000 25.18000 ? 27  PHE   A CZ  1 
ATOM   234  N N   . ALA   A 1 28  ? -4.43592  -19.65214 -5.35862  1.000 16.21000 ? 28  ALA   A N   1 
ATOM   235  C CA  . ALA   A 1 28  ? -3.74871  -20.19822 -4.19055  1.000 16.95000 ? 28  ALA   A CA  1 
ATOM   236  C C   . ALA   A 1 28  ? -3.11842  -19.09187 -3.35629  1.000 16.84000 ? 28  ALA   A C   1 
ATOM   237  O O   . ALA   A 1 28  ? -3.23715  -19.08658 -2.12718  1.000 16.60000 ? 28  ALA   A O   1 
ATOM   238  C CB  . ALA   A 1 28  ? -2.70170  -21.22852 -4.60841  1.000 16.15000 ? 28  ALA   A CB  1 
ATOM   239  N N   . THR   A 1 29  ? -2.46350  -18.13217 -4.01057  1.000 16.57000 ? 29  THR   A N   1 
ATOM   240  C CA  . THR   A 1 29  ? -1.85318  -17.02399 -3.28472  1.000 16.97000 ? 29  THR   A CA  1 
ATOM   241  C C   . THR   A 1 29  ? -2.90924  -16.19532 -2.56797  1.000 15.10000 ? 29  THR   A C   1 
ATOM   242  O O   . THR   A 1 29  ? -2.74200  -15.84550 -1.39012  1.000 15.40000 ? 29  THR   A O   1 
ATOM   243  C CB  . THR   A 1 29  ? -1.07277  -16.14731 -4.26294  1.000 16.14000 ? 29  THR   A CB  1 
ATOM   244  O OG1 . THR   A 1 29  ? -0.05412  -16.93603 -4.89838  1.000 21.99000 ? 29  THR   A OG1 1 
ATOM   245  C CG2 . THR   A 1 29  ? -0.42997  -14.97275 -3.54558  1.000 19.80000 ? 29  THR   A CG2 1 
ATOM   246  N N   . ARG   A 1 30  ? -4.02232  -15.90036 -3.24789  1.000 14.66000 ? 30  ARG   A N   1 
ATOM   247  C CA  . ARG   A 1 30  ? -5.08947  -15.11663 -2.62970  1.000 15.49000 ? 30  ARG   A CA  1 
ATOM   248  C C   . ARG   A 1 30  ? -5.64423  -15.81229 -1.39386  1.000 15.43000 ? 30  ARG   A C   1 
ATOM   249  O O   . ARG   A 1 30  ? -5.89466  -15.17068 -0.36724  1.000 17.01000 ? 30  ARG   A O   1 
ATOM   250  C CB  . ARG   A 1 30  ? -6.24407  -14.90557 -3.61306  1.000 17.32000 ? 30  ARG   A CB  1 
ATOM   251  C CG  . ARG   A 1 30  ? -5.98383  -13.92468 -4.72604  1.000 20.47000 ? 30  ARG   A CG  1 
ATOM   252  C CD  . ARG   A 1 30  ? -7.30516  -13.39631 -5.29919  1.000 22.96000 ? 30  ARG   A CD  1 
ATOM   253  N NE  . ARG   A 1 30  ? -8.40130  -14.36777 -5.26357  1.000 25.28000 ? 30  ARG   A NE  1 
ATOM   254  C CZ  . ARG   A 1 30  ? -8.70475  -15.20763 -6.25445  1.000 18.20000 ? 30  ARG   A CZ  1 
ATOM   255  N NH1 . ARG   A 1 30  ? -7.99679  -15.21185 -7.37663  1.000 22.08000 ? 30  ARG   A NH1 1 
ATOM   256  N NH2 . ARG   A 1 30  ? -9.72468  -16.04310 -6.12470  1.000 25.13000 ? 30  ARG   A NH2 1 
ATOM   257  N N   . LYS   A 1 31  ? -5.89636  -17.11899 -1.48184  1.000 15.41000 ? 31  LYS   A N   1 
ATOM   258  C CA  . LYS   A 1 31  ? -6.56149  -17.77584 -0.35977  1.000 16.27000 ? 31  LYS   A CA  1 
ATOM   259  C C   . LYS   A 1 31  ? -5.66993  -17.83635 0.87280   1.000 16.09000 ? 31  LYS   A C   1 
ATOM   260  O O   . LYS   A 1 31  ? -6.16058  -17.73709 2.00545   1.000 17.20000 ? 31  LYS   A O   1 
ATOM   261  C CB  . LYS   A 1 31  ? -7.09911  -19.14594 -0.75957  1.000 18.75000 ? 31  LYS   A CB  1 
ATOM   262  C CG  . LYS   A 1 31  ? -8.09620  -19.07941 -1.89308  1.000 23.69000 ? 31  LYS   A CG  1 
ATOM   263  C CD  . LYS   A 1 31  ? -9.45303  -18.69608 -1.34733  1.000 28.69000 ? 31  LYS   A CD  1 
ATOM   264  C CE  . LYS   A 1 31  ? -10.44912 -18.44019 -2.45399  1.000 31.93000 ? 31  LYS   A CE  1 
ATOM   265  N NZ  . LYS   A 1 31  ? -11.08284 -17.10588 -2.33576  1.000 34.86000 ? 31  LYS   A NZ  1 
ATOM   266  N N   . ILE   A 1 32  ? -4.35676  -17.97546 0.68204   1.000 13.41000 ? 32  ILE   A N   1 
ATOM   267  C CA  . ILE   A 1 32  ? -3.43714  -17.89415 1.81414   1.000 15.38000 ? 32  ILE   A CA  1 
ATOM   268  C C   . ILE   A 1 32  ? -3.35301  -16.46014 2.32045   1.000 14.68000 ? 32  ILE   A C   1 
ATOM   269  O O   . ILE   A 1 32  ? -3.51415  -16.19146 3.51284   1.000 15.47000 ? 32  ILE   A O   1 
ATOM   270  C CB  . ILE   A 1 32  ? -2.04965  -18.43228 1.42360   1.000 16.24000 ? 32  ILE   A CB  1 
ATOM   271  C CG1 . ILE   A 1 32  ? -2.09565  -19.94302 1.09119   1.000 17.41000 ? 32  ILE   A CG1 1 
ATOM   272  C CG2 . ILE   A 1 32  ? -1.05092  -18.16782 2.53755   1.000 18.22000 ? 32  ILE   A CG2 1 
ATOM   273  C CD1 . ILE   A 1 32  ? -2.89355  -20.77757 2.06187   1.000 20.32000 ? 32  ILE   A CD1 1 
ATOM   274  N N   . ALA   A 1 33  ? -3.12144  -15.51540 1.40283   1.000 14.22000 ? 33  ALA   A N   1 
ATOM   275  C CA  . ALA   A 1 33  ? -2.81698  -14.14132 1.78974   1.000 13.28000 ? 33  ALA   A CA  1 
ATOM   276  C C   . ALA   A 1 33  ? -3.97248  -13.44982 2.50600   1.000 14.71000 ? 33  ALA   A C   1 
ATOM   277  O O   . ALA   A 1 33  ? -3.72664  -12.62364 3.39364   1.000 14.22000 ? 33  ALA   A O   1 
ATOM   278  C CB  . ALA   A 1 33  ? -2.41361  -13.33084 0.55439   1.000 12.21000 ? 33  ALA   A CB  1 
ATOM   279  N N   . VAL   A 1 34  ? -5.22256  -13.74897 2.13638   1.000 13.32000 ? 34  VAL   A N   1 
ATOM   280  C CA  . VAL   A 1 34  ? -6.38063  -13.08954 2.73247   1.000 14.24000 ? 34  VAL   A CA  1 
ATOM   281  C C   . VAL   A 1 34  ? -6.49567  -13.37914 4.22307   1.000 14.14000 ? 34  VAL   A C   1 
ATOM   282  O O   . VAL   A 1 34  ? -7.13305  -12.61327 4.95287   1.000 15.46000 ? 34  VAL   A O   1 
ATOM   283  C CB  . VAL   A 1 34  ? -7.68339  -13.45944 1.98140   1.000 16.71000 ? 34  VAL   A CB  1 
ATOM   284  C CG1 . VAL   A 1 34  ? -8.03863  -14.92389 2.19883   1.000 19.44000 ? 34  VAL   A CG1 1 
ATOM   285  C CG2 . VAL   A 1 34  ? -8.83506  -12.54594 2.38904   1.000 21.53000 ? 34  VAL   A CG2 1 
ATOM   286  N N   . ARG   A 1 35  ? -5.88447  -14.46383 4.69656   1.000 11.94000 ? 35  ARG   A N   1 
ATOM   287  C CA  . ARG   A 1 35  ? -6.01228  -14.85553 6.09458   1.000 13.64000 ? 35  ARG   A CA  1 
ATOM   288  C C   . ARG   A 1 35  ? -5.11434  -14.06040 7.02756   1.000 13.42000 ? 35  ARG   A C   1 
ATOM   289  O O   . ARG   A 1 35  ? -5.28728  -14.15286 8.24420   1.000 13.44000 ? 35  ARG   A O   1 
ATOM   290  C CB  . ARG   A 1 35  ? -5.60138  -16.31786 6.25913   1.000 14.74000 ? 35  ARG   A CB  1 
ATOM   291  C CG  . ARG   A 1 35  ? -6.37934  -17.30869 5.41465   1.000 18.02000 ? 35  ARG   A CG  1 
ATOM   292  C CD  . ARG   A 1 35  ? -5.73581  -18.68206 5.53940   1.000 20.55000 ? 35  ARG   A CD  1 
ATOM   293  N NE  . ARG   A 1 35  ? -6.37514  -19.69177 4.70250   1.000 25.70000 ? 35  ARG   A NE  1 
ATOM   294  C CZ  . ARG   A 1 35  ? -5.82651  -20.87094 4.41598   1.000 23.57000 ? 35  ARG   A CZ  1 
ATOM   295  N NH1 . ARG   A 1 35  ? -6.46737  -21.73115 3.64252   1.000 30.50000 ? 35  ARG   A NH1 1 
ATOM   296  N NH2 . ARG   A 1 35  ? -4.62759  -21.18491 4.89485   1.000 25.53000 ? 35  ARG   A NH2 1 
ATOM   297  N N   . LEU   A 1 36  ? -4.14680  -13.31392 6.50557   1.000 11.87000 ? 36  LEU   A N   1 
ATOM   298  C CA  . LEU   A 1 36  ? -2.95295  -12.97005 7.26458   1.000 11.66000 ? 36  LEU   A CA  1 
ATOM   299  C C   . LEU   A 1 36  ? -2.97177  -11.55021 7.81528   1.000 14.15000 ? 36  LEU   A C   1 
ATOM   300  O O   . LEU   A 1 36  ? -3.42367  -10.60876 7.15153   1.000 15.05000 ? 36  LEU   A O   1 
ATOM   301  C CB  . LEU   A 1 36  ? -1.72394  -13.11734 6.37989   1.000 12.70000 ? 36  LEU   A CB  1 
ATOM   302  C CG  . LEU   A 1 36  ? -1.60370  -14.47977 5.72303   1.000 14.33000 ? 36  LEU   A CG  1 
ATOM   303  C CD1 . LEU   A 1 36  ? -0.34273  -14.50310 4.88710   1.000 15.36000 ? 36  LEU   A CD1 1 
ATOM   304  C CD2 . LEU   A 1 36  ? -1.60997  -15.56920 6.77481   1.000 15.82000 ? 36  LEU   A CD2 1 
ATOM   305  N N   . THR   A 1 37  ? -2.43820  -11.41045 9.02512   1.000 12.45000 ? 37  THR   A N   1 
ATOM   306  C CA  . THR   A 1 37  ? -2.20574  -10.10815 9.62804   1.000 11.72000 ? 37  THR   A CA  1 
ATOM   307  C C   . THR   A 1 37  ? -0.99437  -9.46462  8.96289   1.000 14.07000 ? 37  THR   A C   1 
ATOM   308  O O   . THR   A 1 37  ? -0.02112  -10.14701 8.61889   1.000 16.15000 ? 37  THR   A O   1 
ATOM   309  C CB  . THR   A 1 37  ? -1.94579  -10.28884 11.12405  1.000 14.85000 ? 37  THR   A CB  1 
ATOM   310  O OG1 . THR   A 1 37  ? -3.03475  -11.02341 11.70850  1.000 17.05000 ? 37  THR   A OG1 1 
ATOM   311  C CG2 . THR   A 1 37  ? -1.81257  -8.93568  11.79705  1.000 15.46000 ? 37  THR   A CG2 1 
ATOM   312  N N   . GLN   A 1 38  ? -1.05180  -8.14828  8.77325   1.000 11.09000 ? 38  GLN   A N   1 
ATOM   313  C CA  . GLN   A 1 38  ? -0.00119  -7.42547  8.06949   1.000 13.00000 ? 38  GLN   A CA  1 
ATOM   314  C C   . GLN   A 1 38  ? 0.68065   -6.40950  8.97823   1.000 14.95000 ? 38  GLN   A C   1 
ATOM   315  O O   . GLN   A 1 38  ? 0.13600   -5.96509  9.99197   1.000 13.66000 ? 38  GLN   A O   1 
ATOM   316  C CB  . GLN   A 1 38  ? -0.55266  -6.69701  6.83313   1.000 12.28000 ? 38  GLN   A CB  1 
ATOM   317  C CG  . GLN   A 1 38  ? -1.28075  -7.61355  5.86961   1.000 13.98000 ? 38  GLN   A CG  1 
ATOM   318  C CD  . GLN   A 1 38  ? -1.87903  -6.87619  4.68910   1.000 13.96000 ? 38  GLN   A CD  1 
ATOM   319  O OE1 . GLN   A 1 38  ? -1.44777  -5.77869  4.34767   1.000 14.31000 ? 38  GLN   A OE1 1 
ATOM   320  N NE2 . GLN   A 1 38  ? -2.88246  -7.47750  4.05741   1.000 14.09000 ? 38  GLN   A NE2 1 
ATOM   321  N N   . THR   A 1 39  ? 1.89282   -6.03805  8.57364   1.000 13.60000 ? 39  THR   A N   1 
ATOM   322  C CA  . THR   A 1 39  ? 2.66284   -4.96697  9.18557   1.000 13.75000 ? 39  THR   A CA  1 
ATOM   323  C C   . THR   A 1 39  ? 3.10175   -4.02521  8.07455   1.000 13.74000 ? 39  THR   A C   1 
ATOM   324  O O   . THR   A 1 39  ? 3.39101   -4.45830  6.95515   1.000 16.63000 ? 39  THR   A O   1 
ATOM   325  C CB  . THR   A 1 39  ? 3.90293   -5.53203  9.90807   1.000 16.94000 ? 39  THR   A CB  1 
ATOM   326  O OG1 . THR   A 1 39  ? 3.48381   -6.45412  10.92714  1.000 18.87000 ? 39  THR   A OG1 1 
ATOM   327  C CG2 . THR   A 1 39  ? 4.71640   -4.42781  10.55665  1.000 19.35000 ? 39  THR   A CG2 1 
ATOM   328  N N   . LEU   A 1 40  ? 3.10930   -2.73264  8.37233   1.000 11.96000 ? 40  LEU   A N   1 
ATOM   329  C CA  . LEU   A 1 40  ? 3.58556   -1.70622  7.45644   1.000 11.42000 ? 40  LEU   A CA  1 
ATOM   330  C C   . LEU   A 1 40  ? 4.64118   -0.90815  8.20634   1.000 13.62000 ? 40  LEU   A C   1 
ATOM   331  O O   . LEU   A 1 40  ? 4.35704   -0.35948  9.27368   1.000 14.70000 ? 40  LEU   A O   1 
ATOM   332  C CB  . LEU   A 1 40  ? 2.41394   -0.80445  7.06747   1.000 15.08000 ? 40  LEU   A CB  1 
ATOM   333  C CG  . LEU   A 1 40  ? 2.54819   0.12138   5.86955   1.000 18.84000 ? 40  LEU   A CG  1 
ATOM   334  C CD1 . LEU   A 1 40  ? 2.71548   -0.65767  4.56170   1.000 15.56000 ? 40  LEU   A CD1 1 
ATOM   335  C CD2 . LEU   A 1 40  ? 1.30574   1.01283   5.84404   1.000 19.56000 ? 40  LEU   A CD2 1 
ATOM   336  N N   . VAL   A 1 41  ? 5.86067   -0.87332  7.67941   1.000 13.36000 ? 41  VAL   A N   1 
ATOM   337  C CA  . VAL   A 1 41  ? 6.94358   -0.09450  8.27477   1.000 12.73000 ? 41  VAL   A CA  1 
ATOM   338  C C   . VAL   A 1 41  ? 7.20985   1.08987   7.36116   1.000 14.57000 ? 41  VAL   A C   1 
ATOM   339  O O   . VAL   A 1 41  ? 7.47526   0.90694   6.16852   1.000 14.71000 ? 41  VAL   A O   1 
ATOM   340  C CB  . VAL   A 1 41  ? 8.21538   -0.93238  8.45906   1.000 13.77000 ? 41  VAL   A CB  1 
ATOM   341  C CG1 . VAL   A 1 41  ? 9.29605   -0.09612  9.14179   1.000 17.76000 ? 41  VAL   A CG1 1 
ATOM   342  C CG2 . VAL   A 1 41  ? 7.91598   -2.17984  9.27247   1.000 18.49000 ? 41  VAL   A CG2 1 
ATOM   343  N N   . ILE   A 1 42  ? 7.11161   2.29665   7.90956   1.000 12.33000 ? 42  ILE   A N   1 
ATOM   344  C CA  . ILE   A 1 42  ? 7.29967   3.52409   7.14471   1.000 12.66000 ? 42  ILE   A CA  1 
ATOM   345  C C   . ILE   A 1 42  ? 8.45619   4.29835   7.75562   1.000 14.87000 ? 42  ILE   A C   1 
ATOM   346  O O   . ILE   A 1 42  ? 8.42052   4.65374   8.93782   1.000 14.15000 ? 42  ILE   A O   1 
ATOM   347  C CB  . ILE   A 1 42  ? 6.03045   4.38295   7.10126   1.000 13.41000 ? 42  ILE   A CB  1 
ATOM   348  C CG1 . ILE   A 1 42  ? 4.89501   3.58632   6.45830   1.000 13.47000 ? 42  ILE   A CG1 1 
ATOM   349  C CG2 . ILE   A 1 42  ? 6.29885   5.68091   6.32593   1.000 12.30000 ? 42  ILE   A CG2 1 
ATOM   350  C CD1 . ILE   A 1 42  ? 3.57850   4.33034   6.41029   1.000 13.87000 ? 42  ILE   A CD1 1 
ATOM   351  N N   . ASP   A 1 43  ? 9.47811   4.54334   6.95098   1.000 14.61000 ? 43  ASP   A N   1 
ATOM   352  C CA  . ASP   A 1 43  ? 10.59907  5.40168   7.30673   1.000 15.73000 ? 43  ASP   A CA  1 
ATOM   353  C C   . ASP   A 1 43  ? 10.46775  6.64353   6.43411   1.000 12.90000 ? 43  ASP   A C   1 
ATOM   354  O O   . ASP   A 1 43  ? 10.59073  6.56233   5.20666   1.000 15.74000 ? 43  ASP   A O   1 
ATOM   355  C CB  . ASP   A 1 43  ? 11.90571  4.66232   7.03051   1.000 20.54000 ? 43  ASP   A CB  1 
ATOM   356  C CG  . ASP   A 1 43  ? 13.12264  5.38987   7.56261   1.000 27.51000 ? 43  ASP   A CG  1 
ATOM   357  O OD1 . ASP   A 1 43  ? 14.18559  4.74303   7.68906   1.000 36.52000 ? 43  ASP   A OD1 1 
ATOM   358  O OD2 . ASP   A 1 43  ? 13.03507  6.60335   7.83493   1.000 33.67000 ? 43  ASP   A OD2 1 
ATOM   359  N N   . GLN   A 1 44  ? 10.19215  7.78355   7.06170   1.000 13.22000 ? 44  GLN   A N   1 
ATOM   360  C CA  . GLN   A 1 44  ? 9.89409   9.01881   6.35103   1.000 15.25000 ? 44  GLN   A CA  1 
ATOM   361  C C   . GLN   A 1 44  ? 10.82141  10.11148  6.85472   1.000 18.80000 ? 44  GLN   A C   1 
ATOM   362  O O   . GLN   A 1 44  ? 10.85449  10.40147  8.05429   1.000 17.86000 ? 44  GLN   A O   1 
ATOM   363  C CB  . GLN   A 1 44  ? 8.43808   9.42297   6.59106   1.000 15.98000 ? 44  GLN   A CB  1 
ATOM   364  C CG  . GLN   A 1 44  ? 8.05813   10.77984  6.01628   1.000 16.45000 ? 44  GLN   A CG  1 
ATOM   365  C CD  . GLN   A 1 44  ? 6.64581   11.15110  6.35402   1.000 15.39000 ? 44  GLN   A CD  1 
ATOM   366  O OE1 . GLN   A 1 44  ? 5.93843   10.38716  7.01356   1.000 17.63000 ? 44  GLN   A OE1 1 
ATOM   367  N NE2 . GLN   A 1 44  ? 6.21242   12.33032  5.90237   1.000 18.57000 ? 44  GLN   A NE2 1 
ATOM   368  N N   . ASP   A 1 45  ? 11.56819  10.72087  5.94175   1.000 15.64000 ? 45  ASP   A N   1 
ATOM   369  C CA  . ASP   A 1 45  ? 12.34639  11.91495  6.24620   1.000 18.62000 ? 45  ASP   A CA  1 
ATOM   370  C C   . ASP   A 1 45  ? 12.04474  12.93634  5.16304   1.000 18.70000 ? 45  ASP   A C   1 
ATOM   371  O O   . ASP   A 1 45  ? 12.50453  12.78589  4.02392   1.000 16.83000 ? 45  ASP   A O   1 
ATOM   372  C CB  . ASP   A 1 45  ? 13.83934  11.61421  6.31051   1.000 21.66000 ? 45  ASP   A CB  1 
ATOM   373  C CG  . ASP   A 1 45  ? 14.66942  12.86669  6.52126   1.000 26.90000 ? 45  ASP   A CG  1 
ATOM   374  O OD1 . ASP   A 1 45  ? 14.22622  13.75392  7.28779   1.000 31.64000 ? 45  ASP   A OD1 1 
ATOM   375  O OD2 . ASP   A 1 45  ? 15.76721  12.95886  5.93789   1.000 39.45000 ? 45  ASP   A OD2 1 
ATOM   376  N N   . GLY   A 1 46  ? 11.27260  13.95799  5.51664   1.000 21.11000 ? 46  GLY   A N   1 
ATOM   377  C CA  . GLY   A 1 46  ? 10.83569  14.93487  4.53546   1.000 22.68000 ? 46  GLY   A CA  1 
ATOM   378  C C   . GLY   A 1 46  ? 10.01932  14.26546  3.44979   1.000 19.62000 ? 46  GLY   A C   1 
ATOM   379  O O   . GLY   A 1 46  ? 9.02250   13.57903  3.71742   1.000 22.82000 ? 46  GLY   A O   1 
ATOM   380  N N   . ASP   A 1 47  ? 10.45993  14.46038  2.21078   1.000 21.77000 ? 47  ASP   A N   1 
ATOM   381  C CA  . ASP   A 1 47  ? 9.81475   13.87205  1.04470   1.000 19.61000 ? 47  ASP   A CA  1 
ATOM   382  C C   . ASP   A 1 47  ? 10.26610  12.44691  0.77042   1.000 18.99000 ? 47  ASP   A C   1 
ATOM   383  O O   . ASP   A 1 47  ? 9.71806   11.80219  -0.12937  1.000 17.77000 ? 47  ASP   A O   1 
ATOM   384  C CB  . ASP   A 1 47  ? 10.09381  14.71167  -0.21258  1.000 20.67000 ? 47  ASP   A CB  1 
ATOM   385  C CG  . ASP   A 1 47  ? 11.54794  15.13515  -0.32681  1.000 30.37000 ? 47  ASP   A CG  1 
ATOM   386  O OD1 . ASP   A 1 47  ? 12.40496  14.53083  0.35663   1.000 34.74000 ? 47  ASP   A OD1 1 
ATOM   387  O OD2 . ASP   A 1 47  ? 11.83685  16.05965  -1.11761  1.000 39.27000 ? 47  ASP   A OD2 1 
ATOM   388  N N   . ASN   A 1 48  ? 11.25108  11.93988  1.50487   1.000 14.97000 ? 48  ASN   A N   1 
ATOM   389  C CA  . ASN   A 1 48  ? 11.83937  10.64516  1.20023   1.000 14.08000 ? 48  ASN   A CA  1 
ATOM   390  C C   . ASN   A 1 48  ? 11.19201  9.56905   2.05079   1.000 14.04000 ? 48  ASN   A C   1 
ATOM   391  O O   . ASN   A 1 48  ? 11.14647  9.69251   3.27602   1.000 15.46000 ? 48  ASN   A O   1 
ATOM   392  C CB  . ASN   A 1 48  ? 13.34559  10.67593  1.45075   1.000 17.19000 ? 48  ASN   A CB  1 
ATOM   393  C CG  . ASN   A 1 48  ? 14.06595  11.58991  0.49267   1.000 24.67000 ? 48  ASN   A CG  1 
ATOM   394  O OD1 . ASN   A 1 48  ? 13.65199  11.73626  -0.65835  1.000 21.15000 ? 48  ASN   A OD1 1 
ATOM   395  N ND2 . ASN   A 1 48  ? 15.14698  12.20678  0.95585   1.000 27.92000 ? 48  ASN   A ND2 1 
ATOM   396  N N   . PHE   A 1 49  ? 10.69747  8.51782   1.40161   1.000 13.04000 ? 49  PHE   A N   1 
ATOM   397  C CA  . PHE   A 1 49  ? 10.01558  7.42864   2.08385   1.000 11.45000 ? 49  PHE   A CA  1 
ATOM   398  C C   . PHE   A 1 49  ? 10.65001  6.08465   1.75029   1.000 12.00000 ? 49  PHE   A C   1 
ATOM   399  O O   . PHE   A 1 49  ? 11.02492  5.81645   0.60440   1.000 13.80000 ? 49  PHE   A O   1 
ATOM   400  C CB  . PHE   A 1 49  ? 8.57889   7.31382   1.60811   1.000 12.12000 ? 49  PHE   A CB  1 
ATOM   401  C CG  . PHE   A 1 49  ? 7.61779   8.27220   2.25085   1.000 12.15000 ? 49  PHE   A CG  1 
ATOM   402  C CD1 . PHE   A 1 49  ? 7.57183   9.60291   1.87144   1.000 15.38000 ? 49  PHE   A CD1 1 
ATOM   403  C CD2 . PHE   A 1 49  ? 6.72018   7.82012   3.21001   1.000 12.99000 ? 49  PHE   A CD2 1 
ATOM   404  C CE1 . PHE   A 1 49  ? 6.65957   10.47580  2.45339   1.000 13.03000 ? 49  PHE   A CE1 1 
ATOM   405  C CE2 . PHE   A 1 49  ? 5.80486   8.68832   3.78499   1.000 14.65000 ? 49  PHE   A CE2 1 
ATOM   406  C CZ  . PHE   A 1 49  ? 5.77355   10.01034  3.40731   1.000 14.28000 ? 49  PHE   A CZ  1 
ATOM   407  N N   . LYS   A 1 50  ? 10.70847  5.21926   2.75003   1.000 13.57000 ? 50  LYS   A N   1 
ATOM   408  C CA  . LYS   A 1 50  ? 10.92479  3.79579   2.54731   1.000 13.86000 ? 50  LYS   A CA  1 
ATOM   409  C C   . LYS   A 1 50  ? 9.76716   3.07790   3.21779   1.000 13.93000 ? 50  LYS   A C   1 
ATOM   410  O O   . LYS   A 1 50  ? 9.48676   3.31807   4.39793   1.000 16.60000 ? 50  LYS   A O   1 
ATOM   411  C CB  . LYS   A 1 50  ? 12.26062  3.34664   3.14335   1.000 18.16000 ? 50  LYS   A CB  1 
ATOM   412  C CG  . LYS   A 1 50  ? 13.48240  3.99853   2.49094   1.000 23.61000 ? 50  LYS   A CG  1 
ATOM   413  C CD  . LYS   A 1 50  ? 14.77885  3.56319   3.17300   1.000 27.44000 ? 50  LYS   A CD  1 
ATOM   414  C CE  . LYS   A 1 50  ? 14.62631  3.54335   4.69044   1.000 33.60000 ? 50  LYS   A CE  1 
ATOM   415  N NZ  . LYS   A 1 50  ? 15.93770  3.64831   5.39768   1.000 38.07000 ? 50  LYS   A NZ  1 
ATOM   416  N N   . VAL   A 1 51  ? 9.06319   2.24054   2.46350   1.000 11.77000 ? 51  VAL   A N   1 
ATOM   417  C CA  . VAL   A 1 51  ? 7.87485   1.56627   2.97628   1.000 11.80000 ? 51  VAL   A CA  1 
ATOM   418  C C   . VAL   A 1 51  ? 8.03931   0.06602   2.79586   1.000 14.35000 ? 51  VAL   A C   1 
ATOM   419  O O   . VAL   A 1 51  ? 8.45324   -0.39636  1.72933   1.000 15.37000 ? 51  VAL   A O   1 
ATOM   420  C CB  . VAL   A 1 51  ? 6.59904   2.03918   2.26042   1.000 12.29000 ? 51  VAL   A CB  1 
ATOM   421  C CG1 . VAL   A 1 51  ? 5.38788   1.30949   2.83320   1.000 13.28000 ? 51  VAL   A CG1 1 
ATOM   422  C CG2 . VAL   A 1 51  ? 6.42911   3.54857   2.39117   1.000 13.37000 ? 51  VAL   A CG2 1 
ATOM   423  N N   . LYS   A 1 52  ? 7.69459   -0.69638  3.83303   1.000 11.81000 ? 52  LYS   A N   1 
ATOM   424  C CA  . LYS   A 1 52  ? 7.73356   -2.15114  3.78717   1.000 13.05000 ? 52  LYS   A CA  1 
ATOM   425  C C   . LYS   A 1 52  ? 6.37149   -2.68552  4.19347   1.000 13.24000 ? 52  LYS   A C   1 
ATOM   426  O O   . LYS   A 1 52  ? 5.83943   -2.30523  5.23803   1.000 14.33000 ? 52  LYS   A O   1 
ATOM   427  C CB  . LYS   A 1 52  ? 8.79672   -2.68570  4.75212   1.000 15.53000 ? 52  LYS   A CB  1 
ATOM   428  C CG  . LYS   A 1 52  ? 10.19471  -2.21153  4.40050   1.000 25.15000 ? 52  LYS   A CG  1 
ATOM   429  C CD  . LYS   A 1 52  ? 11.01669  -1.86856  5.63319   1.000 29.54000 ? 52  LYS   A CD  1 
ATOM   430  C CE  . LYS   A 1 52  ? 11.73287  -0.52602  5.45898   1.000 30.25000 ? 52  LYS   A CE  1 
ATOM   431  N NZ  . LYS   A 1 52  ? 10.82196  0.64789   5.73351   1.000 23.91000 ? 52  LYS   A NZ  1 
ATOM   432  N N   . SER   A 1 53  ? 5.80169   -3.54896  3.36117   1.000 12.21000 ? 53  SER   A N   1 
ATOM   433  C CA  . SER   A 1 53  ? 4.58564   -4.27610  3.70366   1.000 11.28000 ? 53  SER   A CA  1 
ATOM   434  C C   . SER   A 1 53  ? 4.98466   -5.72083  3.94535   1.000 13.20000 ? 53  SER   A C   1 
ATOM   435  O O   . SER   A 1 53  ? 5.65674   -6.32201  3.10824   1.000 14.58000 ? 53  SER   A O   1 
ATOM   436  C CB  . SER   A 1 53  ? 3.57330   -4.21732  2.55623   1.000 12.13000 ? 53  SER   A CB  1 
ATOM   437  O OG  . SER   A 1 53  ? 2.49246   -5.11947  2.79038   1.000 12.47000 ? 53  SER   A OG  1 
ATOM   438  N N   . THR   A 1 54  ? 4.58261   -6.28349  5.08364   1.000 11.99000 ? 54  THR   A N   1 
ATOM   439  C CA  . THR   A 1 54  ? 5.03005   -7.62359  5.42868   1.000 14.51000 ? 54  THR   A CA  1 
ATOM   440  C C   . THR   A 1 54  ? 3.89998   -8.41931  6.05231   1.000 14.79000 ? 54  THR   A C   1 
ATOM   441  O O   . THR   A 1 54  ? 2.95510   -7.86516  6.60921   1.000 13.86000 ? 54  THR   A O   1 
ATOM   442  C CB  . THR   A 1 54  ? 6.24384   -7.65123  6.38466   1.000 18.78000 ? 54  THR   A CB  1 
ATOM   443  O OG1 . THR   A 1 54  ? 5.82374   -7.35114  7.72115   1.000 25.01000 ? 54  THR   A OG1 1 
ATOM   444  C CG2 . THR   A 1 54  ? 7.30101   -6.65469  5.96812   1.000 21.35000 ? 54  THR   A CG2 1 
ATOM   445  N N   . SER   A 1 55  ? 4.00706   -9.73264  5.91165   1.000 14.13000 ? 55  SER   A N   1 
ATOM   446  C CA  . SER   A 1 55  ? 3.20476   -10.69465 6.65281   1.000 11.82000 ? 55  SER   A CA  1 
ATOM   447  C C   . SER   A 1 55  ? 4.06642   -11.93996 6.78149   1.000 14.24000 ? 55  SER   A C   1 
ATOM   448  O O   . SER   A 1 55  ? 5.23942   -11.93445 6.40721   1.000 14.67000 ? 55  SER   A O   1 
ATOM   449  C CB  . SER   A 1 55  ? 1.89963   -10.99353 5.91113   1.000 13.61000 ? 55  SER   A CB  1 
ATOM   450  O OG  . SER   A 1 55  ? 2.19828   -11.80362 4.78869   1.000 14.17000 ? 55  SER   A OG  1 
ATOM   451  N N   . THR   A 1 56  ? 3.48427   -13.02974 7.28263   1.000 13.50000 ? 56  THR   A N   1 
ATOM   452  C CA  . THR   A 1 56  ? 4.25653   -14.27013 7.26930   1.000 15.29000 ? 56  THR   A CA  1 
ATOM   453  C C   . THR   A 1 56  ? 4.51930   -14.79265 5.86197   1.000 15.85000 ? 56  THR   A C   1 
ATOM   454  O O   . THR   A 1 56  ? 5.36106   -15.68324 5.69652   1.000 18.75000 ? 56  THR   A O   1 
ATOM   455  C CB  . THR   A 1 56  ? 3.56292   -15.34663 8.10425   1.000 14.58000 ? 56  THR   A CB  1 
ATOM   456  O OG1 . THR   A 1 56  ? 2.24229   -15.58166 7.60411   1.000 16.96000 ? 56  THR   A OG1 1 
ATOM   457  C CG2 . THR   A 1 56  ? 3.49545   -14.92405 9.56961   1.000 18.32000 ? 56  THR   A CG2 1 
ATOM   458  N N   . PHE   A 1 57  ? 3.86281   -14.23437 4.84495   1.000 13.90000 ? 57  PHE   A N   1 
ATOM   459  C CA  . PHE   A 1 57  ? 3.86855   -14.77981 3.49639   1.000 14.04000 ? 57  PHE   A CA  1 
ATOM   460  C C   . PHE   A 1 57  ? 4.54938   -13.88535 2.46608   1.000 14.31000 ? 57  PHE   A C   1 
ATOM   461  O O   . PHE   A 1 57  ? 4.89179   -14.37583 1.38559   1.000 17.49000 ? 57  PHE   A O   1 
ATOM   462  C CB  . PHE   A 1 57  ? 2.40596   -15.01753 3.09135   1.000 15.73000 ? 57  PHE   A CB  1 
ATOM   463  C CG  . PHE   A 1 57  ? 2.19598   -15.82444 1.84382   1.000 17.62000 ? 57  PHE   A CG  1 
ATOM   464  C CD1 . PHE   A 1 57  ? 2.92508   -16.97005 1.57889   1.000 21.89000 ? 57  PHE   A CD1 1 
ATOM   465  C CD2 . PHE   A 1 57  ? 1.18807   -15.45685 0.96376   1.000 18.46000 ? 57  PHE   A CD2 1 
ATOM   466  C CE1 . PHE   A 1 57  ? 2.68274   -17.70447 0.42354   1.000 22.89000 ? 57  PHE   A CE1 1 
ATOM   467  C CE2 . PHE   A 1 57  ? 0.94079   -16.18597 -0.18381  1.000 22.44000 ? 57  PHE   A CE2 1 
ATOM   468  C CZ  . PHE   A 1 57  ? 1.68661   -17.30932 -0.45558  1.000 21.16000 ? 57  PHE   A CZ  1 
ATOM   469  N N   . TRP   A 1 58  ? 4.75441   -12.59626 2.75992   1.000 12.91000 ? 58  TRP   A N   1 
ATOM   470  C CA  . TRP   A 1 58  ? 5.42701   -11.69940 1.82056   1.000 13.78000 ? 58  TRP   A CA  1 
ATOM   471  C C   . TRP   A 1 58  ? 6.19673   -10.60608 2.55251   1.000 13.76000 ? 58  TRP   A C   1 
ATOM   472  O O   . TRP   A 1 58  ? 5.98830   -10.35339 3.73912   1.000 14.15000 ? 58  TRP   A O   1 
ATOM   473  C CB  . TRP   A 1 58  ? 4.44315   -11.07066 0.81989   1.000 13.81000 ? 58  TRP   A CB  1 
ATOM   474  C CG  . TRP   A 1 58  ? 3.54036   -10.01457 1.40331   1.000 14.08000 ? 58  TRP   A CG  1 
ATOM   475  C CD1 . TRP   A 1 58  ? 3.83918   -8.69589  1.60277   1.000 14.23000 ? 58  TRP   A CD1 1 
ATOM   476  C CD2 . TRP   A 1 58  ? 2.18425   -10.19034 1.83210   1.000 12.12000 ? 58  TRP   A CD2 1 
ATOM   477  N NE1 . TRP   A 1 58  ? 2.75412   -8.04344  2.14112   1.000 12.44000 ? 58  TRP   A NE1 1 
ATOM   478  C CE2 . TRP   A 1 58  ? 1.73462   -8.94545  2.30694   1.000 12.09000 ? 58  TRP   A CE2 1 
ATOM   479  C CE3 . TRP   A 1 58  ? 1.31737   -11.28615 1.88657   1.000 13.87000 ? 58  TRP   A CE3 1 
ATOM   480  C CZ2 . TRP   A 1 58  ? 0.44964   -8.75101  2.78207   1.000 11.74000 ? 58  TRP   A CZ2 1 
ATOM   481  C CZ3 . TRP   A 1 58  ? 0.04018   -11.10047 2.38829   1.000 13.15000 ? 58  TRP   A CZ3 1 
ATOM   482  C CH2 . TRP   A 1 58  ? -0.38420  -9.83861  2.83200   1.000 12.80000 ? 58  TRP   A CH2 1 
ATOM   483  N N   . ASN   A 1 59  ? 7.08658   -9.94390  1.80348   1.000 18.33000 ? 59  ASN   A N   1 
ATOM   484  C CA  . ASN   A 1 59  ? 7.87068   -8.81308  2.31156   1.000 18.55000 ? 59  ASN   A CA  1 
ATOM   485  C C   . ASN   A 1 59  ? 8.17966   -7.94246  1.09600   1.000 23.25000 ? 59  ASN   A C   1 
ATOM   486  O O   . ASN   A 1 59  ? 9.11082   -8.24411  0.34561   1.000 26.27000 ? 59  ASN   A O   1 
ATOM   487  C CB  . ASN   A 1 59  ? 9.14553   -9.32517  2.97908   1.000 22.35000 ? 59  ASN   A CB  1 
ATOM   488  C CG  . ASN   A 1 59  ? 9.85293   -8.27389  3.84016   1.000 26.72000 ? 59  ASN   A CG  1 
ATOM   489  O OD1 . ASN   A 1 59  ? 9.60198   -7.07182  3.72868   1.000 26.00000 ? 59  ASN   A OD1 1 
ATOM   490  N ND2 . ASN   A 1 59  ? 10.76195  -8.73532  4.69314   1.000 30.40000 ? 59  ASN   A ND2 1 
ATOM   491  N N   . TYR   A 1 60  ? 7.39193   -6.87958  0.90866   1.000 17.84000 ? 60  TYR   A N   1 
ATOM   492  C CA  . TYR   A 1 60  ? 7.41671   -6.01875  -0.27546  1.000 16.84000 ? 60  TYR   A CA  1 
ATOM   493  C C   . TYR   A 1 60  ? 7.89457   -4.63763  0.14829   1.000 19.28000 ? 60  TYR   A C   1 
ATOM   494  O O   . TYR   A 1 60  ? 7.27287   -3.99868  1.00441   1.000 16.64000 ? 60  TYR   A O   1 
ATOM   495  C CB  . TYR   A 1 60  ? 6.01332   -5.92484  -0.88014  1.000 18.29000 ? 60  TYR   A CB  1 
ATOM   496  C CG  . TYR   A 1 60  ? 5.84705   -5.06289  -2.12584  1.000 19.27000 ? 60  TYR   A CG  1 
ATOM   497  C CD1 . TYR   A 1 60  ? 5.69078   -5.64240  -3.38495  1.000 23.43000 ? 60  TYR   A CD1 1 
ATOM   498  C CD2 . TYR   A 1 60  ? 5.80319   -3.67556  -2.04386  1.000 18.31000 ? 60  TYR   A CD2 1 
ATOM   499  C CE1 . TYR   A 1 60  ? 5.51656   -4.85539  -4.52670  1.000 20.57000 ? 60  TYR   A CE1 1 
ATOM   500  C CE2 . TYR   A 1 60  ? 5.63021   -2.89088  -3.17656  1.000 19.01000 ? 60  TYR   A CE2 1 
ATOM   501  C CZ  . TYR   A 1 60  ? 5.49141   -3.48317  -4.41175  1.000 21.85000 ? 60  TYR   A CZ  1 
ATOM   502  O OH  . TYR   A 1 60  ? 5.31612   -2.70227  -5.53859  1.000 24.80000 ? 60  TYR   A OH  1 
ATOM   503  N N   . ASP   A 1 61  ? 8.98556   -4.17513  -0.45221  1.000 16.32000 ? 61  ASP   A N   1 
ATOM   504  C CA  . ASP   A 1 61  ? 9.58376   -2.89783  -0.09792  1.000 17.44000 ? 61  ASP   A CA  1 
ATOM   505  C C   . ASP   A 1 61  ? 9.56533   -1.95593  -1.28963  1.000 15.67000 ? 61  ASP   A C   1 
ATOM   506  O O   . ASP   A 1 61  ? 9.73980   -2.37799  -2.43956  1.000 15.84000 ? 61  ASP   A O   1 
ATOM   507  C CB  . ASP   A 1 61  ? 11.03334  -3.07741  0.35829   1.000 22.53000 ? 61  ASP   A CB  1 
ATOM   508  C CG  . ASP   A 1 61  ? 11.20385  -4.25289  1.28376   1.000 27.92000 ? 61  ASP   A CG  1 
ATOM   509  O OD1 . ASP   A 1 61  ? 10.23133  -4.58413  1.99919   1.000 28.42000 ? 61  ASP   A OD1 1 
ATOM   510  O OD2 . ASP   A 1 61  ? 12.30515  -4.84382  1.29830   1.000 30.68000 ? 61  ASP   A OD2 1 
ATOM   511  N N   . VAL   A 1 62  ? 9.38315   -0.66634  -1.01392  1.000 12.80000 ? 62  VAL   A N   1 
ATOM   512  C CA  . VAL   A 1 62  ? 9.50028   0.34521   -2.05666  1.000 13.77000 ? 62  VAL   A CA  1 
ATOM   513  C C   . VAL   A 1 62  ? 10.00782  1.63957   -1.43879  1.000 14.83000 ? 62  VAL   A C   1 
ATOM   514  O O   . VAL   A 1 62  ? 9.62936   2.00005   -0.32314  1.000 16.08000 ? 62  VAL   A O   1 
ATOM   515  C CB  . VAL   A 1 62  ? 8.16923   0.53207   -2.81543  1.000 13.57000 ? 62  VAL   A CB  1 
ATOM   516  C CG1 . VAL   A 1 62  ? 7.07994   1.04711   -1.88298  1.000 15.39000 ? 62  VAL   A CG1 1 
ATOM   517  C CG2 . VAL   A 1 62  ? 8.35554   1.47580   -3.99029  1.000 18.74000 ? 62  VAL   A CG2 1 
ATOM   518  N N   . ASP   A 1 63  ? 10.89215  2.32060   -2.16367  1.000 14.36000 ? 63  ASP   A N   1 
ATOM   519  C CA  . ASP   A 1 63  ? 11.42113  3.62147   -1.78687  1.000 14.58000 ? 63  ASP   A CA  1 
ATOM   520  C C   . ASP   A 1 63  ? 10.96502  4.63644   -2.82033  1.000 14.17000 ? 63  ASP   A C   1 
ATOM   521  O O   . ASP   A 1 63  ? 10.93273  4.33984   -4.01464  1.000 15.89000 ? 63  ASP   A O   1 
ATOM   522  C CB  . ASP   A 1 63  ? 12.95139  3.59321   -1.78489  1.000 16.48000 ? 63  ASP   A CB  1 
ATOM   523  C CG  . ASP   A 1 63  ? 13.51030  2.43049   -0.99250  1.000 23.43000 ? 63  ASP   A CG  1 
ATOM   524  O OD1 . ASP   A 1 63  ? 12.90484  2.07142   0.03865   1.000 23.12000 ? 63  ASP   A OD1 1 
ATOM   525  O OD2 . ASP   A 1 63  ? 14.55693  1.87711   -1.39713  1.000 31.57000 ? 63  ASP   A OD2 1 
ATOM   526  N N   . PHE   A 1 64  ? 10.60395  5.83329   -2.36745  1.000 13.70000 ? 64  PHE   A N   1 
ATOM   527  C CA  . PHE   A 1 64  ? 10.18760  6.85853   -3.31221  1.000 12.03000 ? 64  PHE   A CA  1 
ATOM   528  C C   . PHE   A 1 64  ? 10.37776  8.22768   -2.68013  1.000 12.41000 ? 64  PHE   A C   1 
ATOM   529  O O   . PHE   A 1 64  ? 10.53779  8.35662   -1.46096  1.000 13.39000 ? 64  PHE   A O   1 
ATOM   530  C CB  . PHE   A 1 64  ? 8.73306   6.65364   -3.75210  1.000 13.00000 ? 64  PHE   A CB  1 
ATOM   531  C CG  . PHE   A 1 64  ? 7.74688   6.63045   -2.61278  1.000 12.15000 ? 64  PHE   A CG  1 
ATOM   532  C CD1 . PHE   A 1 64  ? 7.23045   7.81268   -2.09452  1.000 14.02000 ? 64  PHE   A CD1 1 
ATOM   533  C CD2 . PHE   A 1 64  ? 7.33626   5.42645   -2.06914  1.000 13.87000 ? 64  PHE   A CD2 1 
ATOM   534  C CE1 . PHE   A 1 64  ? 6.33596   7.79250   -1.06174  1.000 13.81000 ? 64  PHE   A CE1 1 
ATOM   535  C CE2 . PHE   A 1 64  ? 6.43595   5.39692   -1.02405  1.000 11.54000 ? 64  PHE   A CE2 1 
ATOM   536  C CZ  . PHE   A 1 64  ? 5.93508   6.58538   -0.51969  1.000 13.43000 ? 64  PHE   A CZ  1 
ATOM   537  N N   . THR   A 1 65  ? 10.34586  9.24351   -3.53238  1.000 13.18000 ? 65  THR   A N   1 
ATOM   538  C CA  . THR   A 1 65  ? 10.33057  10.64164  -3.12586  1.000 11.49000 ? 65  THR   A CA  1 
ATOM   539  C C   . THR   A 1 65  ? 9.00587   11.25019  -3.55817  1.000 12.43000 ? 65  THR   A C   1 
ATOM   540  O O   . THR   A 1 65  ? 8.60584   11.13089  -4.72734  1.000 10.61000 ? 65  THR   A O   1 
ATOM   541  C CB  . THR   A 1 65  ? 11.49211  11.37996  -3.79748  1.000 13.68000 ? 65  THR   A CB  1 
ATOM   542  O OG1 . THR   A 1 65  ? 12.73738  10.77322  -3.40270  1.000 16.57000 ? 65  THR   A OG1 1 
ATOM   543  C CG2 . THR   A 1 65  ? 11.48370  12.84778  -3.39906  1.000 17.09000 ? 65  THR   A CG2 1 
ATOM   544  N N   . VAL   A 1 66  ? 8.32141   11.90524  -2.61765  1.000 12.38000 ? 66  VAL   A N   1 
ATOM   545  C CA  . VAL   A 1 66  ? 7.06587   12.57413  -2.93389  1.000 13.56000 ? 66  VAL   A CA  1 
ATOM   546  C C   . VAL   A 1 66  ? 7.27735   13.54892  -4.08679  1.000 11.96000 ? 66  VAL   A C   1 
ATOM   547  O O   . VAL   A 1 66  ? 8.23288   14.33566  -4.08828  1.000 14.49000 ? 66  VAL   A O   1 
ATOM   548  C CB  . VAL   A 1 66  ? 6.50480   13.25956  -1.66909  1.000 13.01000 ? 66  VAL   A CB  1 
ATOM   549  C CG1 . VAL   A 1 66  ? 5.31103   14.14969  -2.00777  1.000 16.14000 ? 66  VAL   A CG1 1 
ATOM   550  C CG2 . VAL   A 1 66  ? 6.11814   12.21152  -0.64134  1.000 17.07000 ? 66  VAL   A CG2 1 
ATOM   551  N N   . GLY   A 1 67  ? 6.40663   13.46855  -5.09233  1.000 10.46000 ? 67  GLY   A N   1 
ATOM   552  C CA  . GLY   A 1 67  ? 6.44195   14.36949  -6.23294  1.000 11.09000 ? 67  GLY   A CA  1 
ATOM   553  C C   . GLY   A 1 67  ? 7.39896   13.98867  -7.33732  1.000 12.93000 ? 67  GLY   A C   1 
ATOM   554  O O   . GLY   A 1 67  ? 7.51668   14.75107  -8.30015  1.000 12.98000 ? 67  GLY   A O   1 
ATOM   555  N N   . VAL   A 1 68  ? 8.07083   12.84442  -7.24516  1.000 10.92000 ? 68  VAL   A N   1 
ATOM   556  C CA  . VAL   A 1 68  ? 9.02728   12.38783  -8.25344  1.000 12.55000 ? 68  VAL   A CA  1 
ATOM   557  C C   . VAL   A 1 68  ? 8.49733   11.10020  -8.85568  1.000 10.75000 ? 68  VAL   A C   1 
ATOM   558  O O   . VAL   A 1 68  ? 8.43607   10.06469  -8.17543  1.000 11.39000 ? 68  VAL   A O   1 
ATOM   559  C CB  . VAL   A 1 68  ? 10.43129  12.18069  -7.67141  1.000 11.61000 ? 68  VAL   A CB  1 
ATOM   560  C CG1 . VAL   A 1 68  ? 11.36342  11.62126  -8.74029  1.000 13.70000 ? 68  VAL   A CG1 1 
ATOM   561  C CG2 . VAL   A 1 68  ? 11.00282  13.47953  -7.12366  1.000 12.76000 ? 68  VAL   A CG2 1 
ATOM   562  N N   . GLU   A 1 69  ? 8.12484   11.15021  -10.13099 1.000 11.91000 ? 69  GLU   A N   1 
ATOM   563  C CA  . GLU   A 1 69  ? 7.60204   9.96108   -10.79073 1.000 11.09000 ? 69  GLU   A CA  1 
ATOM   564  C C   . GLU   A 1 69  ? 8.69309   8.90194   -10.90198 1.000 13.12000 ? 69  GLU   A C   1 
ATOM   565  O O   . GLU   A 1 69  ? 9.88251   9.21092   -11.04326 1.000 14.84000 ? 69  GLU   A O   1 
ATOM   566  C CB  . GLU   A 1 69  ? 7.08452   10.32547  -12.18221 1.000 14.29000 ? 69  GLU   A CB  1 
ATOM   567  C CG  . GLU   A 1 69  ? 6.44531   9.17237   -12.93054 1.000 18.91000 ? 69  GLU   A CG  1 
ATOM   568  C CD  . GLU   A 1 69  ? 5.42730   9.64588   -13.95391 1.000 31.25000 ? 69  GLU   A CD  1 
ATOM   569  O OE1 . GLU   A 1 69  ? 4.22139   9.71280   -13.61976 1.000 35.88000 ? 69  GLU   A OE1 1 
ATOM   570  O OE2 . GLU   A 1 69  ? 5.83867   9.96861   -15.08719 1.000 36.67000 ? 69  GLU   A OE2 1 
ATOM   571  N N   . PHE   A 1 70  ? 8.29245   7.63590   -10.81504 1.000 12.56000 ? 70  PHE   A N   1 
ATOM   572  C CA  . PHE   A 1 70  ? 9.27384   6.57224   -10.98361 1.000 14.38000 ? 70  PHE   A CA  1 
ATOM   573  C C   . PHE   A 1 70  ? 8.64476   5.36882   -11.66400 1.000 14.35000 ? 70  PHE   A C   1 
ATOM   574  O O   . PHE   A 1 70  ? 7.49381   5.01951   -11.39704 1.000 14.73000 ? 70  PHE   A O   1 
ATOM   575  C CB  . PHE   A 1 70  ? 9.94732   6.17795   -9.66449  1.000 15.23000 ? 70  PHE   A CB  1 
ATOM   576  C CG  . PHE   A 1 70  ? 9.00557   5.66417   -8.60934  1.000 15.58000 ? 70  PHE   A CG  1 
ATOM   577  C CD1 . PHE   A 1 70  ? 8.16161   6.51771   -7.91633  1.000 15.26000 ? 70  PHE   A CD1 1 
ATOM   578  C CD2 . PHE   A 1 70  ? 9.00612   4.31382   -8.27368  1.000 20.64000 ? 70  PHE   A CD2 1 
ATOM   579  C CE1 . PHE   A 1 70  ? 7.31291   6.03636   -6.92789  1.000 16.85000 ? 70  PHE   A CE1 1 
ATOM   580  C CE2 . PHE   A 1 70  ? 8.16207   3.82250   -7.28745  1.000 19.72000 ? 70  PHE   A CE2 1 
ATOM   581  C CZ  . PHE   A 1 70  ? 7.31726   4.67640   -6.61554  1.000 15.80000 ? 70  PHE   A CZ  1 
ATOM   582  N N   . ASP   A 1 71  ? 9.40268   4.76275   -12.57565 1.000 16.78000 ? 71  ASP   A N   1 
ATOM   583  C CA  . ASP   A 1 71  ? 9.01758   3.49057   -13.16003 1.000 19.56000 ? 71  ASP   A CA  1 
ATOM   584  C C   . ASP   A 1 71  ? 9.34078   2.38664   -12.17588 1.000 17.57000 ? 71  ASP   A C   1 
ATOM   585  O O   . ASP   A 1 71  ? 10.40266  2.38848   -11.54906 1.000 22.61000 ? 71  ASP   A O   1 
ATOM   586  C CB  . ASP   A 1 71  ? 9.81620   3.24015   -14.43837 1.000 22.65000 ? 71  ASP   A CB  1 
ATOM   587  C CG  . ASP   A 1 71  ? 9.25999   3.97925   -15.61957 1.000 32.14000 ? 71  ASP   A CG  1 
ATOM   588  O OD1 . ASP   A 1 71  ? 8.60111   5.02071   -15.41510 1.000 31.24000 ? 71  ASP   A OD1 1 
ATOM   589  O OD2 . ASP   A 1 71  ? 9.46399   3.50096   -16.75487 1.000 38.01000 ? 71  ASP   A OD2 1 
ATOM   590  N N   . GLU   A 1 72  ? 8.41867   1.44645   -12.02131 1.000 16.60000 ? 72  GLU   A N   1 
ATOM   591  C CA  . GLU   A 1 72  ? 8.67435   0.35234   -11.10254 1.000 19.58000 ? 72  GLU   A CA  1 
ATOM   592  C C   . GLU   A 1 72  ? 8.10385   -0.94763  -11.64310 1.000 15.42000 ? 72  GLU   A C   1 
ATOM   593  O O   . GLU   A 1 72  ? 7.15543   -0.96416  -12.42859 1.000 14.44000 ? 72  GLU   A O   1 
ATOM   594  C CB  . GLU   A 1 72  ? 8.13210   0.63417   -9.69843  1.000 24.51000 ? 72  GLU   A CB  1 
ATOM   595  C CG  . GLU   A 1 72  ? 6.68802   0.27720   -9.54278  1.000 25.16000 ? 72  GLU   A CG  1 
ATOM   596  C CD  . GLU   A 1 72  ? 6.10576   0.69439   -8.20894  1.000 21.17000 ? 72  GLU   A CD  1 
ATOM   597  O OE1 . GLU   A 1 72  ? 4.99338   1.24293   -8.23251  1.000 18.75000 ? 72  GLU   A OE1 1 
ATOM   598  O OE2 . GLU   A 1 72  ? 6.73650   0.46582   -7.15384  1.000 22.00000 ? 72  GLU   A OE2 1 
ATOM   599  N N   . TYR   A 1 73  ? 8.69850   -2.03691  -11.18508 1.000 15.34000 ? 73  TYR   A N   1 
ATOM   600  C CA  . TYR   A 1 73  ? 8.18441   -3.38059  -11.39319 1.000 15.98000 ? 73  TYR   A CA  1 
ATOM   601  C C   . TYR   A 1 73  ? 7.52858   -3.81438  -10.09213 1.000 13.99000 ? 73  TYR   A C   1 
ATOM   602  O O   . TYR   A 1 73  ? 8.11383   -3.64278  -9.01998  1.000 14.95000 ? 73  TYR   A O   1 
ATOM   603  C CB  . TYR   A 1 73  ? 9.35912   -4.30912  -11.69922 1.000 16.26000 ? 73  TYR   A CB  1 
ATOM   604  C CG  . TYR   A 1 73  ? 8.98653   -5.70654  -12.14669 1.000 14.37000 ? 73  TYR   A CG  1 
ATOM   605  C CD1 . TYR   A 1 73  ? 8.09389   -5.91370  -13.18742 1.000 16.70000 ? 73  TYR   A CD1 1 
ATOM   606  C CD2 . TYR   A 1 73  ? 9.56726   -6.82488  -11.55048 1.000 14.76000 ? 73  TYR   A CD2 1 
ATOM   607  C CE1 . TYR   A 1 73  ? 7.77552   -7.19824  -13.61368 1.000 17.15000 ? 73  TYR   A CE1 1 
ATOM   608  C CE2 . TYR   A 1 73  ? 9.25326   -8.10591  -11.97069 1.000 16.09000 ? 73  TYR   A CE2 1 
ATOM   609  C CZ  . TYR   A 1 73  ? 8.36215   -8.28111  -13.00265 1.000 18.64000 ? 73  TYR   A CZ  1 
ATOM   610  O OH  . TYR   A 1 73  ? 8.04612   -9.55149  -13.42857 1.000 21.93000 ? 73  TYR   A OH  1 
ATOM   611  N N   . THR   A 1 74  ? 6.31620   -4.36249  -10.17614 1.000 13.17000 ? 74  THR   A N   1 
ATOM   612  C CA  . THR   A 1 74  ? 5.60918   -4.71484  -8.95058  1.000 13.38000 ? 74  THR   A CA  1 
ATOM   613  C C   . THR   A 1 74  ? 6.01736   -6.06934  -8.39264  1.000 16.22000 ? 74  THR   A C   1 
ATOM   614  O O   . THR   A 1 74  ? 5.40654   -6.53596  -7.43011  1.000 16.13000 ? 74  THR   A O   1 
ATOM   615  C CB  . THR   A 1 74  ? 4.08781   -4.56526  -9.10368  1.000 14.72000 ? 74  THR   A CB  1 
ATOM   616  O OG1 . THR   A 1 74  ? 3.62467   -5.41358  -10.15540 1.000 14.40000 ? 74  THR   A OG1 1 
ATOM   617  C CG2 . THR   A 1 74  ? 3.72385   -3.10736  -9.43104  1.000 14.88000 ? 74  THR   A CG2 1 
ATOM   618  N N   . LYS   A 1 75  ? 7.01938   -6.71428  -8.98744  1.000 14.55000 ? 75  LYS   A N   1 
ATOM   619  C CA  . LYS   A 1 75  ? 7.78887   -7.76964  -8.31563  1.000 16.02000 ? 75  LYS   A CA  1 
ATOM   620  C C   . LYS   A 1 75  ? 6.84160   -8.89289  -7.89803  1.000 16.27000 ? 75  LYS   A C   1 
ATOM   621  O O   . LYS   A 1 75  ? 6.01170   -9.31754  -8.72037  1.000 18.07000 ? 75  LYS   A O   1 
ATOM   622  C CB  . LYS   A 1 75  ? 8.63859   -7.13109  -7.21862  1.000 16.04000 ? 75  LYS   A CB  1 
ATOM   623  C CG  . LYS   A 1 75  ? 9.73861   -6.22289  -7.78495  1.000 15.76000 ? 75  LYS   A CG  1 
ATOM   624  C CD  . LYS   A 1 75  ? 10.46691  -5.41861  -6.71426  1.000 17.14000 ? 75  LYS   A CD  1 
ATOM   625  C CE  . LYS   A 1 75  ? 11.55008  -4.54358  -7.33118  1.000 19.56000 ? 75  LYS   A CE  1 
ATOM   626  N NZ  . LYS   A 1 75  ? 12.08214  -3.55007  -6.36282  1.000 22.48000 ? 75  LYS   A NZ  1 
ATOM   627  N N   . SER   A 1 76  ? 6.89624   -9.38076  -6.65928  1.000 17.00000 ? 76  SER   A N   1 
ATOM   628  C CA  . SER   A 1 76  ? 6.16493   -10.59292 -6.30864  1.000 18.25000 ? 76  SER   A CA  1 
ATOM   629  C C   . SER   A 1 76  ? 4.68330   -10.35816 -6.02867  1.000 17.25000 ? 76  SER   A C   1 
ATOM   630  O O   . SER   A 1 76  ? 3.98186   -11.32240 -5.71307  1.000 23.34000 ? 76  SER   A O   1 
ATOM   631  C CB  . SER   A 1 76  ? 6.82814   -11.30637 -5.12682  1.000 19.71000 ? 76  SER   A CB  1 
ATOM   632  O OG  . SER   A 1 76  ? 6.61861   -10.58876 -3.91914  1.000 22.26000 ? 76  SER   A OG  1 
ATOM   633  N N   . LEU   A 1 77  ? 4.19197   -9.12035  -6.12192  1.000 16.20000 ? 77  LEU   A N   1 
ATOM   634  C CA  . LEU   A 1 77  ? 2.75288   -8.88928  -6.06590  1.000 14.58000 ? 77  LEU   A CA  1 
ATOM   635  C C   . LEU   A 1 77  ? 2.10945   -9.40345  -7.34588  1.000 16.49000 ? 77  LEU   A C   1 
ATOM   636  O O   . LEU   A 1 77  ? 1.48247   -10.46764 -7.33821  1.000 20.60000 ? 77  LEU   A O   1 
ATOM   637  C CB  . LEU   A 1 77  ? 2.43219   -7.40488  -5.81543  1.000 13.13000 ? 77  LEU   A CB  1 
ATOM   638  C CG  . LEU   A 1 77  ? 0.95111   -6.98879  -5.78595  1.000 13.01000 ? 77  LEU   A CG  1 
ATOM   639  C CD1 . LEU   A 1 77  ? 0.18376   -7.68424  -4.66704  1.000 15.36000 ? 77  LEU   A CD1 1 
ATOM   640  C CD2 . LEU   A 1 77  ? 0.84112   -5.48702  -5.62928  1.000 14.54000 ? 77  LEU   A CD2 1 
ATOM   641  N N   . ASP   A 1 78  ? 2.28204   -8.67988  -8.46156  1.000 15.76000 ? 78  ASP   A N   1 
ATOM   642  C CA  . ASP   A 1 78  ? 1.66825   -9.11056  -9.71556  1.000 16.54000 ? 78  ASP   A CA  1 
ATOM   643  C C   . ASP   A 1 78  ? 2.57983   -8.97294  -10.93029 1.000 14.64000 ? 78  ASP   A C   1 
ATOM   644  O O   . ASP   A 1 78  ? 2.08328   -9.06417  -12.06111 1.000 15.97000 ? 78  ASP   A O   1 
ATOM   645  C CB  . ASP   A 1 78  ? 0.33225   -8.39037  -9.97656  1.000 14.15000 ? 78  ASP   A CB  1 
ATOM   646  C CG  . ASP   A 1 78  ? 0.49312   -6.87835  -10.11037 1.000 13.86000 ? 78  ASP   A CG  1 
ATOM   647  O OD1 . ASP   A 1 78  ? 1.27832   -6.29244  -9.33985  1.000 14.49000 ? 78  ASP   A OD1 1 
ATOM   648  O OD2 . ASP   A 1 78  ? -0.15357  -6.28332  -10.99863 1.000 14.14000 ? 78  ASP   A OD2 1 
ATOM   649  N N   . ASN   A 1 79  ? 3.87707   -8.73366  -10.74072 1.000 14.69000 ? 79  ASN   A N   1 
ATOM   650  C CA  . ASN   A 1 79  ? 4.85845   -8.78310  -11.83069 1.000 14.11000 ? 79  ASN   A CA  1 
ATOM   651  C C   . ASN   A 1 79  ? 4.45076   -7.91038  -13.01906 1.000 15.90000 ? 79  ASN   A C   1 
ATOM   652  O O   . ASN   A 1 79  ? 4.48542   -8.33656  -14.17260 1.000 16.87000 ? 79  ASN   A O   1 
ATOM   653  C CB  . ASN   A 1 79  ? 5.13359   -10.22834 -12.28444 1.000 18.17000 ? 79  ASN   A CB  1 
ATOM   654  C CG  . ASN   A 1 79  ? 5.61034   -11.13410 -11.15633 1.000 20.05000 ? 79  ASN   A CG  1 
ATOM   655  O OD1 . ASN   A 1 79  ? 6.81739   -11.30572 -10.95148 1.000 25.33000 ? 79  ASN   A OD1 1 
ATOM   656  N ND2 . ASN   A 1 79  ? 4.67585   -11.73065 -10.43598 1.000 19.39000 ? 79  ASN   A ND2 1 
ATOM   657  N N   . ARG   A 1 80  ? 4.04866   -6.67347  -12.74048 1.000 13.38000 ? 80  ARG   A N   1 
ATOM   658  C CA  . ARG   A 1 80  ? 3.68632   -5.73533  -13.79485 1.000 15.85000 ? 80  ARG   A CA  1 
ATOM   659  C C   . ARG   A 1 80  ? 4.56983   -4.49765  -13.72441 1.000 15.95000 ? 80  ARG   A C   1 
ATOM   660  O O   . ARG   A 1 80  ? 5.14562   -4.18236  -12.67898 1.000 15.64000 ? 80  ARG   A O   1 
ATOM   661  C CB  . ARG   A 1 80  ? 2.20997   -5.31613  -13.71731 1.000 15.58000 ? 80  ARG   A CB  1 
ATOM   662  C CG  . ARG   A 1 80  ? 1.21930   -6.38964  -14.16078 1.000 16.14000 ? 80  ARG   A CG  1 
ATOM   663  C CD  . ARG   A 1 80  ? -0.18988  -5.83492  -14.21498 1.000 17.45000 ? 80  ARG   A CD  1 
ATOM   664  N NE  . ARG   A 1 80  ? -1.12853  -6.77621  -14.83125 1.000 17.61000 ? 80  ARG   A NE  1 
ATOM   665  C CZ  . ARG   A 1 80  ? -1.94666  -7.58188  -14.15928 1.000 18.05000 ? 80  ARG   A CZ  1 
ATOM   666  N NH1 . ARG   A 1 80  ? -1.97509  -7.56697  -12.82704 1.000 16.12000 ? 80  ARG   A NH1 1 
ATOM   667  N NH2 . ARG   A 1 80  ? -2.75377  -8.39685  -14.82774 1.000 19.48000 ? 80  ARG   A NH2 1 
ATOM   668  N N   . HIS   A 1 81  ? 4.66728   -3.79977  -14.85581 1.000 15.87000 ? 81  HIS   A N   1 
ATOM   669  C CA  . HIS   A 1 81  ? 5.37354   -2.52540  -14.93322 1.000 13.55000 ? 81  HIS   A CA  1 
ATOM   670  C C   . HIS   A 1 81  ? 4.37147   -1.38622  -14.87767 1.000 14.18000 ? 81  HIS   A C   1 
ATOM   671  O O   . HIS   A 1 81  ? 3.37879   -1.39127  -15.61130 1.000 16.02000 ? 81  HIS   A O   1 
ATOM   672  C CB  . HIS   A 1 81  ? 6.16812   -2.43374  -16.23610 1.000 16.30000 ? 81  HIS   A CB  1 
ATOM   673  C CG  . HIS   A 1 81  ? 7.23369   -3.47305  -16.35929 1.000 19.37000 ? 81  HIS   A CG  1 
ATOM   674  N ND1 . HIS   A 1 81  ? 8.48149   -3.33807  -15.78730 1.000 23.75000 ? 81  HIS   A ND1 1 
ATOM   675  C CD2 . HIS   A 1 81  ? 7.22322   -4.68831  -16.95644 1.000 23.32000 ? 81  HIS   A CD2 1 
ATOM   676  C CE1 . HIS   A 1 81  ? 9.20231   -4.41377  -16.04981 1.000 21.76000 ? 81  HIS   A CE1 1 
ATOM   677  N NE2 . HIS   A 1 81  ? 8.46101   -5.24977  -16.75534 1.000 25.72000 ? 81  HIS   A NE2 1 
ATOM   678  N N   . VAL   A 1 82  ? 4.63782   -0.40273  -14.01096 1.000 14.70000 ? 82  VAL   A N   1 
ATOM   679  C CA  . VAL   A 1 82  ? 3.77530   0.76162   -13.86256 1.000 13.65000 ? 82  VAL   A CA  1 
ATOM   680  C C   . VAL   A 1 82  ? 4.64406   2.00669   -13.73841 1.000 13.55000 ? 82  VAL   A C   1 
ATOM   681  O O   . VAL   A 1 82  ? 5.83165   1.93747   -13.42245 1.000 15.87000 ? 82  VAL   A O   1 
ATOM   682  C CB  . VAL   A 1 82  ? 2.84611   0.64632   -12.62588 1.000 14.14000 ? 82  VAL   A CB  1 
ATOM   683  C CG1 . VAL   A 1 82  ? 1.84889   -0.51682  -12.77417 1.000 13.78000 ? 82  VAL   A CG1 1 
ATOM   684  C CG2 . VAL   A 1 82  ? 3.66242   0.49959   -11.36415 1.000 15.21000 ? 82  VAL   A CG2 1 
ATOM   685  N N   . LYS   A 1 83  ? 4.01615   3.15989   -13.95862 1.000 14.53000 ? 83  LYS   A N   1 
ATOM   686  C CA  . LYS   A 1 83  ? 4.62936   4.46164   -13.71350 1.000 15.48000 ? 83  LYS   A CA  1 
ATOM   687  C C   . LYS   A 1 83  ? 3.96336   5.02218   -12.47055 1.000 13.91000 ? 83  LYS   A C   1 
ATOM   688  O O   . LYS   A 1 83  ? 2.76751   5.33825   -12.49246 1.000 16.05000 ? 83  LYS   A O   1 
ATOM   689  C CB  . LYS   A 1 83  ? 4.44594   5.40309   -14.89966 1.000 19.30000 ? 83  LYS   A CB  1 
ATOM   690  C CG  . LYS   A 1 83  ? 5.54508   5.26246   -15.93218 1.000 28.31000 ? 83  LYS   A CG  1 
ATOM   691  C CD  . LYS   A 1 83  ? 5.04126   5.41823   -17.35031 1.000 33.88000 ? 83  LYS   A CD  1 
ATOM   692  C CE  . LYS   A 1 83  ? 6.09386   4.92761   -18.33592 1.000 32.92000 ? 83  LYS   A CE  1 
ATOM   693  N NZ  . LYS   A 1 83  ? 5.76793   3.55363   -18.82253 1.000 38.10000 ? 83  LYS   A NZ  1 
ATOM   694  N N   . ALA   A 1 84  ? 4.73541   5.11840   -11.39682 1.000 11.92000 ? 84  ALA   A N   1 
ATOM   695  C CA  . ALA   A 1 84  ? 4.22673   5.43484   -10.07555 1.000 11.69000 ? 84  ALA   A CA  1 
ATOM   696  C C   . ALA   A 1 84  ? 4.52704   6.87819   -9.69678  1.000 12.60000 ? 84  ALA   A C   1 
ATOM   697  O O   . ALA   A 1 84  ? 5.56034   7.44174   -10.07263 1.000 12.50000 ? 84  ALA   A O   1 
ATOM   698  C CB  . ALA   A 1 84  ? 4.84771   4.49227   -9.04271  1.000 14.48000 ? 84  ALA   A CB  1 
ATOM   699  N N   . LEU   A 1 85  ? 3.61590   7.46897   -8.92512  1.000 11.62000 ? 85  LEU   A N   1 
ATOM   700  C CA  . LEU   A 1 85  ? 3.79126   8.82528   -8.42712  1.000 11.23000 ? 85  LEU   A CA  1 
ATOM   701  C C   . LEU   A 1 85  ? 3.07903   8.94131   -7.09149  1.000 10.48000 ? 85  LEU   A C   1 
ATOM   702  O O   . LEU   A 1 85  ? 1.89821   8.59687   -6.99836  1.000 11.52000 ? 85  LEU   A O   1 
ATOM   703  C CB  . LEU   A 1 85  ? 3.22591   9.84840   -9.42560  1.000 12.05000 ? 85  LEU   A CB  1 
ATOM   704  C CG  . LEU   A 1 85  ? 3.20508   11.29352  -8.92952  1.000 11.99000 ? 85  LEU   A CG  1 
ATOM   705  C CD1 . LEU   A 1 85  ? 4.61970   11.82079  -8.75144  1.000 13.08000 ? 85  LEU   A CD1 1 
ATOM   706  C CD2 . LEU   A 1 85  ? 2.44499   12.15535  -9.92093  1.000 14.81000 ? 85  LEU   A CD2 1 
ATOM   707  N N   . VAL   A 1 86  ? 3.78428   9.42741   -6.07396  1.000 9.05000  ? 86  VAL   A N   1 
ATOM   708  C CA  . VAL   A 1 86  ? 3.21056   9.62773   -4.74630  1.000 9.49000  ? 86  VAL   A CA  1 
ATOM   709  C C   . VAL   A 1 86  ? 3.17819   11.12322  -4.46048  1.000 11.88000 ? 86  VAL   A C   1 
ATOM   710  O O   . VAL   A 1 86  ? 4.20350   11.80301  -4.58635  1.000 11.25000 ? 86  VAL   A O   1 
ATOM   711  C CB  . VAL   A 1 86  ? 3.99418   8.86401   -3.66779  1.000 9.48000  ? 86  VAL   A CB  1 
ATOM   712  C CG1 . VAL   A 1 86  ? 3.30552   9.03516   -2.33029  1.000 11.85000 ? 86  VAL   A CG1 1 
ATOM   713  C CG2 . VAL   A 1 86  ? 4.05605   7.37675   -4.02145  1.000 10.84000 ? 86  VAL   A CG2 1 
ATOM   714  N N   . THR   A 1 87  ? 2.00502   11.63108  -4.08042  1.000 11.18000 ? 87  THR   A N   1 
ATOM   715  C CA  . THR   A 1 87  ? 1.82420   13.05162  -3.79545  1.000 11.40000 ? 87  THR   A CA  1 
ATOM   716  C C   . THR   A 1 87  ? 0.99129   13.21377  -2.52635  1.000 10.72000 ? 87  THR   A C   1 
ATOM   717  O O   . THR   A 1 87  ? 0.40805   12.25889  -2.00720  1.000 10.95000 ? 87  THR   A O   1 
ATOM   718  C CB  . THR   A 1 87  ? 1.14154   13.76828  -4.96803  1.000 13.64000 ? 87  THR   A CB  1 
ATOM   719  O OG1 . THR   A 1 87  ? -0.13913  13.16873  -5.21066  1.000 16.34000 ? 87  THR   A OG1 1 
ATOM   720  C CG2 . THR   A 1 87  ? 2.02049   13.70013  -6.23576  1.000 17.97000 ? 87  THR   A CG2 1 
ATOM   721  N N   . TRP   A 1 88  ? 0.91473   14.45215  -2.04148  1.000 11.91000 ? 88  TRP   A N   1 
ATOM   722  C CA  . TRP   A 1 88  ? 0.03285   14.81893  -0.94396  1.000 10.47000 ? 88  TRP   A CA  1 
ATOM   723  C C   . TRP   A 1 88  ? -1.21185  15.50633  -1.47775  1.000 11.96000 ? 88  TRP   A C   1 
ATOM   724  O O   . TRP   A 1 88  ? -1.11853  16.44918  -2.27662  1.000 12.54000 ? 88  TRP   A O   1 
ATOM   725  C CB  . TRP   A 1 88  ? 0.72021   15.79032  0.01020   1.000 11.77000 ? 88  TRP   A CB  1 
ATOM   726  C CG  . TRP   A 1 88  ? 1.78946   15.19618  0.83128   1.000 10.58000 ? 88  TRP   A CG  1 
ATOM   727  C CD1 . TRP   A 1 88  ? 3.12978   15.42015  0.70463   1.000 13.77000 ? 88  TRP   A CD1 1 
ATOM   728  C CD2 . TRP   A 1 88  ? 1.62881   14.29892  1.93141   1.000 11.10000 ? 88  TRP   A CD2 1 
ATOM   729  N NE1 . TRP   A 1 88  ? 3.81853   14.70730  1.65445   1.000 13.35000 ? 88  TRP   A NE1 1 
ATOM   730  C CE2 . TRP   A 1 88  ? 2.92126   14.01107  2.42568   1.000 12.09000 ? 88  TRP   A CE2 1 
ATOM   731  C CE3 . TRP   A 1 88  ? 0.51922   13.70435  2.54703   1.000 12.53000 ? 88  TRP   A CE3 1 
ATOM   732  C CZ2 . TRP   A 1 88  ? 3.13627   13.15171  3.50648   1.000 12.58000 ? 88  TRP   A CZ2 1 
ATOM   733  C CZ3 . TRP   A 1 88  ? 0.73823   12.84536  3.62010   1.000 13.59000 ? 88  TRP   A CZ3 1 
ATOM   734  C CH2 . TRP   A 1 88  ? 2.03512   12.57825  4.08121   1.000 13.67000 ? 88  TRP   A CH2 1 
ATOM   735  N N   . GLU   A 1 89  ? -2.36814  15.03556  -1.03071  1.000 11.19000 ? 89  GLU   A N   1 
ATOM   736  C CA  . GLU   A 1 89  ? -3.64369  15.73938  -1.16544  1.000 13.14000 ? 89  GLU   A CA  1 
ATOM   737  C C   . GLU   A 1 89  ? -4.06116  16.09351  0.25456   1.000 10.60000 ? 89  GLU   A C   1 
ATOM   738  O O   . GLU   A 1 89  ? -4.61777  15.25777  0.98072   1.000 12.01000 ? 89  GLU   A O   1 
ATOM   739  C CB  . GLU   A 1 89  ? -4.67553  14.86078  -1.86918  1.000 13.17000 ? 89  GLU   A CB  1 
ATOM   740  C CG  . GLU   A 1 89  ? -4.26900  14.53223  -3.29645  1.000 16.13000 ? 89  GLU   A CG  1 
ATOM   741  C CD  . GLU   A 1 89  ? -5.29744  13.71618  -4.05592  1.000 21.80000 ? 89  GLU   A CD  1 
ATOM   742  O OE1 . GLU   A 1 89  ? -5.07866  13.50655  -5.27209  1.000 28.78000 ? 89  GLU   A OE1 1 
ATOM   743  O OE2 . GLU   A 1 89  ? -6.31003  13.28553  -3.46021  1.000 24.07000 ? 89  GLU   A OE2 1 
ATOM   744  N N   . GLY   A 1 90  ? -3.76483  17.32492  0.65916   1.000 13.08000 ? 90  GLY   A N   1 
ATOM   745  C CA  . GLY   A 1 90  ? -3.90684  17.64453  2.06824   1.000 13.25000 ? 90  GLY   A CA  1 
ATOM   746  C C   . GLY   A 1 90  ? -2.93641  16.79828  2.85758   1.000 12.99000 ? 90  GLY   A C   1 
ATOM   747  O O   . GLY   A 1 90  ? -1.72979  16.78965  2.58368   1.000 13.80000 ? 90  GLY   A O   1 
ATOM   748  N N   . ASP   A 1 91  ? -3.44756  16.06202  3.84912   1.000 13.23000 ? 91  ASP   A N   1 
ATOM   749  C CA  . ASP   A 1 91  ? -2.62051  15.10782  4.58129   1.000 12.86000 ? 91  ASP   A CA  1 
ATOM   750  C C   . ASP   A 1 91  ? -2.90641  13.65504  4.20486   1.000 12.75000 ? 91  ASP   A C   1 
ATOM   751  O O   . ASP   A 1 91  ? -2.60835  12.74422  4.98835   1.000 13.11000 ? 91  ASP   A O   1 
ATOM   752  C CB  . ASP   A 1 91  ? -2.68088  15.32794  6.09338   1.000 17.12000 ? 91  ASP   A CB  1 
ATOM   753  C CG  . ASP   A 1 91  ? -4.07247  15.27366  6.64867   1.000 20.33000 ? 91  ASP   A CG  1 
ATOM   754  O OD1 . ASP   A 1 91  ? -5.03904  14.99455  5.90124   1.000 16.89000 ? 91  ASP   A OD1 1 
ATOM   755  O OD2 . ASP   A 1 91  ? -4.18646  15.51364  7.87359   1.000 24.95000 ? 91  ASP   A OD2 1 
ATOM   756  N N   . VAL   A 1 92  ? -3.49181  13.42267  3.03543   1.000 10.39000 ? 92  VAL   A N   1 
ATOM   757  C CA  . VAL   A 1 92  ? -3.62600  12.07918  2.47169   1.000 9.56000  ? 92  VAL   A CA  1 
ATOM   758  C C   . VAL   A 1 92  ? -2.46310  11.85818  1.50959   1.000 11.39000 ? 92  VAL   A C   1 
ATOM   759  O O   . VAL   A 1 92  ? -2.26234  12.63416  0.56545   1.000 11.24000 ? 92  VAL   A O   1 
ATOM   760  C CB  . VAL   A 1 92  ? -4.97052  11.89356  1.75358   1.000 11.69000 ? 92  VAL   A CB  1 
ATOM   761  C CG1 . VAL   A 1 92  ? -5.08443  10.47689  1.18494   1.000 11.63000 ? 92  VAL   A CG1 1 
ATOM   762  C CG2 . VAL   A 1 92  ? -6.13275  12.19296  2.70272   1.000 11.28000 ? 92  VAL   A CG2 1 
ATOM   763  N N   . LEU   A 1 93  ? -1.68994  10.80256  1.74893   1.000 9.49000  ? 93  LEU   A N   1 
ATOM   764  C CA  . LEU   A 1 93  ? -0.60509  10.41645  0.85031   1.000 8.74000  ? 93  LEU   A CA  1 
ATOM   765  C C   . LEU   A 1 93  ? -1.20979  9.52010   -0.22688  1.000 10.39000 ? 93  LEU   A C   1 
ATOM   766  O O   . LEU   A 1 93  ? -1.80436  8.47920   0.07975   1.000 10.82000 ? 93  LEU   A O   1 
ATOM   767  C CB  . LEU   A 1 93  ? 0.45847   9.66691   1.64837   1.000 10.63000 ? 93  LEU   A CB  1 
ATOM   768  C CG  . LEU   A 1 93  ? 1.79684   9.43802   0.93715   1.000 9.35000  ? 93  LEU   A CG  1 
ATOM   769  C CD1 . LEU   A 1 93  ? 2.57094   10.73083  0.70390   1.000 12.77000 ? 93  LEU   A CD1 1 
ATOM   770  C CD2 . LEU   A 1 93  ? 2.62691   8.42244   1.71110   1.000 11.60000 ? 93  LEU   A CD2 1 
ATOM   771  N N   . VAL   A 1 94  ? -1.09030  9.93304   -1.47830  1.000 10.35000 ? 94  VAL   A N   1 
ATOM   772  C CA  . VAL   A 1 94  ? -1.79860  9.31015   -2.59281  1.000 10.87000 ? 94  VAL   A CA  1 
ATOM   773  C C   . VAL   A 1 94  ? -0.77382  8.75963   -3.57807  1.000 11.59000 ? 94  VAL   A C   1 
ATOM   774  O O   . VAL   A 1 94  ? 0.07455   9.50569   -4.08767  1.000 10.86000 ? 94  VAL   A O   1 
ATOM   775  C CB  . VAL   A 1 94  ? -2.72697  10.31986  -3.28754  1.000 11.77000 ? 94  VAL   A CB  1 
ATOM   776  C CG1 . VAL   A 1 94  ? -3.38559  9.69741   -4.51540  1.000 15.97000 ? 94  VAL   A CG1 1 
ATOM   777  C CG2 . VAL   A 1 94  ? -3.77823  10.83917  -2.30865  1.000 13.40000 ? 94  VAL   A CG2 1 
ATOM   778  N N   . CYS   A 1 95  ? -0.85296  7.46609   -3.85986  1.000 10.62000 ? 95  CYS   A N   1 
ATOM   779  C CA  . CYS   A 1 95  ? -0.04652  6.85248   -4.90652  1.000 10.15000 ? 95  CYS   A CA  1 
ATOM   780  C C   . CYS   A 1 95  ? -0.93972  6.47547   -6.08044  1.000 10.29000 ? 95  CYS   A C   1 
ATOM   781  O O   . CYS   A 1 95  ? -1.99013  5.84705   -5.89841  1.000 11.50000 ? 95  CYS   A O   1 
ATOM   782  C CB  . CYS   A 1 95  ? 0.67440   5.61745   -4.36317  1.000 9.85000  ? 95  CYS   A CB  1 
ATOM   783  S SG  . CYS   A 1 95  ? 1.60811   4.69309   -5.63208  1.000 12.96000 ? 95  CYS   A SG  1 
ATOM   784  N N   . VAL   A 1 96  ? -0.53328  6.88200   -7.27609  1.000 10.52000 ? 96  VAL   A N   1 
ATOM   785  C CA  . VAL   A 1 96  ? -1.16014  6.46020   -8.52116  1.000 12.35000 ? 96  VAL   A CA  1 
ATOM   786  C C   . VAL   A 1 96  ? -0.12751  5.65535   -9.29304  1.000 11.81000 ? 96  VAL   A C   1 
ATOM   787  O O   . VAL   A 1 96  ? 1.01483   6.09617   -9.44975  1.000 12.50000 ? 96  VAL   A O   1 
ATOM   788  C CB  . VAL   A 1 96  ? -1.64159  7.66507   -9.35012  1.000 12.33000 ? 96  VAL   A CB  1 
ATOM   789  C CG1 . VAL   A 1 96  ? -2.05110  7.22245   -10.74939 1.000 16.67000 ? 96  VAL   A CG1 1 
ATOM   790  C CG2 . VAL   A 1 96  ? -2.78998  8.36582   -8.65068  1.000 15.31000 ? 96  VAL   A CG2 1 
ATOM   791  N N   . GLN   A 1 97  ? -0.51603  4.47391   -9.73508  1.000 12.14000 ? 97  GLN   A N   1 
ATOM   792  C CA  . GLN   A 1 97  ? 0.34263   3.60186   -10.53456 1.000 12.08000 ? 97  GLN   A CA  1 
ATOM   793  C C   . GLN   A 1 97  ? -0.28271  3.47674   -11.91948 1.000 14.33000 ? 97  GLN   A C   1 
ATOM   794  O O   . GLN   A 1 97  ? -1.25016  2.72759   -12.10167 1.000 15.09000 ? 97  GLN   A O   1 
ATOM   795  C CB  . GLN   A 1 97  ? 0.47365   2.24151   -9.86256  1.000 12.60000 ? 97  GLN   A CB  1 
ATOM   796  C CG  . GLN   A 1 97  ? 1.35713   2.25918   -8.62061  1.000 14.48000 ? 97  GLN   A CG  1 
ATOM   797  C CD  . GLN   A 1 97  ? 1.16023   1.02720   -7.77192  1.000 16.09000 ? 97  GLN   A CD  1 
ATOM   798  O OE1 . GLN   A 1 97  ? 0.02790   0.62155   -7.50785  1.000 16.26000 ? 97  GLN   A OE1 1 
ATOM   799  N NE2 . GLN   A 1 97  ? 2.26145   0.39877   -7.36646  1.000 17.28000 ? 97  GLN   A NE2 1 
ATOM   800  N N   . LYS   A 1 98  ? 0.27441   4.21542   -12.88978 1.000 13.56000 ? 98  LYS   A N   1 
ATOM   801  C CA  . LYS   A 1 98  ? -0.25189  4.20799   -14.24770 1.000 17.16000 ? 98  LYS   A CA  1 
ATOM   802  C C   . LYS   A 1 98  ? 0.21669   2.96584   -14.99040 1.000 15.17000 ? 98  LYS   A C   1 
ATOM   803  O O   . LYS   A 1 98  ? 1.39164   2.59804   -14.93420 1.000 16.74000 ? 98  LYS   A O   1 
ATOM   804  C CB  . LYS   A 1 98  ? 0.22279   5.44786   -15.00721 1.000 20.67000 ? 98  LYS   A CB  1 
ATOM   805  C CG  . LYS   A 1 98  ? -0.14730  6.76131   -14.35809 1.000 22.60000 ? 98  LYS   A CG  1 
ATOM   806  C CD  . LYS   A 1 98  ? 0.33443   7.92496   -15.20648 1.000 32.34000 ? 98  LYS   A CD  1 
ATOM   807  C CE  . LYS   A 1 98  ? 1.17596   8.90054   -14.39451 1.000 34.21000 ? 98  LYS   A CE  1 
ATOM   808  N NZ  . LYS   A 1 98  ? 1.61561   10.06559  -15.21391 1.000 38.76000 ? 98  LYS   A NZ  1 
ATOM   809  N N   . GLY   A 1 99  ? -0.71358  2.32218   -15.69048 1.000 14.45000 ? 99  GLY   A N   1 
ATOM   810  C CA  . GLY   A 1 99  ? -0.39307  1.08903   -16.38977 1.000 17.41000 ? 99  GLY   A CA  1 
ATOM   811  C C   . GLY   A 1 99  ? -1.63918  0.37330   -16.86196 1.000 14.52000 ? 99  GLY   A C   1 
ATOM   812  O O   . GLY   A 1 99  ? -2.66777  0.99817   -17.14019 1.000 20.23000 ? 99  GLY   A O   1 
ATOM   813  N N   . GLU   A 1 100 ? -1.53802  -0.96005  -16.90560 1.000 18.05000 ? 100 GLU   A N   1 
ATOM   814  C CA  . GLU   A 1 100 ? -2.59653  -1.78967  -17.47684 1.000 20.21000 ? 100 GLU   A CA  1 
ATOM   815  C C   . GLU   A 1 100 ? -3.89394  -1.68194  -16.68412 1.000 20.21000 ? 100 GLU   A C   1 
ATOM   816  O O   . GLU   A 1 100 ? -4.98718  -1.74270  -17.25860 1.000 19.71000 ? 100 GLU   A O   1 
ATOM   817  C CB  . GLU   A 1 100 ? -2.12501  -3.24725  -17.57741 1.000 21.05000 ? 100 GLU   A CB  1 
ATOM   818  C CG  . GLU   A 1 100 ? -3.22924  -4.27492  -17.87627 1.000 25.09000 ? 100 GLU   A CG  1 
ATOM   819  C CD  . GLU   A 1 100 ? -3.71690  -4.23785  -19.32246 1.000 28.85000 ? 100 GLU   A CD  1 
ATOM   820  O OE1 . GLU   A 1 100 ? -3.05488  -3.58919  -20.15585 1.000 29.65000 ? 100 GLU   A OE1 1 
ATOM   821  O OE2 . GLU   A 1 100 ? -4.76198  -4.86094  -19.62734 1.000 27.83000 ? 100 GLU   A OE2 1 
ATOM   822  N N   . LYS   A 1 101 ? -3.80143  -1.52529  -15.36333 1.000 18.83000 ? 101 LYS   A N   1 
ATOM   823  C CA  . LYS   A 1 101 ? -4.98220  -1.49625  -14.51133 1.000 17.49000 ? 101 LYS   A CA  1 
ATOM   824  C C   . LYS   A 1 101 ? -5.44088  -0.06146  -14.27706 1.000 18.45000 ? 101 LYS   A C   1 
ATOM   825  O O   . LYS   A 1 101 ? -4.62148  0.83516   -14.06449 1.000 18.95000 ? 101 LYS   A O   1 
ATOM   826  C CB  . LYS   A 1 101 ? -4.66655  -2.15037  -13.16365 1.000 16.94000 ? 101 LYS   A CB  1 
ATOM   827  C CG  . LYS   A 1 101 ? -4.31780  -3.62850  -13.23553 1.000 16.45000 ? 101 LYS   A CG  1 
ATOM   828  C CD  . LYS   A 1 101 ? -5.51539  -4.47160  -13.61614 1.000 16.28000 ? 101 LYS   A CD  1 
ATOM   829  C CE  . LYS   A 1 101 ? -5.12646  -5.93847  -13.73160 1.000 17.34000 ? 101 LYS   A CE  1 
ATOM   830  N NZ  . LYS   A 1 101 ? -6.30346  -6.79766  -13.99332 1.000 17.86000 ? 101 LYS   A NZ  1 
ATOM   831  N N   . GLU   A 1 102 ? -6.75746  0.14761   -14.30357 1.000 18.20000 ? 102 GLU   A N   1 
ATOM   832  C CA  . GLU   A 1 102 ? -7.33533  1.44898   -13.99479 1.000 20.49000 ? 102 GLU   A CA  1 
ATOM   833  C C   . GLU   A 1 102 ? -7.43268  1.63009   -12.48323 1.000 16.57000 ? 102 GLU   A C   1 
ATOM   834  O O   . GLU   A 1 102 ? -7.51550  0.65386   -11.73246 1.000 18.16000 ? 102 GLU   A O   1 
ATOM   835  C CB  . GLU   A 1 102 ? -8.74394  1.55023   -14.58605 1.000 25.04000 ? 102 GLU   A CB  1 
ATOM   836  C CG  . GLU   A 1 102 ? -8.81223  1.36452   -16.09416 1.000 30.24000 ? 102 GLU   A CG  1 
ATOM   837  C CD  . GLU   A 1 102 ? -10.24119 1.37911   -16.61865 1.000 39.78000 ? 102 GLU   A CD  1 
ATOM   838  O OE1 . GLU   A 1 102 ? -10.91894 0.33214   -16.54980 1.000 45.91000 ? 102 GLU   A OE1 1 
ATOM   839  O OE2 . GLU   A 1 102 ? -10.68884 2.44525   -17.09055 1.000 44.32000 ? 102 GLU   A OE2 1 
ATOM   840  N N   . ASN   A 1 103 ? -7.42304  2.89608   -12.04274 1.000 16.76000 ? 103 ASN   A N   1 
ATOM   841  C CA  . ASN   A 1 103 ? -7.67488  3.24640   -10.63487 1.000 17.17000 ? 103 ASN   A CA  1 
ATOM   842  C C   . ASN   A 1 103 ? -6.73595  2.51238   -9.68642  1.000 17.31000 ? 103 ASN   A C   1 
ATOM   843  O O   . ASN   A 1 103 ? -7.11655  2.15693   -8.56466  1.000 16.88000 ? 103 ASN   A O   1 
ATOM   844  C CB  . ASN   A 1 103 ? -9.13155  3.00507   -10.22854 1.000 19.83000 ? 103 ASN   A CB  1 
ATOM   845  C CG  . ASN   A 1 103 ? -10.11558 3.76678   -11.09092 1.000 28.60000 ? 103 ASN   A CG  1 
ATOM   846  O OD1 . ASN   A 1 103 ? -9.91542  4.94379   -11.39433 1.000 34.08000 ? 103 ASN   A OD1 1 
ATOM   847  N ND2 . ASN   A 1 103 ? -11.19416 3.10074   -11.48128 1.000 34.30000 ? 103 ASN   A ND2 1 
ATOM   848  N N   . ARG   A 1 104 ? -5.50884  2.27325   -10.12842 1.000 14.36000 ? 104 ARG   A N   1 
ATOM   849  C CA  . ARG   A 1 104 ? -4.56098  1.48179   -9.35924  1.000 13.89000 ? 104 ARG   A CA  1 
ATOM   850  C C   . ARG   A 1 104 ? -3.67907  2.37890   -8.50176  1.000 12.29000 ? 104 ARG   A C   1 
ATOM   851  O O   . ARG   A 1 104 ? -3.05984  3.32713   -9.00007  1.000 12.55000 ? 104 ARG   A O   1 
ATOM   852  C CB  . ARG   A 1 104 ? -3.68454  0.63688   -10.28468 1.000 12.93000 ? 104 ARG   A CB  1 
ATOM   853  C CG  . ARG   A 1 104 ? -2.65029  -0.14612  -9.49196  1.000 13.24000 ? 104 ARG   A CG  1 
ATOM   854  C CD  . ARG   A 1 104 ? -1.75437  -1.02104  -10.35349 1.000 14.00000 ? 104 ARG   A CD  1 
ATOM   855  N NE  . ARG   A 1 104 ? -0.91400  -1.81920  -9.48040  1.000 13.12000 ? 104 ARG   A NE  1 
ATOM   856  C CZ  . ARG   A 1 104 ? -0.38878  -3.00672  -9.76364  1.000 14.25000 ? 104 ARG   A CZ  1 
ATOM   857  N NH1 . ARG   A 1 104 ? -0.55312  -3.56813  -10.95163 1.000 14.87000 ? 104 ARG   A NH1 1 
ATOM   858  N NH2 . ARG   A 1 104 ? 0.31267   -3.63578  -8.83170  1.000 14.40000 ? 104 ARG   A NH2 1 
ATOM   859  N N   . GLY   A 1 105 ? -3.60081  2.05745   -7.22429  1.000 10.78000 ? 105 GLY   A N   1 
ATOM   860  C CA  . GLY   A 1 105 ? -2.69195  2.75229   -6.32663  1.000 12.44000 ? 105 GLY   A CA  1 
ATOM   861  C C   . GLY   A 1 105 ? -3.10532  2.53207   -4.88279  1.000 11.57000 ? 105 GLY   A C   1 
ATOM   862  O O   . GLY   A 1 105 ? -3.66275  1.48579   -4.53373  1.000 11.32000 ? 105 GLY   A O   1 
ATOM   863  N N   . TRP   A 1 106 ? -2.83152  3.53671   -4.06058  1.000 11.38000 ? 106 TRP   A N   1 
ATOM   864  C CA  . TRP   A 1 106 ? -3.15974  3.44356   -2.64736  1.000 11.40000 ? 106 TRP   A CA  1 
ATOM   865  C C   . TRP   A 1 106 ? -3.23475  4.83992   -2.05159  1.000 12.30000 ? 106 TRP   A C   1 
ATOM   866  O O   . TRP   A 1 106 ? -2.80381  5.82147   -2.65735  1.000 11.38000 ? 106 TRP   A O   1 
ATOM   867  C CB  . TRP   A 1 106 ? -2.20104  2.53261   -1.87182  1.000 12.52000 ? 106 TRP   A CB  1 
ATOM   868  C CG  . TRP   A 1 106 ? -0.73093  2.73369   -2.08245  1.000 12.89000 ? 106 TRP   A CG  1 
ATOM   869  C CD1 . TRP   A 1 106 ? 0.10757   1.90318   -2.76736  1.000 12.65000 ? 106 TRP   A CD1 1 
ATOM   870  C CD2 . TRP   A 1 106 ? 0.08572   3.78615   -1.55303  1.000 13.88000 ? 106 TRP   A CD2 1 
ATOM   871  N NE1 . TRP   A 1 106 ? 1.39926   2.38130   -2.71629  1.000 12.93000 ? 106 TRP   A NE1 1 
ATOM   872  C CE2 . TRP   A 1 106 ? 1.40795   3.54202   -1.98288  1.000 12.30000 ? 106 TRP   A CE2 1 
ATOM   873  C CE3 . TRP   A 1 106 ? -0.17604  4.92822   -0.78538  1.000 11.68000 ? 106 TRP   A CE3 1 
ATOM   874  C CZ2 . TRP   A 1 106 ? 2.47499   4.39100   -1.65513  1.000 12.50000 ? 106 TRP   A CZ2 1 
ATOM   875  C CZ3 . TRP   A 1 106 ? 0.89125   5.77625   -0.46686  1.000 12.67000 ? 106 TRP   A CZ3 1 
ATOM   876  C CH2 . TRP   A 1 106 ? 2.19469   5.49197   -0.90444  1.000 13.20000 ? 106 TRP   A CH2 1 
ATOM   877  N N   . LYS   A 1 107 ? -3.80246  4.91029   -0.85131  1.000 11.43000 ? 107 LYS   A N   1 
ATOM   878  C CA  . LYS   A 1 107 ? -3.87440  6.14218   -0.08402  1.000 11.97000 ? 107 LYS   A CA  1 
ATOM   879  C C   . LYS   A 1 107 ? -3.57649  5.78975   1.36190   1.000 12.29000 ? 107 LYS   A C   1 
ATOM   880  O O   . LYS   A 1 107 ? -3.98301  4.72366   1.84290   1.000 13.34000 ? 107 LYS   A O   1 
ATOM   881  C CB  . LYS   A 1 107 ? -5.28338  6.74795   -0.11476  1.000 13.53000 ? 107 LYS   A CB  1 
ATOM   882  C CG  . LYS   A 1 107 ? -5.74805  7.16325   -1.48972  1.000 18.56000 ? 107 LYS   A CG  1 
ATOM   883  C CD  . LYS   A 1 107 ? -7.13273  7.79762   -1.44480  1.000 19.35000 ? 107 LYS   A CD  1 
ATOM   884  C CE  . LYS   A 1 107 ? -7.88952  7.58097   -2.75282  1.000 25.57000 ? 107 LYS   A CE  1 
ATOM   885  N NZ  . LYS   A 1 107 ? -8.38665  6.18340   -2.92400  1.000 32.55000 ? 107 LYS   A NZ  1 
ATOM   886  N N   . LYS   A 1 108 ? -2.90157  6.69922   2.06252   1.000 9.84000  ? 108 LYS   A N   1 
ATOM   887  C CA  . LYS   A 1 108 ? -2.65138  6.53397   3.49041   1.000 10.02000 ? 108 LYS   A CA  1 
ATOM   888  C C   . LYS   A 1 108 ? -2.89776  7.85146   4.20019   1.000 11.24000 ? 108 LYS   A C   1 
ATOM   889  O O   . LYS   A 1 108 ? -2.50866  8.91475   3.70231   1.000 11.47000 ? 108 LYS   A O   1 
ATOM   890  C CB  . LYS   A 1 108 ? -1.19576  6.18863   3.79172   1.000 12.93000 ? 108 LYS   A CB  1 
ATOM   891  C CG  . LYS   A 1 108 ? -0.64847  5.00154   3.06461   1.000 16.60000 ? 108 LYS   A CG  1 
ATOM   892  C CD  . LYS   A 1 108 ? 0.71692   4.69679   3.63239   1.000 16.32000 ? 108 LYS   A CD  1 
ATOM   893  C CE  . LYS   A 1 108 ? 1.65780   4.21666   2.56302   1.000 18.29000 ? 108 LYS   A CE  1 
ATOM   894  N NZ  . LYS   A 1 108 ? 1.38166   2.81086   2.21376   1.000 17.19000 ? 108 LYS   A NZ  1 
ATOM   895  N N   . TRP   A 1 109 ? -3.48820  7.77689   5.39165   1.000 10.34000 ? 109 TRP   A N   1 
ATOM   896  C CA  . TRP   A 1 109 ? -3.63112  8.96879   6.21705   1.000 10.95000 ? 109 TRP   A CA  1 
ATOM   897  C C   . TRP   A 1 109 ? -3.64530  8.57672   7.68427   1.000 12.78000 ? 109 TRP   A C   1 
ATOM   898  O O   . TRP   A 1 109 ? -3.93816  7.43536   8.04334   1.000 11.95000 ? 109 TRP   A O   1 
ATOM   899  C CB  . TRP   A 1 109 ? -4.88097  9.79432   5.87478   1.000 12.32000 ? 109 TRP   A CB  1 
ATOM   900  C CG  . TRP   A 1 109 ? -6.16429  9.10943   6.18844   1.000 11.35000 ? 109 TRP   A CG  1 
ATOM   901  C CD1 . TRP   A 1 109 ? -6.86516  9.17894   7.35589   1.000 14.26000 ? 109 TRP   A CD1 1 
ATOM   902  C CD2 . TRP   A 1 109 ? -6.91178  8.25341   5.32063   1.000 12.42000 ? 109 TRP   A CD2 1 
ATOM   903  N NE1 . TRP   A 1 109 ? -8.00928  8.42060   7.26659   1.000 13.42000 ? 109 TRP   A NE1 1 
ATOM   904  C CE2 . TRP   A 1 109 ? -8.05871  7.83959   6.02533   1.000 11.84000 ? 109 TRP   A CE2 1 
ATOM   905  C CE3 . TRP   A 1 109 ? -6.72155  7.79200   4.01468   1.000 13.38000 ? 109 TRP   A CE3 1 
ATOM   906  C CZ2 . TRP   A 1 109 ? -9.01092  6.98318   5.46683   1.000 15.33000 ? 109 TRP   A CZ2 1 
ATOM   907  C CZ3 . TRP   A 1 109 ? -7.66328  6.94983   3.46150   1.000 14.03000 ? 109 TRP   A CZ3 1 
ATOM   908  C CH2 . TRP   A 1 109 ? -8.79575  6.54904   4.18953   1.000 14.75000 ? 109 TRP   A CH2 1 
ATOM   909  N N   . ILE   A 1 110 ? -3.32703  9.55244   8.53114   1.000 14.66000 ? 110 ILE   A N   1 
ATOM   910  C CA  . ILE   A 1 110 ? -3.33165  9.38433   9.97805   1.000 13.03000 ? 110 ILE   A CA  1 
ATOM   911  C C   . ILE   A 1 110 ? -4.66198  9.87651   10.53233  1.000 18.49000 ? 110 ILE   A C   1 
ATOM   912  O O   . ILE   A 1 110 ? -5.12116  10.97129  10.18220  1.000 20.53000 ? 110 ILE   A O   1 
ATOM   913  C CB  . ILE   A 1 110 ? -2.15969  10.14841  10.62176  1.000 15.09000 ? 110 ILE   A CB  1 
ATOM   914  C CG1 . ILE   A 1 110 ? -0.81940  9.64555   10.09097  1.000 17.16000 ? 110 ILE   A CG1 1 
ATOM   915  C CG2 . ILE   A 1 110 ? -2.19793  9.98747   12.13254  1.000 19.54000 ? 110 ILE   A CG2 1 
ATOM   916  C CD1 . ILE   A 1 110 ? -0.53429  8.19466   10.45911  1.000 18.57000 ? 110 ILE   A CD1 1 
ATOM   917  N N   . GLU   A 1 111 ? -5.28447  9.06627   11.38901  1.000 18.78000 ? 111 GLU   A N   1 
ATOM   918  C CA  . GLU   A 1 111 ? -6.42891  9.48325   12.20228  1.000 25.96000 ? 111 GLU   A CA  1 
ATOM   919  C C   . GLU   A 1 111 ? -6.03512  9.12017   13.62765  1.000 28.63000 ? 111 GLU   A C   1 
ATOM   920  O O   . GLU   A 1 111 ? -6.15365  7.95701   14.02939  1.000 28.63000 ? 111 GLU   A O   1 
ATOM   921  C CB  . GLU   A 1 111 ? -7.73365  8.78602   11.79788  1.000 29.21000 ? 111 GLU   A CB  1 
ATOM   922  C CG  . GLU   A 1 111 ? -8.54175  9.45132   10.67879  1.000 28.10000 ? 111 GLU   A CG  1 
ATOM   923  C CD  . GLU   A 1 111 ? -9.83878  8.69482   10.32877  1.000 27.01000 ? 111 GLU   A CD  1 
ATOM   924  O OE1 . GLU   A 1 111 ? -10.62004 8.36060   11.24868  1.000 33.74000 ? 111 GLU   A OE1 1 
ATOM   925  O OE2 . GLU   A 1 111 ? -10.08771 8.43104   9.12759   1.000 22.07000 ? 111 GLU   A OE2 1 
ATOM   926  N N   . GLY   A 1 112 ? -5.52225  10.09647  14.37497  1.000 35.47000 ? 112 GLY   A N   1 
ATOM   927  C CA  . GLY   A 1 112 ? -5.07089  9.85980   15.73349  1.000 31.04000 ? 112 GLY   A CA  1 
ATOM   928  C C   . GLY   A 1 112 ? -3.75977  9.10752   15.84913  1.000 30.97000 ? 112 GLY   A C   1 
ATOM   929  O O   . GLY   A 1 112 ? -2.73637  9.52043   15.29794  1.000 36.09000 ? 112 GLY   A O   1 
ATOM   930  N N   . ASP   A 1 113 ? -3.77315  8.00631   16.59514  1.000 33.31000 ? 113 ASP   A N   1 
ATOM   931  C CA  . ASP   A 1 113 ? -2.63081  7.11342   16.70457  1.000 32.52000 ? 113 ASP   A CA  1 
ATOM   932  C C   . ASP   A 1 113 ? -2.72852  5.94532   15.73109  1.000 25.59000 ? 113 ASP   A C   1 
ATOM   933  O O   . ASP   A 1 113 ? -2.10608  4.89692   15.95191  1.000 26.46000 ? 113 ASP   A O   1 
ATOM   934  C CB  . ASP   A 1 113 ? -2.48839  6.61396   18.14335  1.000 37.59000 ? 113 ASP   A CB  1 
ATOM   935  C CG  . ASP   A 1 113 ? -3.64937  5.73340   18.57258  1.000 39.08000 ? 113 ASP   A CG  1 
ATOM   936  O OD1 . ASP   A 1 113 ? -4.81705  6.13665   18.36704  1.000 39.13000 ? 113 ASP   A OD1 1 
ATOM   937  O OD2 . ASP   A 1 113 ? -3.39469  4.63606   19.11860  1.000 40.96000 ? 113 ASP   A OD2 1 
ATOM   938  N N   . LYS   A 1 114 ? -3.50963  6.10489   14.66048  1.000 25.49000 ? 114 LYS   A N   1 
ATOM   939  C CA  . LYS   A 1 114 ? -3.76597  5.03363   13.71311  1.000 17.48000 ? 114 LYS   A CA  1 
ATOM   940  C C   . LYS   A 1 114 ? -3.50528  5.50172   12.29196  1.000 15.05000 ? 114 LYS   A C   1 
ATOM   941  O O   . LYS   A 1 114 ? -3.71454  6.66781   11.93620  1.000 15.43000 ? 114 LYS   A O   1 
ATOM   942  C CB  . LYS   A 1 114 ? -5.19561  4.51467   13.83103  1.000 15.32000 ? 114 LYS   A CB  1 
ATOM   943  C CG  . LYS   A 1 114 ? -5.58572  4.24263   15.26632  1.000 23.48000 ? 114 LYS   A CG  1 
ATOM   944  C CD  . LYS   A 1 114 ? -6.40075  2.99592   15.42561  1.000 23.34000 ? 114 LYS   A CD  1 
ATOM   945  C CE  . LYS   A 1 114 ? -6.68483  2.75031   16.90446  1.000 23.27000 ? 114 LYS   A CE  1 
ATOM   946  N NZ  . LYS   A 1 114 ? -7.56357  1.57948   17.13294  1.000 28.12000 ? 114 LYS   A NZ  1 
ATOM   947  N N   . LEU   A 1 115 ? -3.02398  4.56520   11.48512  1.000 12.47000 ? 115 LEU   A N   1 
ATOM   948  C CA  . LEU   A 1 115 ? -2.82870  4.77474   10.06209  1.000 11.01000 ? 115 LEU   A CA  1 
ATOM   949  C C   . LEU   A 1 115 ? -3.93880  4.04377   9.31725   1.000 11.07000 ? 115 LEU   A C   1 
ATOM   950  O O   . LEU   A 1 115 ? -4.16156  2.84646   9.53464   1.000 12.98000 ? 115 LEU   A O   1 
ATOM   951  C CB  . LEU   A 1 115 ? -1.45804  4.23842   9.64097   1.000 11.61000 ? 115 LEU   A CB  1 
ATOM   952  C CG  . LEU   A 1 115 ? -1.10949  4.45928   8.16888   1.000 12.21000 ? 115 LEU   A CG  1 
ATOM   953  C CD1 . LEU   A 1 115 ? 0.37360   4.75918   8.02082   1.000 18.92000 ? 115 LEU   A CD1 1 
ATOM   954  C CD2 . LEU   A 1 115 ? -1.48315  3.24643   7.32425   1.000 19.89000 ? 115 LEU   A CD2 1 
ATOM   955  N N   . TYR   A 1 116 ? -4.63263  4.76683   8.45289   1.000 11.26000 ? 116 TYR   A N   1 
ATOM   956  C CA  . TYR   A 1 116 ? -5.66420  4.19870   7.60285   1.000 9.91000  ? 116 TYR   A CA  1 
ATOM   957  C C   . TYR   A 1 116 ? -5.11435  4.09044   6.19259   1.000 12.40000 ? 116 TYR   A C   1 
ATOM   958  O O   . TYR   A 1 116 ? -4.38828  4.97331   5.73337   1.000 12.80000 ? 116 TYR   A O   1 
ATOM   959  C CB  . TYR   A 1 116 ? -6.88883  5.11110   7.58237   1.000 13.23000 ? 116 TYR   A CB  1 
ATOM   960  C CG  . TYR   A 1 116 ? -7.71039  5.04888   8.85025   1.000 15.53000 ? 116 TYR   A CG  1 
ATOM   961  C CD1 . TYR   A 1 116 ? -7.21755  5.56707   10.04264  1.000 18.67000 ? 116 TYR   A CD1 1 
ATOM   962  C CD2 . TYR   A 1 116 ? -8.96682  4.46507   8.85498   1.000 16.69000 ? 116 TYR   A CD2 1 
ATOM   963  C CE1 . TYR   A 1 116 ? -7.95508  5.49757   11.20626  1.000 21.19000 ? 116 TYR   A CE1 1 
ATOM   964  C CE2 . TYR   A 1 116 ? -9.71700  4.39640   10.02760  1.000 16.54000 ? 116 TYR   A CE2 1 
ATOM   965  C CZ  . TYR   A 1 116 ? -9.19765  4.91803   11.18423  1.000 17.58000 ? 116 TYR   A CZ  1 
ATOM   966  O OH  . TYR   A 1 116 ? -9.93961  4.85559   12.34331  1.000 26.92000 ? 116 TYR   A OH  1 
ATOM   967  N N   . GLU   A 1 117 ? -5.44497  3.00187   5.51562   1.000 11.39000 ? 117 GLU   A N   1 
ATOM   968  C CA  . GLU   A 1 117 ? -4.93224  2.77041   4.17774   1.000 11.73000 ? 117 GLU   A CA  1 
ATOM   969  C C   . GLU   A 1 117 ? -6.06732  2.30796   3.28062   1.000 12.73000 ? 117 GLU   A C   1 
ATOM   970  O O   . GLU   A 1 117 ? -6.92596  1.53414   3.70324   1.000 11.93000 ? 117 GLU   A O   1 
ATOM   971  C CB  . GLU   A 1 117 ? -3.85613  1.67907   4.25259   1.000 16.04000 ? 117 GLU   A CB  1 
ATOM   972  C CG  . GLU   A 1 117 ? -3.25776  1.23321   2.93732   1.000 18.45000 ? 117 GLU   A CG  1 
ATOM   973  C CD  . GLU   A 1 117 ? -1.90154  0.58789   3.14643   1.000 22.60000 ? 117 GLU   A CD  1 
ATOM   974  O OE1 . GLU   A 1 117 ? -1.84454  -0.64875  3.31122   1.000 21.91000 ? 117 GLU   A OE1 1 
ATOM   975  O OE2 . GLU   A 1 117 ? -0.89863  1.32352   3.18272   1.000 21.71000 ? 117 GLU   A OE2 1 
ATOM   976  N N   . GLU   A 1 118 ? -6.05734  2.77032   2.03473   1.000 10.92000 ? 118 GLU   A N   1 
ATOM   977  C CA  . GLU   A 1 118 ? -6.87937  2.20622   0.97467   1.000 12.26000 ? 118 GLU   A CA  1 
ATOM   978  C C   . GLU   A 1 118 ? -5.94198  1.63875   -0.08077  1.000 13.25000 ? 118 GLU   A C   1 
ATOM   979  O O   . GLU   A 1 118 ? -4.99280  2.31204   -0.49428  1.000 12.65000 ? 118 GLU   A O   1 
ATOM   980  C CB  . GLU   A 1 118 ? -7.73937  3.27730   0.30729   1.000 13.25000 ? 118 GLU   A CB  1 
ATOM   981  C CG  . GLU   A 1 118 ? -8.81284  3.88964   1.18097   1.000 17.25000 ? 118 GLU   A CG  1 
ATOM   982  C CD  . GLU   A 1 118 ? -9.55436  4.98049   0.44311   1.000 20.07000 ? 118 GLU   A CD  1 
ATOM   983  O OE1 . GLU   A 1 118 ? -9.56488  4.95040   -0.81072  1.000 21.55000 ? 118 GLU   A OE1 1 
ATOM   984  O OE2 . GLU   A 1 118 ? -10.10755 5.88677   1.10444   1.000 23.93000 ? 118 GLU   A OE2 1 
ATOM   985  N N   . LEU   A 1 119 ? -6.20215  0.41932   -0.52480  1.000 11.12000 ? 119 LEU   A N   1 
ATOM   986  C CA  . LEU   A 1 119 ? -5.55551  -0.13943  -1.70478  1.000 9.32000  ? 119 LEU   A CA  1 
ATOM   987  C C   . LEU   A 1 119 ? -6.61346  -0.24582  -2.78570  1.000 12.34000 ? 119 LEU   A C   1 
ATOM   988  O O   . LEU   A 1 119 ? -7.69059  -0.78898  -2.53924  1.000 12.26000 ? 119 LEU   A O   1 
ATOM   989  C CB  . LEU   A 1 119 ? -4.96951  -1.52635  -1.42226  1.000 11.81000 ? 119 LEU   A CB  1 
ATOM   990  C CG  . LEU   A 1 119 ? -4.12645  -1.69667  -0.15922  1.000 11.35000 ? 119 LEU   A CG  1 
ATOM   991  C CD1 . LEU   A 1 119 ? -3.72700  -3.15942  0.01982   1.000 12.81000 ? 119 LEU   A CD1 1 
ATOM   992  C CD2 . LEU   A 1 119 ? -2.88507  -0.79716  -0.18767  1.000 14.54000 ? 119 LEU   A CD2 1 
ATOM   993  N N   . THR   A 1 120 ? -6.34242  0.31040   -3.96605  1.000 12.08000 ? 120 THR   A N   1 
ATOM   994  C CA  . THR   A 1 120 ? -7.34968  0.34871   -5.01753  1.000 12.14000 ? 120 THR   A CA  1 
ATOM   995  C C   . THR   A 1 120 ? -6.83942  -0.30917  -6.28837  1.000 13.28000 ? 120 THR   A C   1 
ATOM   996  O O   . THR   A 1 120 ? -5.65599  -0.20949  -6.62798  1.000 13.06000 ? 120 THR   A O   1 
ATOM   997  C CB  . THR   A 1 120 ? -7.83044  1.77660   -5.31073  1.000 13.55000 ? 120 THR   A CB  1 
ATOM   998  O OG1 . THR   A 1 120 ? -6.74339  2.56246   -5.80380  1.000 15.18000 ? 120 THR   A OG1 1 
ATOM   999  C CG2 . THR   A 1 120 ? -8.38978  2.42317   -4.05206  1.000 15.78000 ? 120 THR   A CG2 1 
ATOM   1000 N N   . CYS   A 1 121 ? -7.74686  -0.97566  -6.98939  1.000 12.73000 ? 121 CYS   A N   1 
ATOM   1001 C CA  . CYS   A 1 121 ? -7.46813  -1.48295  -8.32446  1.000 13.54000 ? 121 CYS   A CA  1 
ATOM   1002 C C   . CYS   A 1 121 ? -8.79889  -1.71640  -9.01578  1.000 14.47000 ? 121 CYS   A C   1 
ATOM   1003 O O   . CYS   A 1 121 ? -9.66831  -2.39510  -8.47120  1.000 16.53000 ? 121 CYS   A O   1 
ATOM   1004 C CB  . CYS   A 1 121 ? -6.67986  -2.79267  -8.26307  1.000 12.96000 ? 121 CYS   A CB  1 
ATOM   1005 S SG  . CYS   A 1 121 ? -6.15059  -3.38024  -9.89671  1.000 16.20000 ? 121 CYS   A SG  1 
ATOM   1006 N N   . GLY   A 1 122 ? -8.95123  -1.16398  -10.21272 1.000 15.21000 ? 122 GLY   A N   1 
ATOM   1007 C CA  . GLY   A 1 122 ? -10.21892 -1.34010  -10.90494 1.000 19.08000 ? 122 GLY   A CA  1 
ATOM   1008 C C   . GLY   A 1 122 ? -11.33529 -0.70476  -10.10657 1.000 16.95000 ? 122 GLY   A C   1 
ATOM   1009 O O   . GLY   A 1 122 ? -11.25248 0.45842   -9.69602  1.000 20.49000 ? 122 GLY   A O   1 
ATOM   1010 N N   . ASP   A 1 123 ? -12.39630 -1.47548  -9.86987  1.000 19.89000 ? 123 ASP   A N   1 
ATOM   1011 C CA  . ASP   A 1 123 ? -13.51450 -1.02304  -9.05817  1.000 21.03000 ? 123 ASP   A CA  1 
ATOM   1012 C C   . ASP   A 1 123 ? -13.43990 -1.51884  -7.61907  1.000 22.99000 ? 123 ASP   A C   1 
ATOM   1013 O O   . ASP   A 1 123 ? -14.40699 -1.36369  -6.86836  1.000 21.09000 ? 123 ASP   A O   1 
ATOM   1014 C CB  . ASP   A 1 123 ? -14.85307 -1.41666  -9.69604  1.000 22.00000 ? 123 ASP   A CB  1 
ATOM   1015 C CG  . ASP   A 1 123 ? -15.08919 -2.91749  -9.70723  1.000 25.73000 ? 123 ASP   A CG  1 
ATOM   1016 O OD1 . ASP   A 1 123 ? -14.16898 -3.69910  -9.39342  1.000 27.65000 ? 123 ASP   A OD1 1 
ATOM   1017 O OD2 . ASP   A 1 123 ? -16.22496 -3.32264  -10.02913 1.000 36.06000 ? 123 ASP   A OD2 1 
ATOM   1018 N N   . GLN   A 1 124 ? -12.31637 -2.09959  -7.21481  1.000 17.19000 ? 124 GLN   A N   1 
ATOM   1019 C CA  . GLN   A 1 124 ? -12.18086 -2.68008  -5.88940  1.000 16.69000 ? 124 GLN   A CA  1 
ATOM   1020 C C   . GLN   A 1 124 ? -11.38960 -1.75600  -4.97302  1.000 14.89000 ? 124 GLN   A C   1 
ATOM   1021 O O   . GLN   A 1 124 ? -10.39444 -1.14901  -5.38095  1.000 14.43000 ? 124 GLN   A O   1 
ATOM   1022 C CB  . GLN   A 1 124 ? -11.48901 -4.03879  -5.97363  1.000 16.30000 ? 124 GLN   A CB  1 
ATOM   1023 C CG  . GLN   A 1 124 ? -12.29111 -5.08679  -6.71676  1.000 16.88000 ? 124 GLN   A CG  1 
ATOM   1024 C CD  . GLN   A 1 124 ? -13.61258 -5.38679  -6.04321  1.000 19.21000 ? 124 GLN   A CD  1 
ATOM   1025 O OE1 . GLN   A 1 124 ? -13.66886 -5.64531  -4.84328  1.000 20.12000 ? 124 GLN   A OE1 1 
ATOM   1026 N NE2 . GLN   A 1 124 ? -14.69195 -5.35258  -6.81867  1.000 24.69000 ? 124 GLN   A NE2 1 
ATOM   1027 N N   . VAL   A 1 125 ? -11.84409 -1.64844  -3.73270  1.000 14.51000 ? 125 VAL   A N   1 
ATOM   1028 C CA  . VAL   A 1 125 ? -11.15676 -0.88231  -2.70384  1.000 14.51000 ? 125 VAL   A CA  1 
ATOM   1029 C C   . VAL   A 1 125 ? -10.99324 -1.78510  -1.48966  1.000 12.74000 ? 125 VAL   A C   1 
ATOM   1030 O O   . VAL   A 1 125 ? -11.97902 -2.32280  -0.97359  1.000 13.64000 ? 125 VAL   A O   1 
ATOM   1031 C CB  . VAL   A 1 125 ? -11.92423 0.39445   -2.32456  1.000 17.84000 ? 125 VAL   A CB  1 
ATOM   1032 C CG1 . VAL   A 1 125 ? -11.18997 1.15807   -1.22793  1.000 16.85000 ? 125 VAL   A CG1 1 
ATOM   1033 C CG2 . VAL   A 1 125 ? -12.14727 1.28403   -3.55250  1.000 18.72000 ? 125 VAL   A CG2 1 
ATOM   1034 N N   . CYS   A 1 126 ? -9.75805  -1.95213  -1.04141  1.000 10.84000 ? 126 CYS   A N   1 
ATOM   1035 C CA  . CYS   A 1 126 ? -9.44460  -2.59740  0.22493   1.000 11.02000 ? 126 CYS   A CA  1 
ATOM   1036 C C   . CYS   A 1 126 ? -9.18679  -1.50762  1.26076   1.000 12.53000 ? 126 CYS   A C   1 
ATOM   1037 O O   . CYS   A 1 126 ? -8.47407  -0.54513  0.98501   1.000 13.07000 ? 126 CYS   A O   1 
ATOM   1038 C CB  . CYS   A 1 126 ? -8.21271  -3.49460  0.06152   1.000 10.52000 ? 126 CYS   A CB  1 
ATOM   1039 S SG  . CYS   A 1 126 ? -7.44364  -4.01392  1.60953   1.000 12.21000 ? 126 CYS   A SG  1 
ATOM   1040 N N   . ARG   A 1 127 ? -9.77027  -1.64591  2.44219   1.000 10.52000 ? 127 ARG   A N   1 
ATOM   1041 C CA  . ARG   A 1 127 ? -9.63900  -0.65566  3.50307   1.000 10.21000 ? 127 ARG   A CA  1 
ATOM   1042 C C   . ARG   A 1 127 ? -8.99244  -1.30942  4.71221   1.000 11.81000 ? 127 ARG   A C   1 
ATOM   1043 O O   . ARG   A 1 127 ? -9.43719  -2.37320  5.15965   1.000 12.67000 ? 127 ARG   A O   1 
ATOM   1044 C CB  . ARG   A 1 127 ? -11.00278 -0.06013  3.87551   1.000 13.39000 ? 127 ARG   A CB  1 
ATOM   1045 C CG  . ARG   A 1 127 ? -11.68096 0.64535   2.71711   1.000 18.13000 ? 127 ARG   A CG  1 
ATOM   1046 C CD  . ARG   A 1 127 ? -13.04660 1.16947   3.13507   1.000 25.00000 ? 127 ARG   A CD  1 
ATOM   1047 N NE  . ARG   A 1 127 ? -13.87415 1.55000   1.99211   1.000 32.02000 ? 127 ARG   A NE  1 
ATOM   1048 C CZ  . ARG   A 1 127 ? -13.67567 2.63480   1.25401   1.000 26.39000 ? 127 ARG   A CZ  1 
ATOM   1049 N NH1 . ARG   A 1 127 ? -12.66529 3.45176   1.52489   1.000 30.66000 ? 127 ARG   A NH1 1 
ATOM   1050 N NH2 . ARG   A 1 127 ? -14.48574 2.90017   0.23784   1.000 32.47000 ? 127 ARG   A NH2 1 
ATOM   1051 N N   . GLN   A 1 128 ? -7.93949  -0.68070  5.23252   1.000 11.24000 ? 128 GLN   A N   1 
ATOM   1052 C CA  . GLN   A 1 128 ? -7.17231  -1.23520  6.33732   1.000 11.45000 ? 128 GLN   A CA  1 
ATOM   1053 C C   . GLN   A 1 128 ? -6.93075  -0.16948  7.39592   1.000 13.00000 ? 128 GLN   A C   1 
ATOM   1054 O O   . GLN   A 1 128 ? -6.87177  1.03029   7.10008   1.000 12.59000 ? 128 GLN   A O   1 
ATOM   1055 C CB  . GLN   A 1 128 ? -5.82683  -1.76333  5.85917   1.000 12.61000 ? 128 GLN   A CB  1 
ATOM   1056 C CG  . GLN   A 1 128 ? -5.92312  -2.67343  4.64626   1.000 14.69000 ? 128 GLN   A CG  1 
ATOM   1057 C CD  . GLN   A 1 128 ? -4.55896  -3.09760  4.16099   1.000 14.06000 ? 128 GLN   A CD  1 
ATOM   1058 O OE1 . GLN   A 1 128 ? -3.63567  -2.28483  4.10846   1.000 17.26000 ? 128 GLN   A OE1 1 
ATOM   1059 N NE2 . GLN   A 1 128 ? -4.40698  -4.37351  3.83134   1.000 13.70000 ? 128 GLN   A NE2 1 
ATOM   1060 N N   . VAL   A 1 129 ? -6.77877  -0.62571  8.63549   1.000 11.46000 ? 129 VAL   A N   1 
ATOM   1061 C CA  . VAL   A 1 129 ? -6.43384  0.23516   9.75988   1.000 11.45000 ? 129 VAL   A CA  1 
ATOM   1062 C C   . VAL   A 1 129 ? -5.29684  -0.42349  10.52241  1.000 12.88000 ? 129 VAL   A C   1 
ATOM   1063 O O   . VAL   A 1 129 ? -5.32922  -1.63487  10.76734  1.000 12.73000 ? 129 VAL   A O   1 
ATOM   1064 C CB  . VAL   A 1 129 ? -7.63096  0.47566   10.69802  1.000 13.54000 ? 129 VAL   A CB  1 
ATOM   1065 C CG1 . VAL   A 1 129 ? -7.26302  1.50383   11.77069  1.000 14.42000 ? 129 VAL   A CG1 1 
ATOM   1066 C CG2 . VAL   A 1 129 ? -8.83965  0.95085   9.92362   1.000 13.97000 ? 129 VAL   A CG2 1 
ATOM   1067 N N   . PHE   A 1 130 ? -4.29036  0.37559   10.88396  1.000 11.24000 ? 130 PHE   A N   1 
ATOM   1068 C CA  . PHE   A 1 130 ? -3.10835  -0.09179  11.59536  1.000 11.51000 ? 130 PHE   A CA  1 
ATOM   1069 C C   . PHE   A 1 130 ? -2.92640  0.75528   12.84016  1.000 11.14000 ? 130 PHE   A C   1 
ATOM   1070 O O   . PHE   A 1 130 ? -3.22566  1.95185   12.83966  1.000 12.70000 ? 130 PHE   A O   1 
ATOM   1071 C CB  . PHE   A 1 130 ? -1.82339  0.10306   10.74758  1.000 10.70000 ? 130 PHE   A CB  1 
ATOM   1072 C CG  . PHE   A 1 130 ? -1.78301  -0.71235  9.48490   1.000 9.83000  ? 130 PHE   A CG  1 
ATOM   1073 C CD1 . PHE   A 1 130 ? -2.50163  -0.31991  8.36074   1.000 13.55000 ? 130 PHE   A CD1 1 
ATOM   1074 C CD2 . PHE   A 1 130 ? -1.00393  -1.86150  9.40994   1.000 12.77000 ? 130 PHE   A CD2 1 
ATOM   1075 C CE1 . PHE   A 1 130 ? -2.44518  -1.07055  7.18051   1.000 12.05000 ? 130 PHE   A CE1 1 
ATOM   1076 C CE2 . PHE   A 1 130 ? -0.95542  -2.61871  8.24622   1.000 12.99000 ? 130 PHE   A CE2 1 
ATOM   1077 C CZ  . PHE   A 1 130 ? -1.68559  -2.21871  7.12834   1.000 11.54000 ? 130 PHE   A CZ  1 
ATOM   1078 N N   . LYS   A 1 131 ? -2.40717  0.13866   13.89416  1.000 13.02000 ? 131 LYS   A N   1 
ATOM   1079 C CA  . LYS   A 1 131 ? -2.04702  0.85479   15.10659  1.000 13.84000 ? 131 LYS   A CA  1 
ATOM   1080 C C   . LYS   A 1 131 ? -0.53624  1.01400   15.19504  1.000 13.75000 ? 131 LYS   A C   1 
ATOM   1081 O O   . LYS   A 1 131 ? 0.22346   0.13577   14.78062  1.000 14.07000 ? 131 LYS   A O   1 
ATOM   1082 C CB  . LYS   A 1 131 ? -2.56310  0.11125   16.33994  1.000 15.65000 ? 131 LYS   A CB  1 
ATOM   1083 C CG  . LYS   A 1 131 ? -2.11673  -1.33925  16.41897  1.000 21.46000 ? 131 LYS   A CG  1 
ATOM   1084 C CD  . LYS   A 1 131 ? -2.56149  -1.98509  17.73022  1.000 29.17000 ? 131 LYS   A CD  1 
ATOM   1085 C CE  . LYS   A 1 131 ? -1.99693  -3.38821  17.87353  1.000 33.17000 ? 131 LYS   A CE  1 
ATOM   1086 N NZ  . LYS   A 1 131 ? -2.24206  -3.95244  19.23043  1.000 39.99000 ? 131 LYS   A NZ  1 
ATOM   1087 N N   . LYS   A 1 132 ? -0.10105  2.14755   15.72580  1.000 14.59000 ? 132 LYS   A N   1 
ATOM   1088 C CA  . LYS   A 1 132 ? 1.32162   2.41321   15.82476  1.000 14.43000 ? 132 LYS   A CA  1 
ATOM   1089 C C   . LYS   A 1 132 ? 1.90776   1.60433   16.97157  1.000 18.88000 ? 132 LYS   A C   1 
ATOM   1090 O O   . LYS   A 1 132 ? 1.43621   1.69457   18.11053  1.000 18.58000 ? 132 LYS   A O   1 
ATOM   1091 C CB  . LYS   A 1 132 ? 1.54894   3.89866   16.08261  1.000 18.69000 ? 132 LYS   A CB  1 
ATOM   1092 C CG  . LYS   A 1 132 ? 2.94890   4.34826   15.75875  1.000 21.12000 ? 132 LYS   A CG  1 
ATOM   1093 C CD  . LYS   A 1 132 ? 3.18468   5.75219   16.24290  1.000 22.03000 ? 132 LYS   A CD  1 
ATOM   1094 C CE  . LYS   A 1 132 ? 4.56132   6.23201   15.83428  1.000 23.36000 ? 132 LYS   A CE  1 
ATOM   1095 N NZ  . LYS   A 1 132 ? 4.64056   7.69430   16.04072  1.000 24.24000 ? 132 LYS   A NZ  1 
ATOM   1096 N N   . LYS   A 1 133 ? 2.93885   0.82559   16.67118  1.000 20.14000 ? 133 LYS   A N   1 
ATOM   1097 C CA  . LYS   A 1 133 ? 3.59500   -0.00638  17.67084  1.000 23.07000 ? 133 LYS   A CA  1 
ATOM   1098 C C   . LYS   A 1 133 ? 4.50129   0.84468   18.55499  1.000 28.07000 ? 133 LYS   A C   1 
ATOM   1099 O O   . LYS   A 1 133 ? 4.29882   0.91849   19.76948  1.000 32.68000 ? 133 LYS   A O   1 
ATOM   1100 C CB  . LYS   A 1 133 ? 4.40343   -1.10492  16.98813  1.000 24.76000 ? 133 LYS   A CB  1 
ATOM   1101 C CG  . LYS   A 1 133 ? 5.20384   -1.97600  17.94513  1.000 29.47000 ? 133 LYS   A CG  1 
ATOM   1102 C CD  . LYS   A 1 133 ? 5.84635   -3.15158  17.21783  1.000 35.05000 ? 133 LYS   A CD  1 
ATOM   1103 C CE  . LYS   A 1 133 ? 6.18315   -4.28186  18.18165  1.000 34.72000 ? 133 LYS   A CE  1 
ATOM   1104 N NZ  . LYS   A 1 133 ? 5.00589   -5.15723  18.46242  1.000 37.17000 ? 133 LYS   A NZ  1 
HETATM 1105 C C10 . A1CK0 B 2 .   ? 2.88361   -2.20222  -0.97919  1.000 30.00000 ? 201 A1CK0 A C10 1 
HETATM 1106 C C13 . A1CK0 B 2 .   ? 0.34383   -7.72488  -0.76690  1.000 30.00000 ? 201 A1CK0 A C13 1 
HETATM 1107 C C11 . A1CK0 B 2 .   ? 2.05270   -1.43802  -0.06924  1.000 30.00000 ? 201 A1CK0 A C11 1 
HETATM 1108 C C12 . A1CK0 B 2 .   ? 1.02653   -2.04878  0.59071   1.000 30.00000 ? 201 A1CK0 A C12 1 
HETATM 1109 C C14 . A1CK0 B 2 .   ? 1.65744   -7.88965  -1.36872  1.000 30.00000 ? 201 A1CK0 A C14 1 
HETATM 1110 C C01 . A1CK0 B 2 .   ? 2.32788   0.08582   0.16009   1.000 30.00000 ? 201 A1CK0 A C01 1 
HETATM 1111 C C02 . A1CK0 B 2 .   ? 1.58045   0.75285   0.93537   1.000 30.00000 ? 201 A1CK0 A C02 1 
HETATM 1112 C C03 . A1CK0 B 2 .   ? 1.89628   2.26688   1.21777   1.000 30.00000 ? 201 A1CK0 A C03 1 
HETATM 1113 C C06 . A1CK0 B 2 .   ? 3.48813   0.76465   -0.54087  1.000 30.00000 ? 201 A1CK0 A C06 1 
HETATM 1114 C C07 . A1CK0 B 2 .   ? 0.78017   -3.39063  0.39190   1.000 30.00000 ? 201 A1CK0 A C07 1 
HETATM 1115 C C08 . A1CK0 B 2 .   ? 1.59408   -4.13874  -0.50022  1.000 30.00000 ? 201 A1CK0 A C08 1 
HETATM 1116 C C09 . A1CK0 B 2 .   ? 2.64022   -3.52102  -1.17305  1.000 30.00000 ? 201 A1CK0 A C09 1 
HETATM 1117 C C16 . A1CK0 B 2 .   ? 1.35069   -5.45279  -0.69153  1.000 30.00000 ? 201 A1CK0 A C16 1 
HETATM 1118 C C17 . A1CK0 B 2 .   ? 0.16944   -6.13730  -0.33680  1.000 30.00000 ? 201 A1CK0 A C17 1 
HETATM 1119 C C19 . A1CK0 B 2 .   ? 1.44691   -10.37081 -1.87232  1.000 30.00000 ? 201 A1CK0 A C19 1 
HETATM 1120 C C20 . A1CK0 B 2 .   ? 3.56870   -9.20378  -2.44559  1.000 30.00000 ? 201 A1CK0 A C20 1 
HETATM 1121 N N18 . A1CK0 B 2 .   ? 2.23166   -9.18105  -1.90474  1.000 30.00000 ? 201 A1CK0 A N18 1 
HETATM 1122 S S15 . A1CK0 B 2 .   ? 2.35970   -6.51486  -1.36228  1.000 30.00000 ? 201 A1CK0 A S15 1 
HETATM 1123 H H27 . A1CK0 B 2 .   ? 3.58276   -1.78811  -1.42968  1.000 30.00000 ? 201 A1CK0 A H27 1 
HETATM 1124 H H29 . A1CK0 B 2 .   ? -0.28836  -8.39466  -0.64519  1.000 30.00000 ? 201 A1CK0 A H29 1 
HETATM 1125 H H28 . A1CK0 B 2 .   ? 0.49263   -1.56127  1.17408   1.000 30.00000 ? 201 A1CK0 A H28 1 
HETATM 1126 H H21 . A1CK0 B 2 .   ? 0.84575   0.34760   1.33692   1.000 30.00000 ? 201 A1CK0 A H21 1 
HETATM 1127 H H05 . A1CK0 B 2 .   ? 2.76814   2.58228   1.14548   1.000 30.00000 ? 201 A1CK0 A H05 1 
HETATM 1128 H H23 . A1CK0 B 2 .   ? 3.26134   1.65485   -0.73278  1.000 30.00000 ? 201 A1CK0 A H23 1 
HETATM 1129 H H24 . A1CK0 B 2 .   ? 3.67638   0.31068   -1.34130  1.000 30.00000 ? 201 A1CK0 A H24 1 
HETATM 1130 H H22 . A1CK0 B 2 .   ? 4.24307   0.74741   0.01710   1.000 30.00000 ? 201 A1CK0 A H22 1 
HETATM 1131 H H25 . A1CK0 B 2 .   ? 0.08167   -3.80533  0.84192   1.000 30.00000 ? 201 A1CK0 A H25 1 
HETATM 1132 H H26 . A1CK0 B 2 .   ? 3.17220   -4.01061  -1.75648  1.000 30.00000 ? 201 A1CK0 A H26 1 
HETATM 1133 H H30 . A1CK0 B 2 .   ? -0.57568  -5.75871  0.06831   1.000 30.00000 ? 201 A1CK0 A H30 1 
HETATM 1134 H H32 . A1CK0 B 2 .   ? 1.06381   -10.48198 -0.98878  1.000 30.00000 ? 201 A1CK0 A H32 1 
HETATM 1135 H H33 . A1CK0 B 2 .   ? 2.00855   -11.13500 -2.07758  1.000 30.00000 ? 201 A1CK0 A H33 1 
HETATM 1136 H H31 . A1CK0 B 2 .   ? 0.73533   -10.30645 -2.52814  1.000 30.00000 ? 201 A1CK0 A H31 1 
HETATM 1137 H H34 . A1CK0 B 2 .   ? 4.16902   -8.74367  -1.83743  1.000 30.00000 ? 201 A1CK0 A H34 1 
HETATM 1138 H H35 . A1CK0 B 2 .   ? 3.57695   -8.75709  -3.30709  1.000 30.00000 ? 201 A1CK0 A H35 1 
HETATM 1139 H H36 . A1CK0 B 2 .   ? 3.86367   -10.12214 -2.55445  1.000 30.00000 ? 201 A1CK0 A H36 1 
HETATM 1140 C C   . ACT   C 3 .   ? 4.27773   0.96087   -4.66008  1.000 17.18000 ? 202 ACT   A C   1 
HETATM 1141 O O   . ACT   C 3 .   ? 3.37915   0.54700   -3.88925  1.000 18.46000 ? 202 ACT   A O   1 
HETATM 1142 O OXT . ACT   C 3 .   ? 4.98514   0.07315   -5.19496  1.000 20.40000 ? 202 ACT   A OXT 1 
HETATM 1143 C CH3 . ACT   C 3 .   ? 4.49400   2.42010   -4.90658  1.000 17.61000 ? 202 ACT   A CH3 1 
HETATM 1144 O O   . HOH   D 4 .   ? -13.13651 -1.42342  7.02386   1.000 24.64000 ? 301 HOH   A O   1 
HETATM 1145 O O   . HOH   D 4 .   ? 2.56359   -12.35465 -11.17140 1.000 34.84000 ? 302 HOH   A O   1 
HETATM 1146 O O   . HOH   D 4 .   ? -6.51738  12.89101  9.93954   1.000 30.85000 ? 303 HOH   A O   1 
HETATM 1147 O O   . HOH   D 4 .   ? 1.57689   -0.92659  -4.46566  1.000 30.00000 ? 304 HOH   A O   1 
HETATM 1148 O O   . HOH   D 4 .   ? -11.96481 6.23907   12.78978  1.000 24.98000 ? 305 HOH   A O   1 
HETATM 1149 O O   . HOH   D 4 .   ? -7.19894  14.94485  0.93519   1.000 30.00000 ? 306 HOH   A O   1 
HETATM 1150 O O   . HOH   D 4 .   ? 0.83719   -4.12206  4.57570   1.000 17.61000 ? 307 HOH   A O   1 
HETATM 1151 O O   . HOH   D 4 .   ? -1.48807  11.56310  7.07698   1.000 15.37000 ? 308 HOH   A O   1 
HETATM 1152 O O   . HOH   D 4 .   ? -3.62956  3.14415   -14.95731 1.000 23.23000 ? 309 HOH   A O   1 
HETATM 1153 O O   . HOH   D 4 .   ? -10.66053 -2.10713  7.65260   1.000 15.83000 ? 310 HOH   A O   1 
HETATM 1154 O O   . HOH   D 4 .   ? 11.52372  10.90448  -12.36446 1.000 20.08000 ? 311 HOH   A O   1 
HETATM 1155 O O   . HOH   D 4 .   ? -4.04382  -10.03640 4.58010   1.000 13.79000 ? 312 HOH   A O   1 
HETATM 1156 O O   . HOH   D 4 .   ? 0.88152   -12.68300 9.01263   1.000 16.30000 ? 313 HOH   A O   1 
HETATM 1157 O O   . HOH   D 4 .   ? -1.96085  0.44864   -13.55756 1.000 15.10000 ? 314 HOH   A O   1 
HETATM 1158 O O   . HOH   D 4 .   ? 6.65326   9.63828   -6.13180  1.000 13.45000 ? 315 HOH   A O   1 
HETATM 1159 O O   . HOH   D 4 .   ? 9.97043   -1.80374  -5.12667  1.000 22.85000 ? 316 HOH   A O   1 
HETATM 1160 O O   . HOH   D 4 .   ? 2.10232   -17.53858 5.64801   1.000 21.87000 ? 317 HOH   A O   1 
HETATM 1161 O O   . HOH   D 4 .   ? -6.06303  4.79954   -4.28571  1.000 24.67000 ? 318 HOH   A O   1 
HETATM 1162 O O   . HOH   D 4 .   ? 0.76424   -2.37961  -15.78143 1.000 15.53000 ? 319 HOH   A O   1 
HETATM 1163 O O   . HOH   D 4 .   ? 14.98770  -4.60504  0.51254   1.000 30.33000 ? 320 HOH   A O   1 
HETATM 1164 O O   . HOH   D 4 .   ? 11.15556  -1.84504  -9.84068  1.000 30.00000 ? 321 HOH   A O   1 
HETATM 1165 O O   . HOH   D 4 .   ? 2.66194   -9.03277  10.14737  1.000 26.14000 ? 322 HOH   A O   1 
HETATM 1166 O O   . HOH   D 4 .   ? -0.19299  -1.89021  -6.25011  1.000 22.77000 ? 323 HOH   A O   1 
HETATM 1167 O O   . HOH   D 4 .   ? -13.39710 -8.37108  3.84860   1.000 26.70000 ? 324 HOH   A O   1 
HETATM 1168 O O   . HOH   D 4 .   ? 10.38064  8.76956   -6.31417  1.000 13.45000 ? 325 HOH   A O   1 
HETATM 1169 O O   . HOH   D 4 .   ? -2.78832  -1.04483  -5.58731  1.000 16.78000 ? 326 HOH   A O   1 
HETATM 1170 O O   . HOH   D 4 .   ? 13.40349  7.14755   -0.32931  1.000 24.73000 ? 327 HOH   A O   1 
HETATM 1171 O O   . HOH   D 4 .   ? -12.37735 4.98752   -1.50102  1.000 30.00000 ? 328 HOH   A O   1 
HETATM 1172 O O   . HOH   D 4 .   ? -14.39321 -1.82175  0.56391   1.000 31.03000 ? 329 HOH   A O   1 
HETATM 1173 O O   . HOH   D 4 .   ? 12.16506  5.65387   -12.71189 1.000 29.86000 ? 330 HOH   A O   1 
HETATM 1174 O O   . HOH   D 4 .   ? -0.09628  10.72518  -6.80467  1.000 16.26000 ? 331 HOH   A O   1 
HETATM 1175 O O   . HOH   D 4 .   ? 6.69147   15.09056  2.00323   1.000 25.40000 ? 332 HOH   A O   1 
HETATM 1176 O O   . HOH   D 4 .   ? -1.18522  -6.83745  14.29120  1.000 22.92000 ? 333 HOH   A O   1 
HETATM 1177 O O   . HOH   D 4 .   ? -7.15145  5.03393   -14.02337 1.000 26.62000 ? 334 HOH   A O   1 
HETATM 1178 O O   . HOH   D 4 .   ? -4.88199  6.29601   -5.79328  1.000 29.02000 ? 335 HOH   A O   1 
HETATM 1179 O O   . HOH   D 4 .   ? -4.00664  3.71609   -12.29114 1.000 18.79000 ? 336 HOH   A O   1 
HETATM 1180 O O   . HOH   D 4 .   ? 1.00360   -6.68648  12.71085  1.000 25.68000 ? 337 HOH   A O   1 
HETATM 1181 O O   . HOH   D 4 .   ? 3.65267   -5.04830  -17.32764 1.000 30.00000 ? 338 HOH   A O   1 
HETATM 1182 O O   . HOH   D 4 .   ? -14.70048 -2.29202  -3.33240  1.000 22.80000 ? 339 HOH   A O   1 
HETATM 1183 O O   . HOH   D 4 .   ? -11.33715 -9.93125  1.62980   1.000 21.11000 ? 340 HOH   A O   1 
HETATM 1184 O O   . HOH   D 4 .   ? -1.64541  21.72598  1.46897   1.000 30.00000 ? 341 HOH   A O   1 
HETATM 1185 O O   . HOH   D 4 .   ? -9.96092  -8.57483  3.90812   1.000 20.91000 ? 342 HOH   A O   1 
HETATM 1186 O O   . HOH   D 4 .   ? -1.11865  -2.24304  -13.62464 1.000 14.47000 ? 343 HOH   A O   1 
HETATM 1187 O O   . HOH   D 4 .   ? 12.03603  0.90154   -4.59857  1.000 21.76000 ? 344 HOH   A O   1 
HETATM 1188 O O   . HOH   D 4 .   ? 6.42538   2.78301   15.87081  1.000 25.69000 ? 345 HOH   A O   1 
HETATM 1189 O O   . HOH   D 4 .   ? -8.84849  -4.41219  -12.29375 1.000 25.17000 ? 346 HOH   A O   1 
HETATM 1190 O O   . HOH   D 4 .   ? 13.01384  8.44028   -10.32546 1.000 30.00000 ? 347 HOH   A O   1 
HETATM 1191 O O   . HOH   D 4 .   ? 14.97925  13.97607  10.62893  1.000 27.70000 ? 348 HOH   A O   1 
HETATM 1192 O O   . HOH   D 4 .   ? 5.39691   -13.28741 -1.96144  1.000 33.81000 ? 349 HOH   A O   1 
HETATM 1193 O O   . HOH   D 4 .   ? 1.35372   13.05143  -13.18978 1.000 34.25000 ? 350 HOH   A O   1 
HETATM 1194 O O   . HOH   D 4 .   ? -2.22078  19.42563  5.16746   1.000 25.24000 ? 351 HOH   A O   1 
HETATM 1195 O O   . HOH   D 4 .   ? -0.08328  -19.33148 6.69132   1.000 27.74000 ? 352 HOH   A O   1 
# 
